data_2WWE
# 
_entry.id   2WWE 
# 
_audit_conform.dict_name       mmcif_pdbx.dic 
_audit_conform.dict_version    5.383 
_audit_conform.dict_location   http://mmcif.pdb.org/dictionaries/ascii/mmcif_pdbx.dic 
# 
loop_
_database_2.database_id 
_database_2.database_code 
_database_2.pdbx_database_accession 
_database_2.pdbx_DOI 
PDB   2WWE         pdb_00002wwe 10.2210/pdb2wwe/pdb 
PDBE  EBI-41449    ?            ?                   
WWPDB D_1290041449 ?            ?                   
# 
_pdbx_database_status.status_code                     REL 
_pdbx_database_status.entry_id                        2WWE 
_pdbx_database_status.deposit_site                    PDBE 
_pdbx_database_status.process_site                    PDBE 
_pdbx_database_status.SG_entry                        . 
_pdbx_database_status.recvd_initial_deposition_date   2009-10-22 
_pdbx_database_status.pdb_format_compatible           Y 
_pdbx_database_status.status_code_sf                  REL 
_pdbx_database_status.status_code_mr                  ? 
_pdbx_database_status.status_code_cs                  ? 
_pdbx_database_status.methods_development_category    ? 
_pdbx_database_status.status_code_nmr_data            ? 
# 
loop_
_audit_author.name 
_audit_author.pdbx_ordinal 
_audit_author.identifier_ORCID 
'Roos, A.K.'                           1  ? 
'Tresaugues, L.'                       2  ? 
'Arrowsmith, C.H.'                     3  ? 
'Berglund, H.'                         4  ? 
'Bountra, C.'                          5  ? 
'Collins, R.'                          6  ? 
'Edwards, A.M.'                        7  ? 
'Flodin, S.'                           8  ? 
'Flores, A.'                           9  ? 
'Graslund, S.'                         10 ? 
'Hammarstrom, M.'                      11 ? 
'Johansson, A.'                        12 ? 
'Johansson, I.'                        13 ? 
'Kallas, A.'                           14 ? 
'Karlberg, T.'                         15 ? 
'Kotyenova, T.'                        16 ? 
'Kotzch, A.'                           17 ? 
'Kraulis, P.'                          18 ? 
'Markova, N.'                          19 ? 
'Moche, M.'                            20 ? 
'Nielsen, T.K.'                        21 ? 
'Nyman, T.'                            22 ? 
'Persson, C.'                          23 ? 
'Schuler, H.'                          24 ? 
'Schutz, P.'                           25 ? 
'Siponen, M.I.'                        26 ? 
'Svensson, L.'                         27 ? 
'Thorsell, A.G.'                       28 ? 
'Van Der Berg, S.'                     29 ? 
'Wahlberg, E.'                         30 ? 
'Weigelt, J.'                          31 ? 
'Welin, M.'                            32 ? 
'Wisniewska, M.'                       33 ? 
'Nordlund, P.'                         34 ? 
'Structural Genomics Consortium (SGC)' 35 ? 
# 
_citation.id                        primary 
_citation.title                     'Crystal Structure of the Phox Homology Domain of Human Phosphoinositide-3-Kinase-C2-Gamma' 
_citation.journal_abbrev            'To be Published' 
_citation.journal_volume            ? 
_citation.page_first                ? 
_citation.page_last                 ? 
_citation.year                      ? 
_citation.journal_id_ASTM           ? 
_citation.country                   ? 
_citation.journal_id_ISSN           ? 
_citation.journal_id_CSD            0353 
_citation.book_publisher            ? 
_citation.pdbx_database_id_PubMed   ? 
_citation.pdbx_database_id_DOI      ? 
# 
loop_
_citation_author.citation_id 
_citation_author.name 
_citation_author.ordinal 
_citation_author.identifier_ORCID 
primary 'Roos, A.K.'                           1  ? 
primary 'Tresaugues, L.'                       2  ? 
primary 'Arrowsmith, C.H.'                     3  ? 
primary 'Berglund, H.'                         4  ? 
primary 'Bountra, C.'                          5  ? 
primary 'Collins, R.'                          6  ? 
primary 'Edwards, A.M.'                        7  ? 
primary 'Flodin, S.'                           8  ? 
primary 'Flores, A.'                           9  ? 
primary 'Graslund, S.'                         10 ? 
primary 'Hammarstrom, M.'                      11 ? 
primary 'Johansson, A.'                        12 ? 
primary 'Johansson, I.'                        13 ? 
primary 'Kallas, A.'                           14 ? 
primary 'Karlberg, T.'                         15 ? 
primary 'Kotyenova, T.'                        16 ? 
primary 'Kotzch, A.'                           17 ? 
primary 'Kraulis, P.'                          18 ? 
primary 'Markova, N.'                          19 ? 
primary 'Moche, M.'                            20 ? 
primary 'Nielsen, T.K.'                        21 ? 
primary 'Nyman, T.'                            22 ? 
primary 'Persson, C.'                          23 ? 
primary 'Schuler, H.'                          24 ? 
primary 'Schutz, P.'                           25 ? 
primary 'Siponen, M.I.'                        26 ? 
primary 'Svensson, L.'                         27 ? 
primary 'Thorsell, A.G.'                       28 ? 
primary 'Van Den Berg, S.'                     29 ? 
primary 'Wahlberg, E.'                         30 ? 
primary 'Weigelt, J.'                          31 ? 
primary 'Welin, M.'                            32 ? 
primary 'Wisniewska, M.'                       33 ? 
primary 'Nordlund, P.'                         34 ? 
primary 'Structural Genomics Consortium (SGC)' 35 ? 
# 
_cell.entry_id           2WWE 
_cell.length_a           53.420 
_cell.length_b           53.420 
_cell.length_c           75.130 
_cell.angle_alpha        90.00 
_cell.angle_beta         90.00 
_cell.angle_gamma        120.00 
_cell.Z_PDB              6 
_cell.pdbx_unique_axis   ? 
# 
_symmetry.entry_id                         2WWE 
_symmetry.space_group_name_H-M             'P 32 2 1' 
_symmetry.pdbx_full_space_group_name_H-M   ? 
_symmetry.cell_setting                     ? 
_symmetry.Int_Tables_number                154 
# 
loop_
_entity.id 
_entity.type 
_entity.src_method 
_entity.pdbx_description 
_entity.formula_weight 
_entity.pdbx_number_of_molecules 
_entity.pdbx_ec 
_entity.pdbx_mutation 
_entity.pdbx_fragment 
_entity.details 
1 polymer man 'PHOSPHOINOSITIDE-3-KINASE, CLASS 2, GAMMA POLYPEPTIDE' 14977.646 1   ? ? 'PHOX HOMOLOGY DOMAIN, RESIDUES 1203-1306' 
? 
2 water   nat water                                                   18.015    175 ? ? ?                                          
? 
# 
_entity_poly.entity_id                      1 
_entity_poly.type                           'polypeptide(L)' 
_entity_poly.nstd_linkage                   no 
_entity_poly.nstd_monomer                   no 
_entity_poly.pdbx_seq_one_letter_code       
;MHHHHHHSSGVDLGTENLYFQSMSIERATILGFSKKSSNLYLIQVTHSNNETSLTEKSFEQFSKLHSQLQKQFASLTLPE
FPHWWHLPFTNSDHRRFRDLNHYMEQILNVSHEVTNSDCVLSFFLSE
;
_entity_poly.pdbx_seq_one_letter_code_can   
;MHHHHHHSSGVDLGTENLYFQSMSIERATILGFSKKSSNLYLIQVTHSNNETSLTEKSFEQFSKLHSQLQKQFASLTLPE
FPHWWHLPFTNSDHRRFRDLNHYMEQILNVSHEVTNSDCVLSFFLSE
;
_entity_poly.pdbx_strand_id                 A 
_entity_poly.pdbx_target_identifier         ? 
# 
loop_
_entity_poly_seq.entity_id 
_entity_poly_seq.num 
_entity_poly_seq.mon_id 
_entity_poly_seq.hetero 
1 1   MET n 
1 2   HIS n 
1 3   HIS n 
1 4   HIS n 
1 5   HIS n 
1 6   HIS n 
1 7   HIS n 
1 8   SER n 
1 9   SER n 
1 10  GLY n 
1 11  VAL n 
1 12  ASP n 
1 13  LEU n 
1 14  GLY n 
1 15  THR n 
1 16  GLU n 
1 17  ASN n 
1 18  LEU n 
1 19  TYR n 
1 20  PHE n 
1 21  GLN n 
1 22  SER n 
1 23  MET n 
1 24  SER n 
1 25  ILE n 
1 26  GLU n 
1 27  ARG n 
1 28  ALA n 
1 29  THR n 
1 30  ILE n 
1 31  LEU n 
1 32  GLY n 
1 33  PHE n 
1 34  SER n 
1 35  LYS n 
1 36  LYS n 
1 37  SER n 
1 38  SER n 
1 39  ASN n 
1 40  LEU n 
1 41  TYR n 
1 42  LEU n 
1 43  ILE n 
1 44  GLN n 
1 45  VAL n 
1 46  THR n 
1 47  HIS n 
1 48  SER n 
1 49  ASN n 
1 50  ASN n 
1 51  GLU n 
1 52  THR n 
1 53  SER n 
1 54  LEU n 
1 55  THR n 
1 56  GLU n 
1 57  LYS n 
1 58  SER n 
1 59  PHE n 
1 60  GLU n 
1 61  GLN n 
1 62  PHE n 
1 63  SER n 
1 64  LYS n 
1 65  LEU n 
1 66  HIS n 
1 67  SER n 
1 68  GLN n 
1 69  LEU n 
1 70  GLN n 
1 71  LYS n 
1 72  GLN n 
1 73  PHE n 
1 74  ALA n 
1 75  SER n 
1 76  LEU n 
1 77  THR n 
1 78  LEU n 
1 79  PRO n 
1 80  GLU n 
1 81  PHE n 
1 82  PRO n 
1 83  HIS n 
1 84  TRP n 
1 85  TRP n 
1 86  HIS n 
1 87  LEU n 
1 88  PRO n 
1 89  PHE n 
1 90  THR n 
1 91  ASN n 
1 92  SER n 
1 93  ASP n 
1 94  HIS n 
1 95  ARG n 
1 96  ARG n 
1 97  PHE n 
1 98  ARG n 
1 99  ASP n 
1 100 LEU n 
1 101 ASN n 
1 102 HIS n 
1 103 TYR n 
1 104 MET n 
1 105 GLU n 
1 106 GLN n 
1 107 ILE n 
1 108 LEU n 
1 109 ASN n 
1 110 VAL n 
1 111 SER n 
1 112 HIS n 
1 113 GLU n 
1 114 VAL n 
1 115 THR n 
1 116 ASN n 
1 117 SER n 
1 118 ASP n 
1 119 CYS n 
1 120 VAL n 
1 121 LEU n 
1 122 SER n 
1 123 PHE n 
1 124 PHE n 
1 125 LEU n 
1 126 SER n 
1 127 GLU n 
# 
_entity_src_gen.entity_id                          1 
_entity_src_gen.pdbx_src_id                        1 
_entity_src_gen.pdbx_alt_source_flag               sample 
_entity_src_gen.pdbx_seq_type                      ? 
_entity_src_gen.pdbx_beg_seq_num                   ? 
_entity_src_gen.pdbx_end_seq_num                   ? 
_entity_src_gen.gene_src_common_name               HUMAN 
_entity_src_gen.gene_src_genus                     ? 
_entity_src_gen.pdbx_gene_src_gene                 ? 
_entity_src_gen.gene_src_species                   ? 
_entity_src_gen.gene_src_strain                    ? 
_entity_src_gen.gene_src_tissue                    ? 
_entity_src_gen.gene_src_tissue_fraction           ? 
_entity_src_gen.gene_src_details                   ? 
_entity_src_gen.pdbx_gene_src_fragment             ? 
_entity_src_gen.pdbx_gene_src_scientific_name      'HOMO SAPIENS' 
_entity_src_gen.pdbx_gene_src_ncbi_taxonomy_id     9606 
_entity_src_gen.pdbx_gene_src_variant              ? 
_entity_src_gen.pdbx_gene_src_cell_line            ? 
_entity_src_gen.pdbx_gene_src_atcc                 ? 
_entity_src_gen.pdbx_gene_src_organ                ? 
_entity_src_gen.pdbx_gene_src_organelle            ? 
_entity_src_gen.pdbx_gene_src_cell                 ? 
_entity_src_gen.pdbx_gene_src_cellular_location    ? 
_entity_src_gen.host_org_common_name               ? 
_entity_src_gen.pdbx_host_org_scientific_name      'ESCHERICHIA COLI' 
_entity_src_gen.pdbx_host_org_ncbi_taxonomy_id     469008 
_entity_src_gen.host_org_genus                     ? 
_entity_src_gen.pdbx_host_org_gene                 ? 
_entity_src_gen.pdbx_host_org_organ                ? 
_entity_src_gen.host_org_species                   ? 
_entity_src_gen.pdbx_host_org_tissue               ? 
_entity_src_gen.pdbx_host_org_tissue_fraction      ? 
_entity_src_gen.pdbx_host_org_strain               'BL21(DE3)' 
_entity_src_gen.pdbx_host_org_variant              'R3 PRARE' 
_entity_src_gen.pdbx_host_org_cell_line            ? 
_entity_src_gen.pdbx_host_org_atcc                 ? 
_entity_src_gen.pdbx_host_org_culture_collection   ? 
_entity_src_gen.pdbx_host_org_cell                 ? 
_entity_src_gen.pdbx_host_org_organelle            ? 
_entity_src_gen.pdbx_host_org_cellular_location    ? 
_entity_src_gen.pdbx_host_org_vector_type          ? 
_entity_src_gen.pdbx_host_org_vector               ? 
_entity_src_gen.host_org_details                   ? 
_entity_src_gen.expression_system_id               ? 
_entity_src_gen.plasmid_name                       PNIC-BSA4 
_entity_src_gen.plasmid_details                    ? 
_entity_src_gen.pdbx_description                   ? 
# 
loop_
_struct_ref.id 
_struct_ref.db_name 
_struct_ref.db_code 
_struct_ref.entity_id 
_struct_ref.pdbx_seq_one_letter_code 
_struct_ref.pdbx_align_begin 
_struct_ref.pdbx_db_accession 
_struct_ref.pdbx_db_isoform 
1 PDB 2WWE         1 ? ? 2WWE   ? 
2 UNP A1L3U0_HUMAN 1 ? ? A1L3U0 ? 
# 
loop_
_struct_ref_seq.align_id 
_struct_ref_seq.ref_id 
_struct_ref_seq.pdbx_PDB_id_code 
_struct_ref_seq.pdbx_strand_id 
_struct_ref_seq.seq_align_beg 
_struct_ref_seq.pdbx_seq_align_beg_ins_code 
_struct_ref_seq.seq_align_end 
_struct_ref_seq.pdbx_seq_align_end_ins_code 
_struct_ref_seq.pdbx_db_accession 
_struct_ref_seq.db_align_beg 
_struct_ref_seq.pdbx_db_align_beg_ins_code 
_struct_ref_seq.db_align_end 
_struct_ref_seq.pdbx_db_align_end_ins_code 
_struct_ref_seq.pdbx_auth_seq_align_beg 
_struct_ref_seq.pdbx_auth_seq_align_end 
1 1 2WWE A 1  ? 23  ? 2WWE   -22  ? 0    ? -22  0    
2 2 2WWE A 24 ? 127 ? A1L3U0 1203 ? 1306 ? 1203 1306 
# 
loop_
_chem_comp.id 
_chem_comp.type 
_chem_comp.mon_nstd_flag 
_chem_comp.name 
_chem_comp.pdbx_synonyms 
_chem_comp.formula 
_chem_comp.formula_weight 
ALA 'L-peptide linking' y ALANINE         ? 'C3 H7 N O2'     89.093  
ARG 'L-peptide linking' y ARGININE        ? 'C6 H15 N4 O2 1' 175.209 
ASN 'L-peptide linking' y ASPARAGINE      ? 'C4 H8 N2 O3'    132.118 
ASP 'L-peptide linking' y 'ASPARTIC ACID' ? 'C4 H7 N O4'     133.103 
CYS 'L-peptide linking' y CYSTEINE        ? 'C3 H7 N O2 S'   121.158 
GLN 'L-peptide linking' y GLUTAMINE       ? 'C5 H10 N2 O3'   146.144 
GLU 'L-peptide linking' y 'GLUTAMIC ACID' ? 'C5 H9 N O4'     147.129 
GLY 'peptide linking'   y GLYCINE         ? 'C2 H5 N O2'     75.067  
HIS 'L-peptide linking' y HISTIDINE       ? 'C6 H10 N3 O2 1' 156.162 
HOH non-polymer         . WATER           ? 'H2 O'           18.015  
ILE 'L-peptide linking' y ISOLEUCINE      ? 'C6 H13 N O2'    131.173 
LEU 'L-peptide linking' y LEUCINE         ? 'C6 H13 N O2'    131.173 
LYS 'L-peptide linking' y LYSINE          ? 'C6 H15 N2 O2 1' 147.195 
MET 'L-peptide linking' y METHIONINE      ? 'C5 H11 N O2 S'  149.211 
PHE 'L-peptide linking' y PHENYLALANINE   ? 'C9 H11 N O2'    165.189 
PRO 'L-peptide linking' y PROLINE         ? 'C5 H9 N O2'     115.130 
SER 'L-peptide linking' y SERINE          ? 'C3 H7 N O3'     105.093 
THR 'L-peptide linking' y THREONINE       ? 'C4 H9 N O3'     119.119 
TRP 'L-peptide linking' y TRYPTOPHAN      ? 'C11 H12 N2 O2'  204.225 
TYR 'L-peptide linking' y TYROSINE        ? 'C9 H11 N O3'    181.189 
VAL 'L-peptide linking' y VALINE          ? 'C5 H11 N O2'    117.146 
# 
_exptl.entry_id          2WWE 
_exptl.method            'X-RAY DIFFRACTION' 
_exptl.crystals_number   1 
# 
_exptl_crystal.id                    1 
_exptl_crystal.density_meas          ? 
_exptl_crystal.density_Matthews      2.06 
_exptl_crystal.density_percent_sol   40.4 
_exptl_crystal.description           NONE 
# 
_exptl_crystal_grow.crystal_id      1 
_exptl_crystal_grow.method          ? 
_exptl_crystal_grow.temp            ? 
_exptl_crystal_grow.temp_details    ? 
_exptl_crystal_grow.pH              5.5 
_exptl_crystal_grow.pdbx_pH_range   ? 
_exptl_crystal_grow.pdbx_details    '0.1M TRI-SODIUM CITRATE DIHYDRATE PH 5.5, 20% PEG3000' 
# 
_diffrn.id                     1 
_diffrn.ambient_temp           100 
_diffrn.ambient_temp_details   ? 
_diffrn.crystal_id             1 
# 
_diffrn_detector.diffrn_id              1 
_diffrn_detector.detector               CCD 
_diffrn_detector.type                   MARRESEARCH 
_diffrn_detector.pdbx_collection_date   2009-09-24 
_diffrn_detector.details                ? 
# 
_diffrn_radiation.diffrn_id                        1 
_diffrn_radiation.wavelength_id                    1 
_diffrn_radiation.pdbx_monochromatic_or_laue_m_l   M 
_diffrn_radiation.monochromator                    ? 
_diffrn_radiation.pdbx_diffrn_protocol             'SINGLE WAVELENGTH' 
_diffrn_radiation.pdbx_scattering_type             x-ray 
# 
_diffrn_radiation_wavelength.id           1 
_diffrn_radiation_wavelength.wavelength   0.97890 
_diffrn_radiation_wavelength.wt           1.0 
# 
_diffrn_source.diffrn_id                   1 
_diffrn_source.source                      SYNCHROTRON 
_diffrn_source.type                        'DIAMOND BEAMLINE I04' 
_diffrn_source.pdbx_synchrotron_site       Diamond 
_diffrn_source.pdbx_synchrotron_beamline   I04 
_diffrn_source.pdbx_wavelength             0.97890 
_diffrn_source.pdbx_wavelength_list        ? 
# 
_reflns.pdbx_diffrn_id               1 
_reflns.pdbx_ordinal                 1 
_reflns.entry_id                     2WWE 
_reflns.observed_criterion_sigma_I   4.5 
_reflns.observed_criterion_sigma_F   ? 
_reflns.d_resolution_low             29.16 
_reflns.d_resolution_high            1.25 
_reflns.number_obs                   34900 
_reflns.number_all                   ? 
_reflns.percent_possible_obs         99.9 
_reflns.pdbx_Rmerge_I_obs            0.07 
_reflns.pdbx_Rsym_value              ? 
_reflns.pdbx_netI_over_sigmaI        16.80 
_reflns.B_iso_Wilson_estimate        10 
_reflns.pdbx_redundancy              8.6 
# 
_reflns_shell.pdbx_diffrn_id         1 
_reflns_shell.pdbx_ordinal           1 
_reflns_shell.d_res_high             1.25 
_reflns_shell.d_res_low              1.32 
_reflns_shell.percent_possible_all   99.5 
_reflns_shell.Rmerge_I_obs           0.41 
_reflns_shell.pdbx_Rsym_value        ? 
_reflns_shell.meanI_over_sigI_obs    4.50 
_reflns_shell.pdbx_redundancy        7.1 
# 
_refine.pdbx_refine_id                           'X-RAY DIFFRACTION' 
_refine.entry_id                                 2WWE 
_refine.pdbx_diffrn_id                           1 
_refine.pdbx_TLS_residual_ADP_flag               ? 
_refine.ls_number_reflns_obs                     33091 
_refine.ls_number_reflns_all                     ? 
_refine.pdbx_ls_sigma_I                          ? 
_refine.pdbx_ls_sigma_F                          . 
_refine.pdbx_data_cutoff_high_absF               ? 
_refine.pdbx_data_cutoff_low_absF                ? 
_refine.pdbx_data_cutoff_high_rms_absF           ? 
_refine.ls_d_res_low                             26.71 
_refine.ls_d_res_high                            1.25 
_refine.ls_percent_reflns_obs                    99.83 
_refine.ls_R_factor_obs                          0.16596 
_refine.ls_R_factor_all                          ? 
_refine.ls_R_factor_R_work                       0.16502 
_refine.ls_R_factor_R_free                       0.18398 
_refine.ls_R_factor_R_free_error                 ? 
_refine.ls_R_factor_R_free_error_details         ? 
_refine.ls_percent_reflns_R_free                 5.1 
_refine.ls_number_reflns_R_free                  1772 
_refine.ls_number_parameters                     ? 
_refine.ls_number_restraints                     ? 
_refine.occupancy_min                            ? 
_refine.occupancy_max                            ? 
_refine.correlation_coeff_Fo_to_Fc               0.968 
_refine.correlation_coeff_Fo_to_Fc_free          0.959 
_refine.B_iso_mean                               9.500 
_refine.aniso_B[1][1]                            0.02 
_refine.aniso_B[2][2]                            0.02 
_refine.aniso_B[3][3]                            -0.03 
_refine.aniso_B[1][2]                            0.01 
_refine.aniso_B[1][3]                            0.00 
_refine.aniso_B[2][3]                            0.00 
_refine.solvent_model_details                    MASK 
_refine.solvent_model_param_ksol                 ? 
_refine.solvent_model_param_bsol                 ? 
_refine.pdbx_solvent_vdw_probe_radii             1.40 
_refine.pdbx_solvent_ion_probe_radii             0.80 
_refine.pdbx_solvent_shrinkage_radii             0.80 
_refine.pdbx_ls_cross_valid_method               THROUGHOUT 
_refine.details                                  
'HYDROGENS HAVE BEEN ADDED IN THE RIDING POSITIONS. U VALUES REFINED INDIVIDUALLY.' 
_refine.pdbx_starting_model                      'PDB ENTRIES 2AR5, 2IWL,1O7K, 2V6V' 
_refine.pdbx_method_to_determine_struct          'MOLECULAR REPLACEMENT' 
_refine.pdbx_isotropic_thermal_model             ? 
_refine.pdbx_stereochemistry_target_values       'MAXIMUM LIKELIHOOD' 
_refine.pdbx_stereochem_target_val_spec_case     ? 
_refine.pdbx_R_Free_selection_details            RANDOM 
_refine.pdbx_overall_ESU_R                       0.042 
_refine.pdbx_overall_ESU_R_Free                  0.044 
_refine.overall_SU_ML                            0.025 
_refine.pdbx_overall_phase_error                 ? 
_refine.overall_SU_B                             0.556 
_refine.overall_SU_R_Cruickshank_DPI             ? 
_refine.pdbx_overall_SU_R_free_Cruickshank_DPI   ? 
_refine.pdbx_overall_SU_R_Blow_DPI               ? 
_refine.pdbx_overall_SU_R_free_Blow_DPI          ? 
# 
_refine_hist.pdbx_refine_id                   'X-RAY DIFFRACTION' 
_refine_hist.cycle_id                         LAST 
_refine_hist.pdbx_number_atoms_protein        920 
_refine_hist.pdbx_number_atoms_nucleic_acid   0 
_refine_hist.pdbx_number_atoms_ligand         0 
_refine_hist.number_atoms_solvent             175 
_refine_hist.number_atoms_total               1095 
_refine_hist.d_res_high                       1.25 
_refine_hist.d_res_low                        26.71 
# 
loop_
_refine_ls_restr.type 
_refine_ls_restr.dev_ideal 
_refine_ls_restr.dev_ideal_target 
_refine_ls_restr.weight 
_refine_ls_restr.number 
_refine_ls_restr.pdbx_refine_id 
_refine_ls_restr.pdbx_restraint_function 
r_bond_refined_d             0.012  0.021  ? 1002 'X-RAY DIFFRACTION' ? 
r_bond_other_d               0.001  0.020  ? 673  'X-RAY DIFFRACTION' ? 
r_angle_refined_deg          1.282  1.914  ? 1367 'X-RAY DIFFRACTION' ? 
r_angle_other_deg            1.631  3.000  ? 1645 'X-RAY DIFFRACTION' ? 
r_dihedral_angle_1_deg       5.148  5.000  ? 126  'X-RAY DIFFRACTION' ? 
r_dihedral_angle_2_deg       41.926 24.286 ? 56   'X-RAY DIFFRACTION' ? 
r_dihedral_angle_3_deg       10.455 15.000 ? 174  'X-RAY DIFFRACTION' ? 
r_dihedral_angle_4_deg       13.613 15.000 ? 5    'X-RAY DIFFRACTION' ? 
r_chiral_restr               0.084  0.200  ? 146  'X-RAY DIFFRACTION' ? 
r_gen_planes_refined         0.006  0.020  ? 1133 'X-RAY DIFFRACTION' ? 
r_gen_planes_other           0.001  0.020  ? 222  'X-RAY DIFFRACTION' ? 
r_nbd_refined                ?      ?      ? ?    'X-RAY DIFFRACTION' ? 
r_nbd_other                  ?      ?      ? ?    'X-RAY DIFFRACTION' ? 
r_nbtor_refined              ?      ?      ? ?    'X-RAY DIFFRACTION' ? 
r_nbtor_other                ?      ?      ? ?    'X-RAY DIFFRACTION' ? 
r_xyhbond_nbd_refined        ?      ?      ? ?    'X-RAY DIFFRACTION' ? 
r_xyhbond_nbd_other          ?      ?      ? ?    'X-RAY DIFFRACTION' ? 
r_metal_ion_refined          ?      ?      ? ?    'X-RAY DIFFRACTION' ? 
r_metal_ion_other            ?      ?      ? ?    'X-RAY DIFFRACTION' ? 
r_symmetry_vdw_refined       ?      ?      ? ?    'X-RAY DIFFRACTION' ? 
r_symmetry_vdw_other         ?      ?      ? ?    'X-RAY DIFFRACTION' ? 
r_symmetry_hbond_refined     ?      ?      ? ?    'X-RAY DIFFRACTION' ? 
r_symmetry_hbond_other       ?      ?      ? ?    'X-RAY DIFFRACTION' ? 
r_symmetry_metal_ion_refined ?      ?      ? ?    'X-RAY DIFFRACTION' ? 
r_symmetry_metal_ion_other   ?      ?      ? ?    'X-RAY DIFFRACTION' ? 
r_mcbond_it                  0.831  1.500  ? 586  'X-RAY DIFFRACTION' ? 
r_mcbond_other               0.205  1.500  ? 229  'X-RAY DIFFRACTION' ? 
r_mcangle_it                 1.526  2.000  ? 958  'X-RAY DIFFRACTION' ? 
r_mcangle_other              ?      ?      ? ?    'X-RAY DIFFRACTION' ? 
r_scbond_it                  2.165  3.000  ? 416  'X-RAY DIFFRACTION' ? 
r_scbond_other               ?      ?      ? ?    'X-RAY DIFFRACTION' ? 
r_scangle_it                 3.514  4.500  ? 401  'X-RAY DIFFRACTION' ? 
r_scangle_other              ?      ?      ? ?    'X-RAY DIFFRACTION' ? 
r_long_range_B_refined       ?      ?      ? ?    'X-RAY DIFFRACTION' ? 
r_long_range_B_other         ?      ?      ? ?    'X-RAY DIFFRACTION' ? 
r_rigid_bond_restr           ?      ?      ? ?    'X-RAY DIFFRACTION' ? 
r_sphericity_free            ?      ?      ? ?    'X-RAY DIFFRACTION' ? 
r_sphericity_bonded          ?      ?      ? ?    'X-RAY DIFFRACTION' ? 
# 
_refine_ls_shell.pdbx_refine_id                   'X-RAY DIFFRACTION' 
_refine_ls_shell.pdbx_total_number_of_bins_used   20 
_refine_ls_shell.d_res_high                       1.250 
_refine_ls_shell.d_res_low                        1.282 
_refine_ls_shell.number_reflns_R_work             2385 
_refine_ls_shell.R_factor_R_work                  0.255 
_refine_ls_shell.percent_reflns_obs               98.78 
_refine_ls_shell.R_factor_R_free                  0.252 
_refine_ls_shell.R_factor_R_free_error            ? 
_refine_ls_shell.percent_reflns_R_free            ? 
_refine_ls_shell.number_reflns_R_free             131 
_refine_ls_shell.number_reflns_all                ? 
_refine_ls_shell.R_factor_all                     ? 
# 
_struct.entry_id                  2WWE 
_struct.title                     'Crystal structure of the phox homology domain of human phosphoinositide-3-kinase-C2-gamma' 
_struct.pdbx_model_details        ? 
_struct.pdbx_CASP_flag            ? 
_struct.pdbx_model_type_details   ? 
# 
_struct_keywords.entry_id        2WWE 
_struct_keywords.pdbx_keywords   TRANSFERASE 
_struct_keywords.text            
'PHOSPHOPROTEIN, NUCLEOTIDE-BINDING, KINASE, PIK3C2G, MEMBRANE, PX-DOMAIN, TRANSFERASE, ATP-BINDING, POLYMORPHISM, CLASS 2 PI3K' 
# 
loop_
_struct_asym.id 
_struct_asym.pdbx_blank_PDB_chainid_flag 
_struct_asym.pdbx_modified 
_struct_asym.entity_id 
_struct_asym.details 
A N N 1 ? 
B N N 2 ? 
# 
loop_
_struct_conf.conf_type_id 
_struct_conf.id 
_struct_conf.pdbx_PDB_helix_id 
_struct_conf.beg_label_comp_id 
_struct_conf.beg_label_asym_id 
_struct_conf.beg_label_seq_id 
_struct_conf.pdbx_beg_PDB_ins_code 
_struct_conf.end_label_comp_id 
_struct_conf.end_label_asym_id 
_struct_conf.end_label_seq_id 
_struct_conf.pdbx_end_PDB_ins_code 
_struct_conf.beg_auth_comp_id 
_struct_conf.beg_auth_asym_id 
_struct_conf.beg_auth_seq_id 
_struct_conf.end_auth_comp_id 
_struct_conf.end_auth_asym_id 
_struct_conf.end_auth_seq_id 
_struct_conf.pdbx_PDB_helix_class 
_struct_conf.details 
_struct_conf.pdbx_PDB_helix_length 
HELX_P HELX_P1 1 SER A 58  ? PHE A 73  ? SER A 1237 PHE A 1252 1 ? 16 
HELX_P HELX_P2 2 HIS A 86  ? SER A 92  ? HIS A 1265 SER A 1271 1 ? 7  
HELX_P HELX_P3 3 ASP A 93  ? LEU A 108 ? ASP A 1272 LEU A 1287 1 ? 16 
HELX_P HELX_P4 4 SER A 111 ? ASN A 116 ? SER A 1290 ASN A 1295 1 ? 6  
HELX_P HELX_P5 5 SER A 117 ? SER A 126 ? SER A 1296 SER A 1305 1 ? 10 
# 
_struct_conf_type.id          HELX_P 
_struct_conf_type.criteria    ? 
_struct_conf_type.reference   ? 
# 
_struct_sheet.id               AA 
_struct_sheet.type             ? 
_struct_sheet.number_strands   3 
_struct_sheet.details          ? 
# 
loop_
_struct_sheet_order.sheet_id 
_struct_sheet_order.range_id_1 
_struct_sheet_order.range_id_2 
_struct_sheet_order.offset 
_struct_sheet_order.sense 
AA 1 2 ? anti-parallel 
AA 2 3 ? anti-parallel 
# 
loop_
_struct_sheet_range.sheet_id 
_struct_sheet_range.id 
_struct_sheet_range.beg_label_comp_id 
_struct_sheet_range.beg_label_asym_id 
_struct_sheet_range.beg_label_seq_id 
_struct_sheet_range.pdbx_beg_PDB_ins_code 
_struct_sheet_range.end_label_comp_id 
_struct_sheet_range.end_label_asym_id 
_struct_sheet_range.end_label_seq_id 
_struct_sheet_range.pdbx_end_PDB_ins_code 
_struct_sheet_range.beg_auth_comp_id 
_struct_sheet_range.beg_auth_asym_id 
_struct_sheet_range.beg_auth_seq_id 
_struct_sheet_range.end_auth_comp_id 
_struct_sheet_range.end_auth_asym_id 
_struct_sheet_range.end_auth_seq_id 
AA 1 ILE A 25 ? SER A 34 ? ILE A 1204 SER A 1213 
AA 2 LEU A 40 ? HIS A 47 ? LEU A 1219 HIS A 1226 
AA 3 GLU A 51 ? LYS A 57 ? GLU A 1230 LYS A 1236 
# 
loop_
_pdbx_struct_sheet_hbond.sheet_id 
_pdbx_struct_sheet_hbond.range_id_1 
_pdbx_struct_sheet_hbond.range_id_2 
_pdbx_struct_sheet_hbond.range_1_label_atom_id 
_pdbx_struct_sheet_hbond.range_1_label_comp_id 
_pdbx_struct_sheet_hbond.range_1_label_asym_id 
_pdbx_struct_sheet_hbond.range_1_label_seq_id 
_pdbx_struct_sheet_hbond.range_1_PDB_ins_code 
_pdbx_struct_sheet_hbond.range_1_auth_atom_id 
_pdbx_struct_sheet_hbond.range_1_auth_comp_id 
_pdbx_struct_sheet_hbond.range_1_auth_asym_id 
_pdbx_struct_sheet_hbond.range_1_auth_seq_id 
_pdbx_struct_sheet_hbond.range_2_label_atom_id 
_pdbx_struct_sheet_hbond.range_2_label_comp_id 
_pdbx_struct_sheet_hbond.range_2_label_asym_id 
_pdbx_struct_sheet_hbond.range_2_label_seq_id 
_pdbx_struct_sheet_hbond.range_2_PDB_ins_code 
_pdbx_struct_sheet_hbond.range_2_auth_atom_id 
_pdbx_struct_sheet_hbond.range_2_auth_comp_id 
_pdbx_struct_sheet_hbond.range_2_auth_asym_id 
_pdbx_struct_sheet_hbond.range_2_auth_seq_id 
AA 1 2 N SER A 34 ? N SER A 1213 O LEU A 40 ? O LEU A 1219 
AA 2 3 N HIS A 47 ? N HIS A 1226 O GLU A 51 ? O GLU A 1230 
# 
_atom_sites.entry_id                    2WWE 
_atom_sites.fract_transf_matrix[1][1]   0.00719717 
_atom_sites.fract_transf_matrix[1][2]   0.00938467 
_atom_sites.fract_transf_matrix[1][3]   0.01809365 
_atom_sites.fract_transf_matrix[2][1]   0.02042036 
_atom_sites.fract_transf_matrix[2][2]   -0.00307859 
_atom_sites.fract_transf_matrix[2][3]   0.00638614 
_atom_sites.fract_transf_matrix[3][1]   0.00380351 
_atom_sites.fract_transf_matrix[3][2]   0.01064127 
_atom_sites.fract_transf_matrix[3][3]   -0.00703226 
_atom_sites.fract_transf_vector[1]      0.858088 
_atom_sites.fract_transf_vector[2]      0.453475 
_atom_sites.fract_transf_vector[3]      0.120826 
# 
loop_
_atom_type.symbol 
C 
N 
O 
S 
# 
loop_
_atom_site.group_PDB 
_atom_site.id 
_atom_site.type_symbol 
_atom_site.label_atom_id 
_atom_site.label_alt_id 
_atom_site.label_comp_id 
_atom_site.label_asym_id 
_atom_site.label_entity_id 
_atom_site.label_seq_id 
_atom_site.pdbx_PDB_ins_code 
_atom_site.Cartn_x 
_atom_site.Cartn_y 
_atom_site.Cartn_z 
_atom_site.occupancy 
_atom_site.B_iso_or_equiv 
_atom_site.pdbx_formal_charge 
_atom_site.auth_seq_id 
_atom_site.auth_comp_id 
_atom_site.auth_asym_id 
_atom_site.auth_atom_id 
_atom_site.pdbx_PDB_model_num 
ATOM   1    N N   . ASN A 1 17  ? 15.469  -5.552  14.330  1.00 29.55 ? -6   ASN A N   1 
ATOM   2    C CA  . ASN A 1 17  ? 14.039  -5.749  13.959  1.00 29.01 ? -6   ASN A CA  1 
ATOM   3    C C   . ASN A 1 17  ? 13.185  -6.019  15.195  1.00 28.21 ? -6   ASN A C   1 
ATOM   4    O O   . ASN A 1 17  ? 13.371  -7.034  15.875  1.00 29.84 ? -6   ASN A O   1 
ATOM   5    C CB  . ASN A 1 17  ? 13.906  -6.904  12.958  1.00 29.36 ? -6   ASN A CB  1 
ATOM   6    N N   . LEU A 1 18  ? 12.250  -5.113  15.484  1.00 26.29 ? -5   LEU A N   1 
ATOM   7    C CA  . LEU A 1 18  ? 11.339  -5.274  16.617  1.00 24.24 ? -5   LEU A CA  1 
ATOM   8    C C   . LEU A 1 18  ? 10.047  -5.958  16.174  1.00 22.19 ? -5   LEU A C   1 
ATOM   9    O O   . LEU A 1 18  ? 9.432   -5.559  15.185  1.00 21.07 ? -5   LEU A O   1 
ATOM   10   C CB  . LEU A 1 18  ? 10.995  -3.907  17.215  1.00 24.32 ? -5   LEU A CB  1 
ATOM   11   C CG  . LEU A 1 18  ? 12.161  -3.099  17.783  1.00 25.34 ? -5   LEU A CG  1 
ATOM   12   C CD1 . LEU A 1 18  ? 11.738  -1.656  17.991  1.00 25.94 ? -5   LEU A CD1 1 
ATOM   13   C CD2 . LEU A 1 18  ? 12.657  -3.719  19.079  1.00 27.16 ? -5   LEU A CD2 1 
ATOM   14   N N   . TYR A 1 19  ? 9.620   -6.965  16.928  1.00 20.27 ? -4   TYR A N   1 
ATOM   15   C CA  . TYR A 1 19  ? 8.324   -7.604  16.700  1.00 19.01 ? -4   TYR A CA  1 
ATOM   16   C C   . TYR A 1 19  ? 7.274   -7.124  17.705  1.00 17.06 ? -4   TYR A C   1 
ATOM   17   O O   . TYR A 1 19  ? 7.600   -6.625  18.786  1.00 15.92 ? -4   TYR A O   1 
ATOM   18   C CB  . TYR A 1 19  ? 8.464   -9.132  16.778  1.00 19.25 ? -4   TYR A CB  1 
ATOM   19   C CG  . TYR A 1 19  ? 8.966   -9.771  15.499  1.00 23.51 ? -4   TYR A CG  1 
ATOM   20   C CD1 . TYR A 1 19  ? 10.287  -9.627  15.096  1.00 27.77 ? -4   TYR A CD1 1 
ATOM   21   C CD2 . TYR A 1 19  ? 8.114   -10.527 14.696  1.00 26.61 ? -4   TYR A CD2 1 
ATOM   22   C CE1 . TYR A 1 19  ? 10.751  -10.220 13.905  1.00 27.83 ? -4   TYR A CE1 1 
ATOM   23   C CE2 . TYR A 1 19  ? 8.562   -11.119 13.514  1.00 29.05 ? -4   TYR A CE2 1 
ATOM   24   C CZ  . TYR A 1 19  ? 9.882   -10.966 13.128  1.00 29.30 ? -4   TYR A CZ  1 
ATOM   25   O OH  . TYR A 1 19  ? 10.319  -11.550 11.949  1.00 32.06 ? -4   TYR A OH  1 
ATOM   26   N N   . PHE A 1 20  ? 6.008   -7.267  17.326  1.00 15.54 ? -3   PHE A N   1 
ATOM   27   C CA  . PHE A 1 20  ? 4.875   -7.035  18.218  1.00 14.66 ? -3   PHE A CA  1 
ATOM   28   C C   . PHE A 1 20  ? 4.897   -5.602  18.746  1.00 14.17 ? -3   PHE A C   1 
ATOM   29   O O   . PHE A 1 20  ? 4.884   -5.353  19.947  1.00 13.90 ? -3   PHE A O   1 
ATOM   30   C CB  . PHE A 1 20  ? 4.834   -8.088  19.347  1.00 14.62 ? -3   PHE A CB  1 
ATOM   31   C CG  . PHE A 1 20  ? 5.237   -9.463  18.883  1.00 15.39 ? -3   PHE A CG  1 
ATOM   32   C CD1 . PHE A 1 20  ? 4.541   -10.103 17.864  1.00 17.01 ? -3   PHE A CD1 1 
ATOM   33   C CD2 . PHE A 1 20  ? 6.353   -10.093 19.433  1.00 16.28 ? -3   PHE A CD2 1 
ATOM   34   C CE1 . PHE A 1 20  ? 4.956   -11.375 17.410  1.00 17.61 ? -3   PHE A CE1 1 
ATOM   35   C CE2 . PHE A 1 20  ? 6.761   -11.342 18.995  1.00 17.75 ? -3   PHE A CE2 1 
ATOM   36   C CZ  . PHE A 1 20  ? 6.059   -11.987 17.993  1.00 18.16 ? -3   PHE A CZ  1 
ATOM   37   N N   . GLN A 1 21  ? 4.921   -4.662  17.809  1.00 14.32 ? -2   GLN A N   1 
ATOM   38   C CA  . GLN A 1 21  ? 4.925   -3.242  18.132  1.00 13.26 ? -2   GLN A CA  1 
ATOM   39   C C   . GLN A 1 21  ? 3.516   -2.624  18.063  1.00 12.93 ? -2   GLN A C   1 
ATOM   40   O O   . GLN A 1 21  ? 2.527   -3.321  17.808  1.00 14.77 ? -2   GLN A O   1 
ATOM   41   C CB  . GLN A 1 21  ? 5.948   -2.528  17.253  1.00 14.25 ? -2   GLN A CB  1 
ATOM   42   C CG  . GLN A 1 21  ? 7.359   -3.087  17.434  1.00 14.93 ? -2   GLN A CG  1 
ATOM   43   C CD  . GLN A 1 21  ? 7.886   -2.892  18.856  1.00 15.29 ? -2   GLN A CD  1 
ATOM   44   O OE1 . GLN A 1 21  ? 8.209   -3.854  19.580  1.00 16.54 ? -2   GLN A OE1 1 
ATOM   45   N NE2 . GLN A 1 21  ? 7.945   -1.654  19.272  1.00 13.93 ? -2   GLN A NE2 1 
ATOM   46   N N   . SER A 1 22  ? 3.424   -1.327  18.354  1.00 12.87 ? -1   SER A N   1 
ATOM   47   C CA  . SER A 1 22  ? 2.136   -0.646  18.449  1.00 12.55 ? -1   SER A CA  1 
ATOM   48   C C   . SER A 1 22  ? 1.837   0.278   17.277  1.00 11.77 ? -1   SER A C   1 
ATOM   49   O O   . SER A 1 22  ? 0.703   0.301   16.785  1.00 12.54 ? -1   SER A O   1 
ATOM   50   C CB  . SER A 1 22  ? 2.064   0.152   19.747  1.00 13.19 ? -1   SER A CB  1 
ATOM   51   O OG  . SER A 1 22  ? 1.911   -0.691  20.880  1.00 15.21 ? -1   SER A OG  1 
ATOM   52   N N   . MET A 1 23  ? 2.824   1.054   16.855  1.00 12.04 ? 0    MET A N   1 
ATOM   53   C CA  A MET A 1 23  ? 2.566   2.011   15.769  0.50 11.91 ? 0    MET A CA  1 
ATOM   54   C CA  B MET A 1 23  ? 2.662   2.042   15.776  0.50 11.84 ? 0    MET A CA  1 
ATOM   55   C C   . MET A 1 23  ? 2.880   1.448   14.395  1.00 12.58 ? 0    MET A C   1 
ATOM   56   O O   . MET A 1 23  ? 2.676   2.120   13.372  1.00 12.45 ? 0    MET A O   1 
ATOM   57   C CB  A MET A 1 23  ? 3.313   3.313   16.000  0.50 12.12 ? 0    MET A CB  1 
ATOM   58   C CB  B MET A 1 23  ? 3.626   3.209   15.985  0.50 12.17 ? 0    MET A CB  1 
ATOM   59   C CG  A MET A 1 23  ? 2.753   4.108   17.164  0.50 12.80 ? 0    MET A CG  1 
ATOM   60   C CG  B MET A 1 23  ? 3.428   3.904   17.326  0.50 12.51 ? 0    MET A CG  1 
ATOM   61   S SD  A MET A 1 23  ? 3.644   5.645   17.360  0.50 14.71 ? 0    MET A SD  1 
ATOM   62   S SD  B MET A 1 23  ? 4.239   5.481   17.497  0.50 14.58 ? 0    MET A SD  1 
ATOM   63   C CE  A MET A 1 23  ? 5.309   5.015   17.665  0.50 16.26 ? 0    MET A CE  1 
ATOM   64   C CE  B MET A 1 23  ? 3.146   6.202   18.751  0.50 15.32 ? 0    MET A CE  1 
ATOM   65   N N   . SER A 1 24  ? 3.402   0.147   14.292  1.00 11.44 ? 1203 SER A N   1 
ATOM   66   C CA  . SER A 1 24  ? 3.533   -0.586  13.039  1.00 11.18 ? 1203 SER A CA  1 
ATOM   67   C C   . SER A 1 24  ? 2.179   -0.669  12.342  1.00 10.05 ? 1203 SER A C   1 
ATOM   68   O O   . SER A 1 24  ? 1.130   -0.385  12.899  1.00 10.49 ? 1203 SER A O   1 
ATOM   69   C CB  . SER A 1 24  ? 4.090   -1.966  13.351  1.00 11.73 ? 1203 SER A CB  1 
ATOM   70   O OG  . SER A 1 24  ? 3.436   -2.492  14.498  1.00 14.08 ? 1203 SER A OG  1 
ATOM   71   N N   . ILE A 1 25  ? 2.229   -1.027  11.073  1.00 10.22 ? 1204 ILE A N   1 
ATOM   72   C CA  . ILE A 1 25  ? 1.054   -1.072  10.234  1.00 9.98  ? 1204 ILE A CA  1 
ATOM   73   C C   . ILE A 1 25  ? 0.427   -2.454  10.194  1.00 10.20 ? 1204 ILE A C   1 
ATOM   74   O O   . ILE A 1 25  ? 1.159   -3.435  9.979   1.00 11.24 ? 1204 ILE A O   1 
ATOM   75   C CB  . ILE A 1 25  ? 1.443   -0.679  8.750   1.00 10.29 ? 1204 ILE A CB  1 
ATOM   76   C CG1 . ILE A 1 25  ? 2.064   0.714   8.693   1.00 12.56 ? 1204 ILE A CG1 1 
ATOM   77   C CG2 . ILE A 1 25  ? 0.235   -0.809  7.821   1.00 12.13 ? 1204 ILE A CG2 1 
ATOM   78   C CD1 . ILE A 1 25  ? 2.795   0.960   7.390   1.00 15.01 ? 1204 ILE A CD1 1 
ATOM   79   N N   . GLU A 1 26  ? -0.896  -2.528  10.312  1.00 9.74  ? 1205 GLU A N   1 
ATOM   80   C CA  A GLU A 1 26  ? -1.659  -3.771  10.220  0.50 11.43 ? 1205 GLU A CA  1 
ATOM   81   C CA  B GLU A 1 26  ? -1.609  -3.792  10.161  0.50 11.26 ? 1205 GLU A CA  1 
ATOM   82   C C   . GLU A 1 26  ? -2.410  -3.883  8.881   1.00 11.08 ? 1205 GLU A C   1 
ATOM   83   O O   . GLU A 1 26  ? -2.382  -4.925  8.222   1.00 12.68 ? 1205 GLU A O   1 
ATOM   84   C CB  A GLU A 1 26  ? -2.658  -3.838  11.391  0.50 12.02 ? 1205 GLU A CB  1 
ATOM   85   C CB  B GLU A 1 26  ? -2.534  -4.046  11.339  0.50 11.74 ? 1205 GLU A CB  1 
ATOM   86   C CG  A GLU A 1 26  ? -3.604  -5.037  11.397  0.50 14.36 ? 1205 GLU A CG  1 
ATOM   87   C CG  B GLU A 1 26  ? -1.785  -4.340  12.601  0.50 13.54 ? 1205 GLU A CG  1 
ATOM   88   C CD  A GLU A 1 26  ? -2.909  -6.348  11.679  0.50 17.17 ? 1205 GLU A CD  1 
ATOM   89   C CD  B GLU A 1 26  ? -0.891  -5.564  12.503  0.50 13.89 ? 1205 GLU A CD  1 
ATOM   90   O OE1 A GLU A 1 26  ? -1.919  -6.340  12.433  0.50 19.04 ? 1205 GLU A OE1 1 
ATOM   91   O OE1 B GLU A 1 26  ? -1.206  -6.476  11.687  0.50 16.07 ? 1205 GLU A OE1 1 
ATOM   92   O OE2 A GLU A 1 26  ? -3.370  -7.389  11.145  0.50 19.93 ? 1205 GLU A OE2 1 
ATOM   93   O OE2 B GLU A 1 26  ? 0.125   -5.613  13.240  0.50 15.49 ? 1205 GLU A OE2 1 
ATOM   94   N N   . ARG A 1 27  ? -3.103  -2.811  8.486   1.00 9.32  ? 1206 ARG A N   1 
ATOM   95   C CA  . ARG A 1 27  ? -3.988  -2.839  7.326   1.00 10.47 ? 1206 ARG A CA  1 
ATOM   96   C C   . ARG A 1 27  ? -4.016  -1.468  6.693   1.00 8.68  ? 1206 ARG A C   1 
ATOM   97   O O   . ARG A 1 27  ? -3.738  -0.456  7.357   1.00 8.06  ? 1206 ARG A O   1 
ATOM   98   C CB  . ARG A 1 27  ? -5.438  -3.121  7.749   1.00 12.83 ? 1206 ARG A CB  1 
ATOM   99   C CG  . ARG A 1 27  ? -5.711  -4.289  8.624   1.00 18.44 ? 1206 ARG A CG  1 
ATOM   100  C CD  . ARG A 1 27  ? -7.221  -4.543  8.711   1.00 21.93 ? 1206 ARG A CD  1 
ATOM   101  N NE  . ARG A 1 27  ? -7.973  -3.579  9.523   1.00 26.29 ? 1206 ARG A NE  1 
ATOM   102  C CZ  . ARG A 1 27  ? -7.981  -3.531  10.857  1.00 28.74 ? 1206 ARG A CZ  1 
ATOM   103  N NH1 . ARG A 1 27  ? -7.235  -4.368  11.582  1.00 31.08 ? 1206 ARG A NH1 1 
ATOM   104  N NH2 . ARG A 1 27  ? -8.732  -2.627  11.481  1.00 31.39 ? 1206 ARG A NH2 1 
ATOM   105  N N   . ALA A 1 28  ? -4.375  -1.408  5.411   1.00 7.49  ? 1207 ALA A N   1 
ATOM   106  C CA  . ALA A 1 28  ? -4.583  -0.130  4.720   1.00 7.70  ? 1207 ALA A CA  1 
ATOM   107  C C   . ALA A 1 28  ? -5.672  -0.322  3.703   1.00 7.83  ? 1207 ALA A C   1 
ATOM   108  O O   . ALA A 1 28  ? -5.617  -1.306  2.941   1.00 8.73  ? 1207 ALA A O   1 
ATOM   109  C CB  . ALA A 1 28  ? -3.314  0.343   4.053   1.00 7.98  ? 1207 ALA A CB  1 
ATOM   110  N N   . THR A 1 29  ? -6.624  0.595   3.620   1.00 6.95  ? 1208 THR A N   1 
ATOM   111  C CA  . THR A 1 29  ? -7.768  0.440   2.757   1.00 7.52  ? 1208 THR A CA  1 
ATOM   112  C C   . THR A 1 29  ? -8.105  1.759   2.065   1.00 7.39  ? 1208 THR A C   1 
ATOM   113  O O   . THR A 1 29  ? -7.966  2.843   2.650   1.00 7.88  ? 1208 THR A O   1 
ATOM   114  C CB  . THR A 1 29  ? -8.976  -0.086  3.556   1.00 8.04  ? 1208 THR A CB  1 
ATOM   115  O OG1 . THR A 1 29  ? -9.963  -0.573  2.665   1.00 11.14 ? 1208 THR A OG1 1 
ATOM   116  C CG2 . THR A 1 29  ? -9.583  0.951   4.467   1.00 9.69  ? 1208 THR A CG2 1 
ATOM   117  N N   . ILE A 1 30  ? -8.589  1.672   0.844   1.00 7.36  ? 1209 ILE A N   1 
ATOM   118  C CA  . ILE A 1 30  ? -9.026  2.820   0.085   1.00 8.53  ? 1209 ILE A CA  1 
ATOM   119  C C   . ILE A 1 30  ? -10.399 3.288   0.555   1.00 8.72  ? 1209 ILE A C   1 
ATOM   120  O O   . ILE A 1 30  ? -11.360 2.516   0.508   1.00 10.23 ? 1209 ILE A O   1 
ATOM   121  C CB  . ILE A 1 30  ? -9.147  2.436   -1.413  1.00 9.30  ? 1209 ILE A CB  1 
ATOM   122  C CG1 . ILE A 1 30  ? -7.848  1.890   -1.985  1.00 12.36 ? 1209 ILE A CG1 1 
ATOM   123  C CG2 . ILE A 1 30  ? -9.705  3.596   -2.232  1.00 11.13 ? 1209 ILE A CG2 1 
ATOM   124  C CD1 . ILE A 1 30  ? -6.829  2.921   -2.144  1.00 13.82 ? 1209 ILE A CD1 1 
ATOM   125  N N   . LEU A 1 31  ? -10.501 4.540   0.986   1.00 8.38  ? 1210 LEU A N   1 
ATOM   126  C CA  . LEU A 1 31  ? -11.770 5.149   1.328   1.00 8.85  ? 1210 LEU A CA  1 
ATOM   127  C C   . LEU A 1 31  ? -12.465 5.755   0.123   1.00 9.33  ? 1210 LEU A C   1 
ATOM   128  O O   . LEU A 1 31  ? -13.690 5.869   0.105   1.00 11.25 ? 1210 LEU A O   1 
ATOM   129  C CB  . LEU A 1 31  ? -11.581 6.238   2.382   1.00 9.00  ? 1210 LEU A CB  1 
ATOM   130  C CG  . LEU A 1 31  ? -11.046 5.768   3.748   1.00 9.75  ? 1210 LEU A CG  1 
ATOM   131  C CD1 . LEU A 1 31  ? -11.045 6.938   4.742   1.00 10.83 ? 1210 LEU A CD1 1 
ATOM   132  C CD2 . LEU A 1 31  ? -11.862 4.645   4.289   1.00 11.98 ? 1210 LEU A CD2 1 
ATOM   133  N N   . GLY A 1 32  ? -11.694 6.139   -0.890  1.00 9.04  ? 1211 GLY A N   1 
ATOM   134  C CA  . GLY A 1 32  ? -12.200 6.773   -2.104  1.00 9.39  ? 1211 GLY A CA  1 
ATOM   135  C C   . GLY A 1 32  ? -11.104 7.683   -2.615  1.00 9.37  ? 1211 GLY A C   1 
ATOM   136  O O   . GLY A 1 32  ? -9.926  7.439   -2.393  1.00 9.68  ? 1211 GLY A O   1 
ATOM   137  N N   . PHE A 1 33  ? -11.510 8.720   -3.337  1.00 9.16  ? 1212 PHE A N   1 
ATOM   138  C CA  . PHE A 1 33  ? -10.575 9.751   -3.797  1.00 9.42  ? 1212 PHE A CA  1 
ATOM   139  C C   . PHE A 1 33  ? -10.366 10.821  -2.758  1.00 9.53  ? 1212 PHE A C   1 
ATOM   140  O O   . PHE A 1 33  ? -11.268 11.157  -1.991  1.00 10.88 ? 1212 PHE A O   1 
ATOM   141  C CB  . PHE A 1 33  ? -11.098 10.400  -5.067  1.00 9.79  ? 1212 PHE A CB  1 
ATOM   142  C CG  . PHE A 1 33  ? -11.169 9.485   -6.247  1.00 10.64 ? 1212 PHE A CG  1 
ATOM   143  C CD1 . PHE A 1 33  ? -10.030 8.878   -6.732  1.00 10.45 ? 1212 PHE A CD1 1 
ATOM   144  C CD2 . PHE A 1 33  ? -12.355 9.282   -6.915  1.00 13.43 ? 1212 PHE A CD2 1 
ATOM   145  C CE1 . PHE A 1 33  ? -10.085 8.060   -7.859  1.00 12.40 ? 1212 PHE A CE1 1 
ATOM   146  C CE2 . PHE A 1 33  ? -12.401 8.461   -8.048  1.00 14.14 ? 1212 PHE A CE2 1 
ATOM   147  C CZ  . PHE A 1 33  ? -11.275 7.855   -8.501  1.00 13.68 ? 1212 PHE A CZ  1 
ATOM   148  N N   . SER A 1 34  ? -9.183  11.402  -2.776  1.00 8.28  ? 1213 SER A N   1 
ATOM   149  C CA  . SER A 1 34  ? -8.912  12.607  -2.032  1.00 8.86  ? 1213 SER A CA  1 
ATOM   150  C C   . SER A 1 34  ? -9.749  13.770  -2.516  1.00 9.35  ? 1213 SER A C   1 
ATOM   151  O O   . SER A 1 34  ? -9.947  13.942  -3.711  1.00 9.80  ? 1213 SER A O   1 
ATOM   152  C CB  . SER A 1 34  ? -7.462  12.982  -2.238  1.00 8.52  ? 1213 SER A CB  1 
ATOM   153  O OG  . SER A 1 34  ? -7.186  14.280  -1.732  1.00 9.49  ? 1213 SER A OG  1 
ATOM   154  N N   . LYS A 1 35  ? -10.181 14.616  -1.581  1.00 10.57 ? 1214 LYS A N   1 
ATOM   155  C CA  . LYS A 1 35  ? -10.842 15.884  -1.927  1.00 11.34 ? 1214 LYS A CA  1 
ATOM   156  C C   . LYS A 1 35  ? -9.890  16.872  -2.606  1.00 10.15 ? 1214 LYS A C   1 
ATOM   157  O O   . LYS A 1 35  ? -10.334 17.838  -3.230  1.00 10.62 ? 1214 LYS A O   1 
ATOM   158  C CB  . LYS A 1 35  ? -11.466 16.539  -0.685  1.00 12.38 ? 1214 LYS A CB  1 
ATOM   159  C CG  . LYS A 1 35  ? -12.723 15.823  -0.198  1.00 17.73 ? 1214 LYS A CG  1 
ATOM   160  N N   . LYS A 1 36  ? -8.594  16.640  -2.484  1.00 8.40  ? 1215 LYS A N   1 
ATOM   161  C CA  . LYS A 1 36  ? -7.599  17.508  -3.143  1.00 7.28  ? 1215 LYS A CA  1 
ATOM   162  C C   . LYS A 1 36  ? -7.502  17.271  -4.652  1.00 6.81  ? 1215 LYS A C   1 
ATOM   163  O O   . LYS A 1 36  ? -7.133  18.186  -5.414  1.00 7.12  ? 1215 LYS A O   1 
ATOM   164  C CB  . LYS A 1 36  ? -6.239  17.293  -2.523  1.00 7.62  ? 1215 LYS A CB  1 
ATOM   165  C CG  . LYS A 1 36  ? -6.137  17.627  -1.029  1.00 8.35  ? 1215 LYS A CG  1 
ATOM   166  C CD  . LYS A 1 36  ? -4.730  17.403  -0.538  1.00 9.81  ? 1215 LYS A CD  1 
ATOM   167  C CE  . LYS A 1 36  ? -4.513  17.742  0.945   1.00 10.47 ? 1215 LYS A CE  1 
ATOM   168  N NZ  . LYS A 1 36  ? -5.103  16.758  1.839   1.00 11.29 ? 1215 LYS A NZ  1 
ATOM   169  N N   . SER A 1 37  ? -7.796  16.046  -5.079  1.00 6.60  ? 1216 SER A N   1 
ATOM   170  C CA  . SER A 1 37  ? -7.641  15.623  -6.462  1.00 6.44  ? 1216 SER A CA  1 
ATOM   171  C C   . SER A 1 37  ? -8.006  14.163  -6.599  1.00 6.55  ? 1216 SER A C   1 
ATOM   172  O O   . SER A 1 37  ? -7.511  13.334  -5.801  1.00 6.76  ? 1216 SER A O   1 
ATOM   173  C CB  . SER A 1 37  ? -6.191  15.750  -6.934  1.00 6.75  ? 1216 SER A CB  1 
ATOM   174  O OG  . SER A 1 37  ? -6.065  15.104  -8.208  1.00 6.88  ? 1216 SER A OG  1 
ATOM   175  N N   . SER A 1 38  ? -8.764  13.800  -7.619  1.00 6.25  ? 1217 SER A N   1 
ATOM   176  C CA  . SER A 1 38  ? -9.098  12.407  -7.869  1.00 7.32  ? 1217 SER A CA  1 
ATOM   177  C C   . SER A 1 38  ? -7.945  11.654  -8.506  1.00 7.42  ? 1217 SER A C   1 
ATOM   178  O O   . SER A 1 38  ? -8.075  10.453  -8.755  1.00 9.60  ? 1217 SER A O   1 
ATOM   179  C CB  . SER A 1 38  ? -10.405 12.245  -8.644  1.00 8.02  ? 1217 SER A CB  1 
ATOM   180  O OG  . SER A 1 38  ? -11.442 12.737  -7.859  1.00 10.53 ? 1217 SER A OG  1 
ATOM   181  N N   . ASN A 1 39  ? -6.798  12.283  -8.735  1.00 6.23  ? 1218 ASN A N   1 
ATOM   182  C CA  . ASN A 1 39  ? -5.608  11.524  -9.048  1.00 6.40  ? 1218 ASN A CA  1 
ATOM   183  C C   . ASN A 1 39  ? -4.988  10.909  -7.794  1.00 6.60  ? 1218 ASN A C   1 
ATOM   184  O O   . ASN A 1 39  ? -4.052  10.125  -7.900  1.00 7.36  ? 1218 ASN A O   1 
ATOM   185  C CB  . ASN A 1 39  ? -4.580  12.394  -9.759  1.00 6.32  ? 1218 ASN A CB  1 
ATOM   186  C CG  . ASN A 1 39  ? -5.056  12.810  -11.147 1.00 6.82  ? 1218 ASN A CG  1 
ATOM   187  O OD1 . ASN A 1 39  ? -5.417  11.949  -11.951 1.00 7.75  ? 1218 ASN A OD1 1 
ATOM   188  N ND2 . ASN A 1 39  ? -5.103  14.110  -11.412 1.00 6.43  ? 1218 ASN A ND2 1 
ATOM   189  N N   . LEU A 1 40  ? -5.476  11.282  -6.616  1.00 6.05  ? 1219 LEU A N   1 
ATOM   190  C CA  . LEU A 1 40  ? -4.953  10.759  -5.352  1.00 5.78  ? 1219 LEU A CA  1 
ATOM   191  C C   . LEU A 1 40  ? -5.999  9.880   -4.683  1.00 6.04  ? 1219 LEU A C   1 
ATOM   192  O O   . LEU A 1 40  ? -7.158  10.262  -4.543  1.00 7.17  ? 1219 LEU A O   1 
ATOM   193  C CB  . LEU A 1 40  ? -4.576  11.915  -4.425  1.00 6.65  ? 1219 LEU A CB  1 
ATOM   194  C CG  . LEU A 1 40  ? -3.523  12.864  -4.943  1.00 7.05  ? 1219 LEU A CG  1 
ATOM   195  C CD1 . LEU A 1 40  ? -3.386  14.043  -3.974  1.00 9.02  ? 1219 LEU A CD1 1 
ATOM   196  C CD2 . LEU A 1 40  ? -2.215  12.145  -5.104  1.00 12.17 ? 1219 LEU A CD2 1 
ATOM   197  N N   . TYR A 1 41  ? -5.560  8.688   -4.297  1.00 6.16  ? 1220 TYR A N   1 
ATOM   198  C CA  . TYR A 1 41  ? -6.376  7.760   -3.531  1.00 6.18  ? 1220 TYR A CA  1 
ATOM   199  C C   . TYR A 1 41  ? -6.227  8.073   -2.050  1.00 6.23  ? 1220 TYR A C   1 
ATOM   200  O O   . TYR A 1 41  ? -5.113  8.197   -1.550  1.00 6.41  ? 1220 TYR A O   1 
ATOM   201  C CB  . TYR A 1 41  ? -5.944  6.316   -3.802  1.00 6.62  ? 1220 TYR A CB  1 
ATOM   202  C CG  . TYR A 1 41  ? -6.118  5.959   -5.255  1.00 7.22  ? 1220 TYR A CG  1 
ATOM   203  C CD1 . TYR A 1 41  ? -7.348  5.564   -5.756  1.00 9.21  ? 1220 TYR A CD1 1 
ATOM   204  C CD2 . TYR A 1 41  ? -5.070  6.092   -6.150  1.00 8.65  ? 1220 TYR A CD2 1 
ATOM   205  C CE1 . TYR A 1 41  ? -7.531  5.289   -7.133  1.00 10.33 ? 1220 TYR A CE1 1 
ATOM   206  C CE2 . TYR A 1 41  ? -5.235  5.804   -7.511  1.00 10.97 ? 1220 TYR A CE2 1 
ATOM   207  C CZ  . TYR A 1 41  ? -6.466  5.431   -7.976  1.00 11.12 ? 1220 TYR A CZ  1 
ATOM   208  O OH  . TYR A 1 41  ? -6.604  5.158   -9.345  1.00 15.03 ? 1220 TYR A OH  1 
ATOM   209  N N   . LEU A 1 42  ? -7.355  8.192   -1.363  1.00 6.35  ? 1221 LEU A N   1 
ATOM   210  C CA  . LEU A 1 42  ? -7.407  8.401   0.095   1.00 6.48  ? 1221 LEU A CA  1 
ATOM   211  C C   . LEU A 1 42  ? -7.379  7.036   0.776   1.00 6.67  ? 1221 LEU A C   1 
ATOM   212  O O   . LEU A 1 42  ? -8.275  6.206   0.575   1.00 7.51  ? 1221 LEU A O   1 
ATOM   213  C CB  . LEU A 1 42  ? -8.642  9.212   0.496   1.00 7.55  ? 1221 LEU A CB  1 
ATOM   214  C CG  . LEU A 1 42  ? -8.750  9.564   1.986   1.00 8.25  ? 1221 LEU A CG  1 
ATOM   215  C CD1 . LEU A 1 42  ? -7.614  10.455  2.482   1.00 9.57  ? 1221 LEU A CD1 1 
ATOM   216  C CD2 . LEU A 1 42  ? -10.106 10.190  2.259   1.00 10.74 ? 1221 LEU A CD2 1 
ATOM   217  N N   . ILE A 1 43  ? -6.340  6.817   1.566   1.00 5.96  ? 1222 ILE A N   1 
ATOM   218  C CA  . ILE A 1 43  ? -6.047  5.528   2.166   1.00 6.16  ? 1222 ILE A CA  1 
ATOM   219  C C   . ILE A 1 43  ? -6.090  5.670   3.681   1.00 5.66  ? 1222 ILE A C   1 
ATOM   220  O O   . ILE A 1 43  ? -5.371  6.500   4.248   1.00 6.41  ? 1222 ILE A O   1 
ATOM   221  C CB  . ILE A 1 43  ? -4.657  5.046   1.736   1.00 6.23  ? 1222 ILE A CB  1 
ATOM   222  C CG1 . ILE A 1 43  ? -4.563  4.856   0.210   1.00 7.43  ? 1222 ILE A CG1 1 
ATOM   223  C CG2 . ILE A 1 43  ? -4.258  3.755   2.427   1.00 7.69  ? 1222 ILE A CG2 1 
ATOM   224  C CD1 . ILE A 1 43  ? -3.208  5.096   -0.349  1.00 10.71 ? 1222 ILE A CD1 1 
ATOM   225  N N   . GLN A 1 44  ? -6.867  4.831   4.332   1.00 5.71  ? 1223 GLN A N   1 
ATOM   226  C CA  . GLN A 1 44  ? -6.886  4.750   5.801   1.00 6.32  ? 1223 GLN A CA  1 
ATOM   227  C C   . GLN A 1 44  ? -5.996  3.605   6.251   1.00 6.01  ? 1223 GLN A C   1 
ATOM   228  O O   . GLN A 1 44  ? -6.203  2.453   5.826   1.00 6.78  ? 1223 GLN A O   1 
ATOM   229  C CB  . GLN A 1 44  ? -8.281  4.518   6.285   1.00 7.13  ? 1223 GLN A CB  1 
ATOM   230  C CG  . GLN A 1 44  ? -8.403  4.452   7.802   1.00 9.07  ? 1223 GLN A CG  1 
ATOM   231  C CD  . GLN A 1 44  ? -9.780  4.023   8.203   1.00 13.55 ? 1223 GLN A CD  1 
ATOM   232  O OE1 . GLN A 1 44  ? -10.628 4.861   8.434   1.00 15.60 ? 1223 GLN A OE1 1 
ATOM   233  N NE2 . GLN A 1 44  ? -10.029 2.718   8.231   1.00 15.66 ? 1223 GLN A NE2 1 
ATOM   234  N N   . VAL A 1 45  ? -5.010  3.926   7.051   1.00 6.32  ? 1224 VAL A N   1 
ATOM   235  C CA  . VAL A 1 45  ? -4.016  3.011   7.591   1.00 6.86  ? 1224 VAL A CA  1 
ATOM   236  C C   . VAL A 1 45  ? -4.389  2.679   9.036   1.00 7.22  ? 1224 VAL A C   1 
ATOM   237  O O   . VAL A 1 45  ? -4.578  3.593   9.849   1.00 8.18  ? 1224 VAL A O   1 
ATOM   238  C CB  . VAL A 1 45  ? -2.637  3.653   7.546   1.00 6.83  ? 1224 VAL A CB  1 
ATOM   239  C CG1 . VAL A 1 45  ? -1.573  2.677   8.036   1.00 8.96  ? 1224 VAL A CG1 1 
ATOM   240  C CG2 . VAL A 1 45  ? -2.318  4.097   6.115   1.00 8.57  ? 1224 VAL A CG2 1 
ATOM   241  N N   . THR A 1 46  ? -4.492  1.392   9.356   1.00 6.67  ? 1225 THR A N   1 
ATOM   242  C CA  . THR A 1 46  ? -4.760  0.954   10.739  1.00 6.92  ? 1225 THR A CA  1 
ATOM   243  C C   . THR A 1 46  ? -3.451  0.428   11.282  1.00 7.61  ? 1225 THR A C   1 
ATOM   244  O O   . THR A 1 46  ? -2.814  -0.464  10.685  1.00 8.26  ? 1225 THR A O   1 
ATOM   245  C CB  . THR A 1 46  ? -5.829  -0.108  10.796  1.00 7.28  ? 1225 THR A CB  1 
ATOM   246  O OG1 . THR A 1 46  ? -7.033  0.415   10.247  1.00 9.81  ? 1225 THR A OG1 1 
ATOM   247  C CG2 . THR A 1 46  ? -6.121  -0.552  12.265  1.00 9.61  ? 1225 THR A CG2 1 
ATOM   248  N N   . HIS A 1 47  ? -2.999  1.016   12.380  1.00 7.60  ? 1226 HIS A N   1 
ATOM   249  C CA  . HIS A 1 47  ? -1.800  0.610   13.058  1.00 8.00  ? 1226 HIS A CA  1 
ATOM   250  C C   . HIS A 1 47  ? -2.104  -0.579  13.975  1.00 8.81  ? 1226 HIS A C   1 
ATOM   251  O O   . HIS A 1 47  ? -3.242  -0.900  14.241  1.00 9.06  ? 1226 HIS A O   1 
ATOM   252  C CB  . HIS A 1 47  ? -1.257  1.796   13.853  1.00 8.34  ? 1226 HIS A CB  1 
ATOM   253  C CG  . HIS A 1 47  ? -0.953  3.004   13.006  1.00 8.54  ? 1226 HIS A CG  1 
ATOM   254  N ND1 . HIS A 1 47  ? 0.326   3.492   12.862  1.00 11.51 ? 1226 HIS A ND1 1 
ATOM   255  C CD2 . HIS A 1 47  ? -1.751  3.821   12.260  1.00 9.68  ? 1226 HIS A CD2 1 
ATOM   256  C CE1 . HIS A 1 47  ? 0.307   4.568   12.088  1.00 11.22 ? 1226 HIS A CE1 1 
ATOM   257  N NE2 . HIS A 1 47  ? -0.940  4.787   11.705  1.00 9.71  ? 1226 HIS A NE2 1 
ATOM   258  N N   . SER A 1 48  ? -1.042  -1.223  14.464  1.00 9.76  ? 1227 SER A N   1 
ATOM   259  C CA  . SER A 1 48  ? -1.174  -2.431  15.295  1.00 11.33 ? 1227 SER A CA  1 
ATOM   260  C C   . SER A 1 48  ? -1.932  -2.173  16.585  1.00 11.24 ? 1227 SER A C   1 
ATOM   261  O O   . SER A 1 48  ? -2.614  -3.076  17.071  1.00 12.85 ? 1227 SER A O   1 
ATOM   262  C CB  . SER A 1 48  ? 0.199   -3.046  15.584  1.00 11.92 ? 1227 SER A CB  1 
ATOM   263  O OG  . SER A 1 48  ? 0.870   -3.345  14.381  1.00 13.02 ? 1227 SER A OG  1 
ATOM   264  N N   . ASN A 1 49  ? -1.871  -0.939  17.094  1.00 10.70 ? 1228 ASN A N   1 
ATOM   265  C CA  . ASN A 1 49  ? -2.646  -0.528  18.276  1.00 10.98 ? 1228 ASN A CA  1 
ATOM   266  C C   . ASN A 1 49  ? -4.080  -0.100  17.985  1.00 10.80 ? 1228 ASN A C   1 
ATOM   267  O O   . ASN A 1 49  ? -4.764  0.428   18.872  1.00 11.87 ? 1228 ASN A O   1 
ATOM   268  C CB  . ASN A 1 49  ? -1.897  0.574   19.028  1.00 11.22 ? 1228 ASN A CB  1 
ATOM   269  C CG  . ASN A 1 49  ? -1.779  1.846   18.229  1.00 11.94 ? 1228 ASN A CG  1 
ATOM   270  O OD1 . ASN A 1 49  ? -2.324  1.958   17.127  1.00 12.19 ? 1228 ASN A OD1 1 
ATOM   271  N ND2 . ASN A 1 49  ? -1.037  2.814   18.773  1.00 15.37 ? 1228 ASN A ND2 1 
ATOM   272  N N   . ASN A 1 50  ? -4.512  -0.300  16.732  1.00 10.65 ? 1229 ASN A N   1 
ATOM   273  C CA  A ASN A 1 50  ? -5.865  0.005   16.241  0.50 11.11 ? 1229 ASN A CA  1 
ATOM   274  C CA  B ASN A 1 50  ? -5.874  0.005   16.266  0.50 10.70 ? 1229 ASN A CA  1 
ATOM   275  C C   . ASN A 1 50  ? -6.163  1.489   16.018  1.00 10.00 ? 1229 ASN A C   1 
ATOM   276  O O   . ASN A 1 50  ? -7.269  1.848   15.632  1.00 11.58 ? 1229 ASN A O   1 
ATOM   277  C CB  A ASN A 1 50  ? -6.965  -0.690  17.062  0.50 11.86 ? 1229 ASN A CB  1 
ATOM   278  C CB  B ASN A 1 50  ? -6.943  -0.636  17.165  0.50 11.33 ? 1229 ASN A CB  1 
ATOM   279  C CG  A ASN A 1 50  ? -7.551  -1.872  16.331  0.50 15.09 ? 1229 ASN A CG  1 
ATOM   280  C CG  B ASN A 1 50  ? -6.911  -2.139  17.092  0.50 12.35 ? 1229 ASN A CG  1 
ATOM   281  O OD1 A ASN A 1 50  ? -7.966  -1.752  15.178  0.50 19.30 ? 1229 ASN A OD1 1 
ATOM   282  O OD1 B ASN A 1 50  ? -6.776  -2.699  16.005  0.50 15.01 ? 1229 ASN A OD1 1 
ATOM   283  N ND2 A ASN A 1 50  ? -7.563  -3.026  16.982  0.50 18.38 ? 1229 ASN A ND2 1 
ATOM   284  N ND2 B ASN A 1 50  ? -7.020  -2.802  18.233  0.50 16.53 ? 1229 ASN A ND2 1 
ATOM   285  N N   . GLU A 1 51  ? -5.174  2.337   16.214  1.00 8.89  ? 1230 GLU A N   1 
ATOM   286  C CA  . GLU A 1 51  ? -5.295  3.743   15.813  1.00 8.77  ? 1230 GLU A CA  1 
ATOM   287  C C   . GLU A 1 51  ? -5.214  3.814   14.300  1.00 7.96  ? 1230 GLU A C   1 
ATOM   288  O O   . GLU A 1 51  ? -4.594  2.979   13.650  1.00 8.14  ? 1230 GLU A O   1 
ATOM   289  C CB  . GLU A 1 51  ? -4.180  4.573   16.424  1.00 9.22  ? 1230 GLU A CB  1 
ATOM   290  C CG  . GLU A 1 51  ? -4.283  4.643   17.964  1.00 11.36 ? 1230 GLU A CG  1 
ATOM   291  C CD  . GLU A 1 51  ? -5.593  5.257   18.438  1.00 13.58 ? 1230 GLU A CD  1 
ATOM   292  O OE1 . GLU A 1 51  ? -5.976  6.329   17.931  1.00 14.59 ? 1230 GLU A OE1 1 
ATOM   293  O OE2 . GLU A 1 51  ? -6.242  4.667   19.339  1.00 18.22 ? 1230 GLU A OE2 1 
ATOM   294  N N   . THR A 1 52  ? -5.848  4.822   13.743  1.00 7.68  ? 1231 THR A N   1 
ATOM   295  C CA  . THR A 1 52  ? -5.828  5.019   12.282  1.00 7.61  ? 1231 THR A CA  1 
ATOM   296  C C   . THR A 1 52  ? -5.168  6.328   11.900  1.00 7.45  ? 1231 THR A C   1 
ATOM   297  O O   . THR A 1 52  ? -5.107  7.294   12.689  1.00 8.26  ? 1231 THR A O   1 
ATOM   298  C CB  . THR A 1 52  ? -7.221  4.988   11.689  1.00 8.63  ? 1231 THR A CB  1 
ATOM   299  O OG1 . THR A 1 52  ? -8.009  6.059   12.237  1.00 10.28 ? 1231 THR A OG1 1 
ATOM   300  C CG2 . THR A 1 52  ? -7.898  3.653   11.954  1.00 11.19 ? 1231 THR A CG2 1 
ATOM   301  N N   . SER A 1 53  ? -4.648  6.373   10.688  1.00 6.74  ? 1232 SER A N   1 
ATOM   302  C CA  . SER A 1 53  ? -4.156  7.590   10.070  1.00 7.11  ? 1232 SER A CA  1 
ATOM   303  C C   . SER A 1 53  ? -4.531  7.541   8.581   1.00 6.66  ? 1232 SER A C   1 
ATOM   304  O O   . SER A 1 53  ? -5.008  6.502   8.099   1.00 7.38  ? 1232 SER A O   1 
ATOM   305  C CB  . SER A 1 53  ? -2.666  7.723   10.287  1.00 6.97  ? 1232 SER A CB  1 
ATOM   306  O OG  . SER A 1 53  ? -1.954  6.603   9.799   1.00 8.10  ? 1232 SER A OG  1 
ATOM   307  N N   . LEU A 1 54  ? -4.373  8.661   7.902   1.00 6.39  ? 1233 LEU A N   1 
ATOM   308  C CA  . LEU A 1 54  ? -4.734  8.795   6.490   1.00 6.64  ? 1233 LEU A CA  1 
ATOM   309  C C   . LEU A 1 54  ? -3.526  9.173   5.677   1.00 6.76  ? 1233 LEU A C   1 
ATOM   310  O O   . LEU A 1 54  ? -2.662  9.937   6.119   1.00 9.48  ? 1233 LEU A O   1 
ATOM   311  C CB  . LEU A 1 54  ? -5.816  9.867   6.326   1.00 6.89  ? 1233 LEU A CB  1 
ATOM   312  C CG  . LEU A 1 54  ? -7.159  9.549   6.968   1.00 6.94  ? 1233 LEU A CG  1 
ATOM   313  C CD1 . LEU A 1 54  ? -8.053  10.778  7.056   1.00 10.46 ? 1233 LEU A CD1 1 
ATOM   314  C CD2 . LEU A 1 54  ? -7.875  8.452   6.179   1.00 9.69  ? 1233 LEU A CD2 1 
ATOM   315  N N   . THR A 1 55  ? -3.456  8.697   4.445   1.00 5.82  ? 1234 THR A N   1 
ATOM   316  C CA  . THR A 1 55  ? -2.467  9.160   3.475   1.00 6.35  ? 1234 THR A CA  1 
ATOM   317  C C   . THR A 1 55  ? -3.155  9.287   2.116   1.00 5.75  ? 1234 THR A C   1 
ATOM   318  O O   . THR A 1 55  ? -4.227  8.737   1.908   1.00 6.45  ? 1234 THR A O   1 
ATOM   319  C CB  . THR A 1 55  ? -1.218  8.244   3.431   1.00 6.25  ? 1234 THR A CB  1 
ATOM   320  O OG1 . THR A 1 55  ? -0.202  8.892   2.688   1.00 7.08  ? 1234 THR A OG1 1 
ATOM   321  C CG2 . THR A 1 55  ? -1.489  6.883   2.805   1.00 7.28  ? 1234 THR A CG2 1 
ATOM   322  N N   . GLU A 1 56  ? -2.508  10.000  1.204   1.00 5.60  ? 1235 GLU A N   1 
ATOM   323  C CA  . GLU A 1 56  ? -3.049  10.240  -0.134  1.00 5.66  ? 1235 GLU A CA  1 
ATOM   324  C C   . GLU A 1 56  ? -1.934  9.927   -1.126  1.00 5.70  ? 1235 GLU A C   1 
ATOM   325  O O   . GLU A 1 56  ? -0.843  10.474  -1.044  1.00 7.23  ? 1235 GLU A O   1 
ATOM   326  C CB  . GLU A 1 56  ? -3.515  11.698  -0.268  1.00 6.45  ? 1235 GLU A CB  1 
ATOM   327  C CG  . GLU A 1 56  ? -4.650  12.008  0.661   1.00 8.66  ? 1235 GLU A CG  1 
ATOM   328  C CD  . GLU A 1 56  ? -4.925  13.481  0.809   1.00 11.03 ? 1235 GLU A CD  1 
ATOM   329  O OE1 . GLU A 1 56  ? -4.011  14.247  1.170   1.00 12.95 ? 1235 GLU A OE1 1 
ATOM   330  O OE2 . GLU A 1 56  ? -6.098  13.866  0.638   1.00 15.97 ? 1235 GLU A OE2 1 
ATOM   331  N N   . LYS A 1 57  ? -2.202  8.997   -2.056  1.00 5.75  ? 1236 LYS A N   1 
ATOM   332  C CA  . LYS A 1 57  ? -1.171  8.529   -2.982  1.00 5.80  ? 1236 LYS A CA  1 
ATOM   333  C C   . LYS A 1 57  ? -1.731  8.346   -4.377  1.00 5.81  ? 1236 LYS A C   1 
ATOM   334  O O   . LYS A 1 57  ? -2.847  7.898   -4.541  1.00 6.29  ? 1236 LYS A O   1 
ATOM   335  C CB  . LYS A 1 57  ? -0.569  7.220   -2.470  1.00 6.59  ? 1236 LYS A CB  1 
ATOM   336  C CG  . LYS A 1 57  ? 0.277   7.345   -1.181  1.00 8.29  ? 1236 LYS A CG  1 
ATOM   337  C CD  . LYS A 1 57  ? 1.582   8.090   -1.422  1.00 8.95  ? 1236 LYS A CD  1 
ATOM   338  C CE  . LYS A 1 57  ? 2.501   8.216   -0.200  1.00 9.63  ? 1236 LYS A CE  1 
ATOM   339  N NZ  . LYS A 1 57  ? 1.884   9.041   0.870   1.00 10.72 ? 1236 LYS A NZ  1 
ATOM   340  N N   . SER A 1 58  ? -0.905  8.677   -5.358  1.00 5.68  ? 1237 SER A N   1 
ATOM   341  C CA  . SER A 1 58  ? -1.259  8.475   -6.771  1.00 6.35  ? 1237 SER A CA  1 
ATOM   342  C C   . SER A 1 58  ? -0.928  7.055   -7.204  1.00 6.25  ? 1237 SER A C   1 
ATOM   343  O O   . SER A 1 58  ? -0.163  6.334   -6.555  1.00 5.59  ? 1237 SER A O   1 
ATOM   344  C CB  . SER A 1 58  ? -0.451  9.420   -7.649  1.00 6.95  ? 1237 SER A CB  1 
ATOM   345  O OG  . SER A 1 58  ? 0.903   9.056   -7.623  1.00 7.35  ? 1237 SER A OG  1 
ATOM   346  N N   . PHE A 1 59  ? -1.424  6.687   -8.385  1.00 6.54  ? 1238 PHE A N   1 
ATOM   347  C CA  . PHE A 1 59  ? -1.080  5.401   -8.967  1.00 6.92  ? 1238 PHE A CA  1 
ATOM   348  C C   . PHE A 1 59  ? 0.414   5.314   -9.237  1.00 6.75  ? 1238 PHE A C   1 
ATOM   349  O O   . PHE A 1 59  ? 1.015   4.273   -9.017  1.00 6.67  ? 1238 PHE A O   1 
ATOM   350  C CB  . PHE A 1 59  ? -1.908  5.104   -10.227 1.00 8.00  ? 1238 PHE A CB  1 
ATOM   351  C CG  . PHE A 1 59  ? -1.814  3.659   -10.659 1.00 9.85  ? 1238 PHE A CG  1 
ATOM   352  C CD1 . PHE A 1 59  ? -2.231  2.641   -9.812  1.00 11.51 ? 1238 PHE A CD1 1 
ATOM   353  C CD2 . PHE A 1 59  ? -1.300  3.315   -11.877 1.00 12.86 ? 1238 PHE A CD2 1 
ATOM   354  C CE1 . PHE A 1 59  ? -2.149  1.305   -10.183 1.00 14.33 ? 1238 PHE A CE1 1 
ATOM   355  C CE2 . PHE A 1 59  ? -1.207  1.953   -12.251 1.00 14.13 ? 1238 PHE A CE2 1 
ATOM   356  C CZ  . PHE A 1 59  ? -1.648  0.976   -11.410 1.00 13.24 ? 1238 PHE A CZ  1 
ATOM   357  N N   . GLU A 1 60  ? 1.038   6.403   -9.660  1.00 6.25  ? 1239 GLU A N   1 
ATOM   358  C CA  . GLU A 1 60  ? 2.472   6.416   -9.909  1.00 7.19  ? 1239 GLU A CA  1 
ATOM   359  C C   . GLU A 1 60  ? 3.235   6.136   -8.634  1.00 6.59  ? 1239 GLU A C   1 
ATOM   360  O O   . GLU A 1 60  ? 4.280   5.471   -8.643  1.00 6.82  ? 1239 GLU A O   1 
ATOM   361  C CB  . GLU A 1 60  ? 2.923   7.740   -10.528 1.00 8.40  ? 1239 GLU A CB  1 
ATOM   362  C CG  . GLU A 1 60  ? 2.452   7.924   -11.980 1.00 10.90 ? 1239 GLU A CG  1 
ATOM   363  C CD  . GLU A 1 60  ? 0.970   8.238   -12.151 1.00 11.97 ? 1239 GLU A CD  1 
ATOM   364  O OE1 . GLU A 1 60  ? 0.289   8.707   -11.190 1.00 11.20 ? 1239 GLU A OE1 1 
ATOM   365  O OE2 . GLU A 1 60  ? 0.427   8.021   -13.277 1.00 14.07 ? 1239 GLU A OE2 1 
ATOM   366  N N   . GLN A 1 61  ? 2.762   6.685   -7.511  1.00 6.39  ? 1240 GLN A N   1 
ATOM   367  C CA  . GLN A 1 61  ? 3.443   6.423   -6.238  1.00 5.95  ? 1240 GLN A CA  1 
ATOM   368  C C   . GLN A 1 61  ? 3.292   4.954   -5.840  1.00 5.44  ? 1240 GLN A C   1 
ATOM   369  O O   . GLN A 1 61  ? 4.242   4.377   -5.314  1.00 5.64  ? 1240 GLN A O   1 
ATOM   370  C CB  . GLN A 1 61  ? 2.918   7.333   -5.135  1.00 5.61  ? 1240 GLN A CB  1 
ATOM   371  C CG  . GLN A 1 61  ? 3.387   8.770   -5.308  1.00 7.32  ? 1240 GLN A CG  1 
ATOM   372  C CD  . GLN A 1 61  ? 2.721   9.718   -4.362  1.00 7.52  ? 1240 GLN A CD  1 
ATOM   373  O OE1 . GLN A 1 61  ? 1.527   9.910   -4.368  1.00 6.92  ? 1240 GLN A OE1 1 
ATOM   374  N NE2 . GLN A 1 61  ? 3.537   10.324  -3.499  1.00 11.82 ? 1240 GLN A NE2 1 
ATOM   375  N N   . PHE A 1 62  ? 2.135   4.342   -6.079  1.00 5.42  ? 1241 PHE A N   1 
ATOM   376  C CA  . PHE A 1 62  ? 2.007   2.887   -5.867  1.00 5.84  ? 1241 PHE A CA  1 
ATOM   377  C C   . PHE A 1 62  ? 2.976   2.104   -6.744  1.00 6.41  ? 1241 PHE A C   1 
ATOM   378  O O   . PHE A 1 62  ? 3.617   1.155   -6.274  1.00 6.40  ? 1241 PHE A O   1 
ATOM   379  C CB  . PHE A 1 62  ? 0.592   2.406   -6.181  1.00 6.22  ? 1241 PHE A CB  1 
ATOM   380  C CG  . PHE A 1 62  ? -0.392  2.521   -5.041  1.00 5.95  ? 1241 PHE A CG  1 
ATOM   381  C CD1 . PHE A 1 62  ? -0.447  1.534   -4.053  1.00 7.16  ? 1241 PHE A CD1 1 
ATOM   382  C CD2 . PHE A 1 62  ? -1.282  3.588   -4.951  1.00 6.96  ? 1241 PHE A CD2 1 
ATOM   383  C CE1 . PHE A 1 62  ? -1.355  1.627   -2.999  1.00 7.61  ? 1241 PHE A CE1 1 
ATOM   384  C CE2 . PHE A 1 62  ? -2.187  3.663   -3.914  1.00 7.33  ? 1241 PHE A CE2 1 
ATOM   385  C CZ  . PHE A 1 62  ? -2.215  2.673   -2.944  1.00 7.23  ? 1241 PHE A CZ  1 
ATOM   386  N N   . SER A 1 63  ? 3.103   2.493   -8.012  1.00 6.20  ? 1242 SER A N   1 
ATOM   387  C CA  A SER A 1 63  ? 4.038   1.831   -8.945  0.50 6.54  ? 1242 SER A CA  1 
ATOM   388  C CA  B SER A 1 63  ? 3.997   1.761   -8.890  0.50 6.45  ? 1242 SER A CA  1 
ATOM   389  C C   . SER A 1 63  ? 5.453   1.905   -8.432  1.00 6.67  ? 1242 SER A C   1 
ATOM   390  O O   . SER A 1 63  ? 6.220   0.942   -8.500  1.00 6.48  ? 1242 SER A O   1 
ATOM   391  C CB  A SER A 1 63  ? 3.987   2.498   -10.315 0.50 7.26  ? 1242 SER A CB  1 
ATOM   392  C CB  B SER A 1 63  ? 3.787   2.196   -10.328 0.50 6.60  ? 1242 SER A CB  1 
ATOM   393  O OG  A SER A 1 63  ? 2.799   2.159   -10.974 0.50 8.28  ? 1242 SER A OG  1 
ATOM   394  O OG  B SER A 1 63  ? 4.561   1.371   -11.164 0.50 8.07  ? 1242 SER A OG  1 
ATOM   395  N N   . LYS A 1 64  ? 5.847   3.077   -7.944  1.00 6.77  ? 1243 LYS A N   1 
ATOM   396  C CA  . LYS A 1 64  ? 7.193   3.259   -7.445  1.00 6.82  ? 1243 LYS A CA  1 
ATOM   397  C C   . LYS A 1 64  ? 7.466   2.434   -6.193  1.00 6.60  ? 1243 LYS A C   1 
ATOM   398  O O   . LYS A 1 64  ? 8.542   1.862   -6.026  1.00 6.34  ? 1243 LYS A O   1 
ATOM   399  C CB  . LYS A 1 64  ? 7.449   4.741   -7.175  1.00 7.43  ? 1243 LYS A CB  1 
ATOM   400  C CG  . LYS A 1 64  ? 8.812   5.051   -6.600  1.00 11.84 ? 1243 LYS A CG  1 
ATOM   401  C CD  . LYS A 1 64  ? 9.979   4.805   -7.603  1.00 15.04 ? 1243 LYS A CD  1 
ATOM   402  C CE  . LYS A 1 64  ? 11.337  5.138   -6.970  1.00 17.83 ? 1243 LYS A CE  1 
ATOM   403  N NZ  . LYS A 1 64  ? 12.485  4.702   -7.828  1.00 20.74 ? 1243 LYS A NZ  1 
ATOM   404  N N   . LEU A 1 65  ? 6.493   2.360   -5.297  1.00 6.53  ? 1244 LEU A N   1 
ATOM   405  C CA  . LEU A 1 65  ? 6.614   1.500   -4.120  1.00 6.45  ? 1244 LEU A CA  1 
ATOM   406  C C   . LEU A 1 65  ? 6.870   0.057   -4.557  1.00 5.78  ? 1244 LEU A C   1 
ATOM   407  O O   . LEU A 1 65  ? 7.760   -0.609  -4.038  1.00 6.21  ? 1244 LEU A O   1 
ATOM   408  C CB  . LEU A 1 65  ? 5.350   1.580   -3.296  1.00 5.99  ? 1244 LEU A CB  1 
ATOM   409  C CG  . LEU A 1 65  ? 5.278   0.595   -2.133  1.00 7.13  ? 1244 LEU A CG  1 
ATOM   410  C CD1 . LEU A 1 65  ? 6.336   0.870   -1.097  1.00 9.41  ? 1244 LEU A CD1 1 
ATOM   411  C CD2 . LEU A 1 65  ? 3.905   0.596   -1.491  1.00 10.13 ? 1244 LEU A CD2 1 
ATOM   412  N N   . HIS A 1 66  ? 6.059   -0.430  -5.487  1.00 5.42  ? 1245 HIS A N   1 
ATOM   413  C CA  . HIS A 1 66  ? 6.211   -1.814  -5.940  1.00 6.22  ? 1245 HIS A CA  1 
ATOM   414  C C   . HIS A 1 66  ? 7.601   -2.035  -6.524  1.00 5.94  ? 1245 HIS A C   1 
ATOM   415  O O   . HIS A 1 66  ? 8.265   -3.022  -6.209  1.00 6.22  ? 1245 HIS A O   1 
ATOM   416  C CB  . HIS A 1 66  ? 5.135   -2.204  -6.913  1.00 7.30  ? 1245 HIS A CB  1 
ATOM   417  C CG  . HIS A 1 66  ? 5.083   -3.684  -7.118  1.00 10.53 ? 1245 HIS A CG  1 
ATOM   418  N ND1 . HIS A 1 66  ? 4.698   -4.540  -6.110  1.00 11.50 ? 1245 HIS A ND1 1 
ATOM   419  C CD2 . HIS A 1 66  ? 5.465   -4.458  -8.153  1.00 11.75 ? 1245 HIS A CD2 1 
ATOM   420  C CE1 . HIS A 1 66  ? 4.774   -5.785  -6.555  1.00 12.17 ? 1245 HIS A CE1 1 
ATOM   421  N NE2 . HIS A 1 66  ? 5.250   -5.762  -7.782  1.00 12.37 ? 1245 HIS A NE2 1 
ATOM   422  N N   . SER A 1 67  ? 8.061   -1.114  -7.360  1.00 6.38  ? 1246 SER A N   1 
ATOM   423  C CA  A SER A 1 67  ? 9.382   -1.193  -7.982  0.50 6.97  ? 1246 SER A CA  1 
ATOM   424  C CA  B SER A 1 67  ? 9.377   -1.262  -7.969  0.50 7.42  ? 1246 SER A CA  1 
ATOM   425  C C   . SER A 1 67  ? 10.480  -1.290  -6.922  1.00 7.20  ? 1246 SER A C   1 
ATOM   426  O O   . SER A 1 67  ? 11.436  -2.064  -7.029  1.00 7.31  ? 1246 SER A O   1 
ATOM   427  C CB  A SER A 1 67  ? 9.608   0.039   -8.878  0.50 7.25  ? 1246 SER A CB  1 
ATOM   428  C CB  B SER A 1 67  ? 9.632   -0.167  -8.999  0.50 7.74  ? 1246 SER A CB  1 
ATOM   429  O OG  A SER A 1 67  ? 10.897  0.028   -9.461  0.50 7.07  ? 1246 SER A OG  1 
ATOM   430  O OG  B SER A 1 67  ? 8.894   -0.430  -10.170 0.50 10.35 ? 1246 SER A OG  1 
ATOM   431  N N   . GLN A 1 68  ? 10.367  -0.443  -5.894  1.00 6.77  ? 1247 GLN A N   1 
ATOM   432  C CA  . GLN A 1 68  ? 11.336  -0.445  -4.831  1.00 7.29  ? 1247 GLN A CA  1 
ATOM   433  C C   . GLN A 1 68  ? 11.350  -1.754  -4.055  1.00 6.56  ? 1247 GLN A C   1 
ATOM   434  O O   . GLN A 1 68  ? 12.417  -2.304  -3.745  1.00 7.30  ? 1247 GLN A O   1 
ATOM   435  C CB  . GLN A 1 68  ? 11.105  0.725   -3.880  1.00 8.25  ? 1247 GLN A CB  1 
ATOM   436  C CG  . GLN A 1 68  ? 11.479  2.055   -4.450  1.00 13.41 ? 1247 GLN A CG  1 
ATOM   437  C CD  . GLN A 1 68  ? 11.302  3.162   -3.450  1.00 21.08 ? 1247 GLN A CD  1 
ATOM   438  O OE1 . GLN A 1 68  ? 10.183  3.563   -3.158  1.00 26.18 ? 1247 GLN A OE1 1 
ATOM   439  N NE2 . GLN A 1 68  ? 12.412  3.662   -2.914  1.00 27.47 ? 1247 GLN A NE2 1 
ATOM   440  N N   . LEU A 1 69  ? 10.174  -2.284  -3.757  1.00 6.20  ? 1248 LEU A N   1 
ATOM   441  C CA  . LEU A 1 69  ? 10.086  -3.539  -3.036  1.00 6.35  ? 1248 LEU A CA  1 
ATOM   442  C C   . LEU A 1 69  ? 10.654  -4.712  -3.842  1.00 5.83  ? 1248 LEU A C   1 
ATOM   443  O O   . LEU A 1 69  ? 11.281  -5.600  -3.274  1.00 6.53  ? 1248 LEU A O   1 
ATOM   444  C CB  . LEU A 1 69  ? 8.657   -3.794  -2.598  1.00 6.59  ? 1248 LEU A CB  1 
ATOM   445  C CG  . LEU A 1 69  ? 8.160   -2.827  -1.513  1.00 7.35  ? 1248 LEU A CG  1 
ATOM   446  C CD1 . LEU A 1 69  ? 6.689   -3.090  -1.224  1.00 8.67  ? 1248 LEU A CD1 1 
ATOM   447  C CD2 . LEU A 1 69  ? 9.005   -2.918  -0.235  1.00 9.38  ? 1248 LEU A CD2 1 
ATOM   448  N N   . GLN A 1 70  ? 10.435  -4.720  -5.142  1.00 6.61  ? 1249 GLN A N   1 
ATOM   449  C CA  . GLN A 1 70  ? 11.009  -5.757  -5.984  1.00 7.28  ? 1249 GLN A CA  1 
ATOM   450  C C   . GLN A 1 70  ? 12.521  -5.766  -5.896  1.00 7.83  ? 1249 GLN A C   1 
ATOM   451  O O   . GLN A 1 70  ? 13.146  -6.831  -5.872  1.00 9.18  ? 1249 GLN A O   1 
ATOM   452  C CB  . GLN A 1 70  ? 10.603  -5.581  -7.441  1.00 7.31  ? 1249 GLN A CB  1 
ATOM   453  C CG  . GLN A 1 70  ? 9.157   -5.804  -7.756  1.00 7.56  ? 1249 GLN A CG  1 
ATOM   454  C CD  . GLN A 1 70  ? 8.850   -5.571  -9.236  1.00 7.96  ? 1249 GLN A CD  1 
ATOM   455  O OE1 . GLN A 1 70  ? 9.458   -4.733  -9.883  1.00 7.48  ? 1249 GLN A OE1 1 
ATOM   456  N NE2 . GLN A 1 70  ? 7.872   -6.315  -9.771  1.00 11.31 ? 1249 GLN A NE2 1 
ATOM   457  N N   . LYS A 1 71  ? 13.134  -4.581  -5.840  1.00 7.37  ? 1250 LYS A N   1 
ATOM   458  C CA  . LYS A 1 71  ? 14.586  -4.480  -5.743  1.00 9.39  ? 1250 LYS A CA  1 
ATOM   459  C C   . LYS A 1 71  ? 15.081  -4.861  -4.370  1.00 9.46  ? 1250 LYS A C   1 
ATOM   460  O O   . LYS A 1 71  ? 16.132  -5.486  -4.238  1.00 11.79 ? 1250 LYS A O   1 
ATOM   461  C CB  . LYS A 1 71  ? 15.055  -3.048  -6.053  1.00 10.24 ? 1250 LYS A CB  1 
ATOM   462  C CG  . LYS A 1 71  ? 14.892  -2.626  -7.476  1.00 12.83 ? 1250 LYS A CG  1 
ATOM   463  C CD  . LYS A 1 71  ? 15.209  -1.125  -7.587  1.00 17.70 ? 1250 LYS A CD  1 
ATOM   464  C CE  . LYS A 1 71  ? 14.772  -0.488  -8.868  1.00 22.45 ? 1250 LYS A CE  1 
ATOM   465  N NZ  . LYS A 1 71  ? 15.177  0.955   -8.836  1.00 24.11 ? 1250 LYS A NZ  1 
ATOM   466  N N   . GLN A 1 72  ? 14.348  -4.479  -3.334  1.00 8.68  ? 1251 GLN A N   1 
ATOM   467  C CA  A GLN A 1 72  ? 14.800  -4.692  -1.965  0.50 9.13  ? 1251 GLN A CA  1 
ATOM   468  C CA  B GLN A 1 72  ? 14.812  -4.687  -1.981  0.50 9.39  ? 1251 GLN A CA  1 
ATOM   469  C C   . GLN A 1 72  ? 14.586  -6.114  -1.472  1.00 9.37  ? 1251 GLN A C   1 
ATOM   470  O O   . GLN A 1 72  ? 15.318  -6.589  -0.601  1.00 10.80 ? 1251 GLN A O   1 
ATOM   471  C CB  A GLN A 1 72  ? 14.098  -3.725  -1.004  0.50 9.02  ? 1251 GLN A CB  1 
ATOM   472  C CB  B GLN A 1 72  ? 14.163  -3.638  -1.075  0.50 9.50  ? 1251 GLN A CB  1 
ATOM   473  C CG  A GLN A 1 72  ? 14.672  -3.804  0.423   0.50 9.18  ? 1251 GLN A CG  1 
ATOM   474  C CG  B GLN A 1 72  ? 14.660  -2.217  -1.401  0.50 10.76 ? 1251 GLN A CG  1 
ATOM   475  C CD  A GLN A 1 72  ? 14.143  -2.753  1.356   0.50 10.21 ? 1251 GLN A CD  1 
ATOM   476  C CD  B GLN A 1 72  ? 14.002  -1.124  -0.566  0.50 12.89 ? 1251 GLN A CD  1 
ATOM   477  O OE1 A GLN A 1 72  ? 13.363  -1.891  0.972   0.50 12.11 ? 1251 GLN A OE1 1 
ATOM   478  O OE1 B GLN A 1 72  ? 13.811  0.016   -1.033  0.50 15.05 ? 1251 GLN A OE1 1 
ATOM   479  N NE2 A GLN A 1 72  ? 14.567  -2.831  2.612   0.50 10.61 ? 1251 GLN A NE2 1 
ATOM   480  N NE2 B GLN A 1 72  ? 13.672  -1.450  0.666   0.50 11.58 ? 1251 GLN A NE2 1 
ATOM   481  N N   . PHE A 1 73  ? 13.587  -6.802  -2.014  1.00 8.08  ? 1252 PHE A N   1 
ATOM   482  C CA  . PHE A 1 73  ? 13.186  -8.127  -1.507  1.00 8.23  ? 1252 PHE A CA  1 
ATOM   483  C C   . PHE A 1 73  ? 13.177  -9.151  -2.633  1.00 8.38  ? 1252 PHE A C   1 
ATOM   484  O O   . PHE A 1 73  ? 12.172  -9.815  -2.889  1.00 8.77  ? 1252 PHE A O   1 
ATOM   485  C CB  . PHE A 1 73  ? 11.827  -8.014  -0.819  1.00 8.54  ? 1252 PHE A CB  1 
ATOM   486  C CG  . PHE A 1 73  ? 11.877  -7.146  0.394   1.00 9.02  ? 1252 PHE A CG  1 
ATOM   487  C CD1 . PHE A 1 73  ? 12.444  -7.623  1.560   1.00 9.71  ? 1252 PHE A CD1 1 
ATOM   488  C CD2 . PHE A 1 73  ? 11.433  -5.822  0.356   1.00 9.75  ? 1252 PHE A CD2 1 
ATOM   489  C CE1 . PHE A 1 73  ? 12.536  -6.826  2.689   1.00 10.19 ? 1252 PHE A CE1 1 
ATOM   490  C CE2 . PHE A 1 73  ? 11.533  -5.019  1.454   1.00 9.75  ? 1252 PHE A CE2 1 
ATOM   491  C CZ  . PHE A 1 73  ? 12.078  -5.519  2.637   1.00 11.02 ? 1252 PHE A CZ  1 
ATOM   492  N N   . ALA A 1 74  ? 14.343  -9.296  -3.258  1.00 9.29  ? 1253 ALA A N   1 
ATOM   493  C CA  . ALA A 1 74  ? 14.532  -10.161 -4.397  1.00 10.07 ? 1253 ALA A CA  1 
ATOM   494  C C   . ALA A 1 74  ? 14.253  -11.634 -4.144  1.00 9.25  ? 1253 ALA A C   1 
ATOM   495  O O   . ALA A 1 74  ? 13.988  -12.359 -5.097  1.00 10.75 ? 1253 ALA A O   1 
ATOM   496  C CB  . ALA A 1 74  ? 15.952  -10.002 -4.929  1.00 12.71 ? 1253 ALA A CB  1 
ATOM   497  N N   . SER A 1 75  ? 14.359  -12.077 -2.895  1.00 8.92  ? 1254 SER A N   1 
ATOM   498  C CA  A SER A 1 75  ? 14.134  -13.486 -2.596  0.50 9.59  ? 1254 SER A CA  1 
ATOM   499  C CA  B SER A 1 75  ? 14.163  -13.477 -2.528  0.50 9.88  ? 1254 SER A CA  1 
ATOM   500  C C   . SER A 1 75  ? 12.723  -13.808 -2.134  1.00 9.65  ? 1254 SER A C   1 
ATOM   501  O O   . SER A 1 75  ? 12.373  -14.982 -2.025  1.00 9.25  ? 1254 SER A O   1 
ATOM   502  C CB  A SER A 1 75  ? 15.137  -13.988 -1.580  0.50 10.55 ? 1254 SER A CB  1 
ATOM   503  C CB  B SER A 1 75  ? 15.083  -13.854 -1.368  0.50 10.98 ? 1254 SER A CB  1 
ATOM   504  O OG  A SER A 1 75  ? 16.415  -14.044 -2.176  0.50 11.57 ? 1254 SER A OG  1 
ATOM   505  O OG  B SER A 1 75  ? 14.642  -13.266 -0.162  0.50 13.86 ? 1254 SER A OG  1 
ATOM   506  N N   . LEU A 1 76  ? 11.879  -12.799 -1.896  1.00 7.57  ? 1255 LEU A N   1 
ATOM   507  C CA  . LEU A 1 76  ? 10.514  -13.021 -1.444  1.00 6.73  ? 1255 LEU A CA  1 
ATOM   508  C C   . LEU A 1 76  ? 9.563   -13.092 -2.607  1.00 6.51  ? 1255 LEU A C   1 
ATOM   509  O O   . LEU A 1 76  ? 9.839   -12.575 -3.687  1.00 6.96  ? 1255 LEU A O   1 
ATOM   510  C CB  . LEU A 1 76  ? 10.094  -11.912 -0.465  1.00 7.44  ? 1255 LEU A CB  1 
ATOM   511  C CG  . LEU A 1 76  ? 10.967  -11.796 0.777   1.00 7.39  ? 1255 LEU A CG  1 
ATOM   512  C CD1 . LEU A 1 76  ? 10.371  -10.718 1.704   1.00 8.82  ? 1255 LEU A CD1 1 
ATOM   513  C CD2 . LEU A 1 76  ? 11.102  -13.124 1.550   1.00 10.40 ? 1255 LEU A CD2 1 
ATOM   514  N N   . THR A 1 77  ? 8.436   -13.758 -2.375  1.00 6.30  ? 1256 THR A N   1 
ATOM   515  C CA  . THR A 1 77  ? 7.352   -13.812 -3.339  1.00 6.57  ? 1256 THR A CA  1 
ATOM   516  C C   . THR A 1 77  ? 6.412   -12.639 -3.079  1.00 6.46  ? 1256 THR A C   1 
ATOM   517  O O   . THR A 1 77  ? 5.678   -12.626 -2.095  1.00 6.70  ? 1256 THR A O   1 
ATOM   518  C CB  . THR A 1 77  ? 6.599   -15.137 -3.251  1.00 6.65  ? 1256 THR A CB  1 
ATOM   519  O OG1 . THR A 1 77  ? 7.520   -16.178 -3.622  1.00 7.46  ? 1256 THR A OG1 1 
ATOM   520  C CG2 . THR A 1 77  ? 5.393   -15.153 -4.163  1.00 8.20  ? 1256 THR A CG2 1 
ATOM   521  N N   . LEU A 1 78  ? 6.471   -11.641 -3.946  1.00 6.12  ? 1257 LEU A N   1 
ATOM   522  C CA  . LEU A 1 78  ? 5.680   -10.432 -3.795  1.00 5.93  ? 1257 LEU A CA  1 
ATOM   523  C C   . LEU A 1 78  ? 4.383   -10.598 -4.558  1.00 6.31  ? 1257 LEU A C   1 
ATOM   524  O O   . LEU A 1 78  ? 4.326   -11.333 -5.546  1.00 5.98  ? 1257 LEU A O   1 
ATOM   525  C CB  . LEU A 1 78  ? 6.450   -9.215  -4.320  1.00 6.44  ? 1257 LEU A CB  1 
ATOM   526  C CG  . LEU A 1 78  ? 7.754   -8.927  -3.595  1.00 7.51  ? 1257 LEU A CG  1 
ATOM   527  C CD1 . LEU A 1 78  ? 8.476   -7.787  -4.259  1.00 11.02 ? 1257 LEU A CD1 1 
ATOM   528  C CD2 . LEU A 1 78  ? 7.576   -8.631  -2.109  1.00 9.47  ? 1257 LEU A CD2 1 
ATOM   529  N N   . PRO A 1 79  ? 3.315   -9.909  -4.154  1.00 6.08  ? 1258 PRO A N   1 
ATOM   530  C CA  . PRO A 1 79  ? 2.062   -9.980  -4.892  1.00 6.10  ? 1258 PRO A CA  1 
ATOM   531  C C   . PRO A 1 79  ? 2.149   -9.285  -6.240  1.00 6.10  ? 1258 PRO A C   1 
ATOM   532  O O   . PRO A 1 79  ? 3.034   -8.463  -6.522  1.00 6.72  ? 1258 PRO A O   1 
ATOM   533  C CB  . PRO A 1 79  ? 1.066   -9.263  -3.975  1.00 6.95  ? 1258 PRO A CB  1 
ATOM   534  C CG  . PRO A 1 79  ? 1.935   -8.296  -3.240  1.00 7.90  ? 1258 PRO A CG  1 
ATOM   535  C CD  . PRO A 1 79  ? 3.219   -9.011  -2.994  1.00 6.70  ? 1258 PRO A CD  1 
ATOM   536  N N   . GLU A 1 80  ? 1.209   -9.646  -7.095  1.00 6.28  ? 1259 GLU A N   1 
ATOM   537  C CA  . GLU A 1 80  ? 1.081   -9.034  -8.410  1.00 6.88  ? 1259 GLU A CA  1 
ATOM   538  C C   . GLU A 1 80  ? 0.651   -7.583  -8.292  1.00 7.51  ? 1259 GLU A C   1 
ATOM   539  O O   . GLU A 1 80  ? -0.260  -7.267  -7.541  1.00 8.28  ? 1259 GLU A O   1 
ATOM   540  C CB  . GLU A 1 80  ? 0.087   -9.811  -9.269  1.00 7.85  ? 1259 GLU A CB  1 
ATOM   541  C CG  . GLU A 1 80  ? 0.437   -11.302 -9.490  1.00 10.17 ? 1259 GLU A CG  1 
ATOM   542  C CD  . GLU A 1 80  ? 1.762   -11.548 -10.182 1.00 12.22 ? 1259 GLU A CD  1 
ATOM   543  O OE1 . GLU A 1 80  ? 2.074   -10.797 -11.085 1.00 14.20 ? 1259 GLU A OE1 1 
ATOM   544  O OE2 . GLU A 1 80  ? 2.437   -12.525 -9.817  1.00 15.18 ? 1259 GLU A OE2 1 
ATOM   545  N N   . PHE A 1 81  ? 1.314   -6.709  -9.029  1.00 8.29  ? 1260 PHE A N   1 
ATOM   546  C CA  . PHE A 1 81  ? 0.875   -5.316  -9.131  1.00 8.27  ? 1260 PHE A CA  1 
ATOM   547  C C   . PHE A 1 81  ? -0.360  -5.291  -10.045 1.00 9.49  ? 1260 PHE A C   1 
ATOM   548  O O   . PHE A 1 81  ? -0.459  -6.083  -10.994 1.00 10.55 ? 1260 PHE A O   1 
ATOM   549  C CB  . PHE A 1 81  ? 1.995   -4.456  -9.690  1.00 8.42  ? 1260 PHE A CB  1 
ATOM   550  C CG  . PHE A 1 81  ? 1.747   -2.995  -9.503  1.00 8.04  ? 1260 PHE A CG  1 
ATOM   551  C CD1 . PHE A 1 81  ? 1.763   -2.462  -8.238  1.00 8.56  ? 1260 PHE A CD1 1 
ATOM   552  C CD2 . PHE A 1 81  ? 1.439   -2.181  -10.561 1.00 8.66  ? 1260 PHE A CD2 1 
ATOM   553  C CE1 . PHE A 1 81  ? 1.502   -1.119  -8.017  1.00 8.90  ? 1260 PHE A CE1 1 
ATOM   554  C CE2 . PHE A 1 81  ? 1.178   -0.806  -10.330 1.00 9.37  ? 1260 PHE A CE2 1 
ATOM   555  C CZ  . PHE A 1 81  ? 1.196   -0.303  -9.062  1.00 10.26 ? 1260 PHE A CZ  1 
ATOM   556  N N   . PRO A 1 82  ? -1.326  -4.389  -9.814  1.00 9.18  ? 1261 PRO A N   1 
ATOM   557  C CA  . PRO A 1 82  ? -2.534  -4.414  -10.644 1.00 10.66 ? 1261 PRO A CA  1 
ATOM   558  C C   . PRO A 1 82  ? -2.302  -4.335  -12.168 1.00 11.72 ? 1261 PRO A C   1 
ATOM   559  O O   . PRO A 1 82  ? -1.423  -3.638  -12.634 1.00 12.30 ? 1261 PRO A O   1 
ATOM   560  C CB  . PRO A 1 82  ? -3.295  -3.180  -10.167 1.00 11.01 ? 1261 PRO A CB  1 
ATOM   561  C CG  . PRO A 1 82  ? -2.925  -3.090  -8.742  1.00 9.90  ? 1261 PRO A CG  1 
ATOM   562  C CD  . PRO A 1 82  ? -1.468  -3.437  -8.696  1.00 9.61  ? 1261 PRO A CD  1 
ATOM   563  N N   . HIS A 1 83  ? -3.146  -5.047  -12.915 1.00 13.38 ? 1262 HIS A N   1 
ATOM   564  C CA  . HIS A 1 83  ? -3.119  -5.046  -14.399 1.00 15.15 ? 1262 HIS A CA  1 
ATOM   565  C C   . HIS A 1 83  ? -3.870  -3.836  -14.941 1.00 14.95 ? 1262 HIS A C   1 
ATOM   566  O O   . HIS A 1 83  ? -5.048  -3.925  -15.352 1.00 17.26 ? 1262 HIS A O   1 
ATOM   567  C CB  . HIS A 1 83  ? -3.691  -6.344  -14.952 1.00 16.59 ? 1262 HIS A CB  1 
ATOM   568  C CG  . HIS A 1 83  ? -2.780  -7.511  -14.774 1.00 19.03 ? 1262 HIS A CG  1 
ATOM   569  N ND1 . HIS A 1 83  ? -2.776  -8.593  -15.625 1.00 22.73 ? 1262 HIS A ND1 1 
ATOM   570  C CD2 . HIS A 1 83  ? -1.817  -7.753  -13.855 1.00 19.33 ? 1262 HIS A CD2 1 
ATOM   571  C CE1 . HIS A 1 83  ? -1.866  -9.462  -15.220 1.00 22.85 ? 1262 HIS A CE1 1 
ATOM   572  N NE2 . HIS A 1 83  ? -1.266  -8.973  -14.152 1.00 23.88 ? 1262 HIS A NE2 1 
ATOM   573  N N   . TRP A 1 84  ? -3.187  -2.704  -14.940 1.00 16.05 ? 1263 TRP A N   1 
ATOM   574  C CA  . TRP A 1 84  ? -3.762  -1.384  -15.252 1.00 16.54 ? 1263 TRP A CA  1 
ATOM   575  C C   . TRP A 1 84  ? -4.196  -1.225  -16.698 1.00 17.09 ? 1263 TRP A C   1 
ATOM   576  O O   . TRP A 1 84  ? -4.943  -0.295  -17.032 1.00 17.38 ? 1263 TRP A O   1 
ATOM   577  C CB  . TRP A 1 84  ? -2.766  -0.268  -14.900 1.00 16.48 ? 1263 TRP A CB  1 
ATOM   578  C CG  . TRP A 1 84  ? -1.402  -0.524  -15.469 1.00 15.32 ? 1263 TRP A CG  1 
ATOM   579  C CD1 . TRP A 1 84  ? -0.340  -1.069  -14.824 1.00 15.38 ? 1263 TRP A CD1 1 
ATOM   580  C CD2 . TRP A 1 84  ? -0.979  -0.279  -16.805 1.00 14.77 ? 1263 TRP A CD2 1 
ATOM   581  N NE1 . TRP A 1 84  ? 0.731   -1.169  -15.678 1.00 14.97 ? 1263 TRP A NE1 1 
ATOM   582  C CE2 . TRP A 1 84  ? 0.367   -0.678  -16.898 1.00 14.45 ? 1263 TRP A CE2 1 
ATOM   583  C CE3 . TRP A 1 84  ? -1.592  0.289   -17.929 1.00 16.87 ? 1263 TRP A CE3 1 
ATOM   584  C CZ2 . TRP A 1 84  ? 1.087   -0.584  -18.075 1.00 14.85 ? 1263 TRP A CZ2 1 
ATOM   585  C CZ3 . TRP A 1 84  ? -0.866  0.394   -19.085 1.00 17.76 ? 1263 TRP A CZ3 1 
ATOM   586  C CH2 . TRP A 1 84  ? 0.460   -0.035  -19.148 1.00 16.03 ? 1263 TRP A CH2 1 
ATOM   587  N N   . TRP A 1 85  ? -3.700  -2.109  -17.561 1.00 17.35 ? 1264 TRP A N   1 
ATOM   588  C CA  . TRP A 1 85  ? -3.994  -2.053  -18.989 1.00 17.96 ? 1264 TRP A CA  1 
ATOM   589  C C   . TRP A 1 85  ? -5.327  -2.687  -19.345 1.00 19.92 ? 1264 TRP A C   1 
ATOM   590  O O   . TRP A 1 85  ? -5.797  -2.504  -20.477 1.00 20.87 ? 1264 TRP A O   1 
ATOM   591  C CB  . TRP A 1 85  ? -2.880  -2.717  -19.801 1.00 17.01 ? 1264 TRP A CB  1 
ATOM   592  C CG  . TRP A 1 85  ? -2.652  -4.164  -19.497 1.00 15.42 ? 1264 TRP A CG  1 
ATOM   593  C CD1 . TRP A 1 85  ? -3.202  -5.242  -20.123 1.00 14.70 ? 1264 TRP A CD1 1 
ATOM   594  C CD2 . TRP A 1 85  ? -1.786  -4.685  -18.500 1.00 13.02 ? 1264 TRP A CD2 1 
ATOM   595  N NE1 . TRP A 1 85  ? -2.735  -6.397  -19.578 1.00 13.98 ? 1264 TRP A NE1 1 
ATOM   596  C CE2 . TRP A 1 85  ? -1.856  -6.090  -18.575 1.00 13.67 ? 1264 TRP A CE2 1 
ATOM   597  C CE3 . TRP A 1 85  ? -0.935  -4.098  -17.562 1.00 12.18 ? 1264 TRP A CE3 1 
ATOM   598  C CZ2 . TRP A 1 85  ? -1.130  -6.904  -17.737 1.00 13.55 ? 1264 TRP A CZ2 1 
ATOM   599  C CZ3 . TRP A 1 85  ? -0.222  -4.906  -16.720 1.00 13.46 ? 1264 TRP A CZ3 1 
ATOM   600  C CH2 . TRP A 1 85  ? -0.308  -6.295  -16.815 1.00 14.14 ? 1264 TRP A CH2 1 
ATOM   601  N N   . HIS A 1 86  ? -5.933  -3.439  -18.427 1.00 21.76 ? 1265 HIS A N   1 
ATOM   602  C CA  . HIS A 1 86  ? -7.289  -3.961  -18.655 1.00 23.88 ? 1265 HIS A CA  1 
ATOM   603  C C   . HIS A 1 86  ? -8.293  -2.804  -18.645 1.00 24.89 ? 1265 HIS A C   1 
ATOM   604  O O   . HIS A 1 86  ? -8.237  -1.919  -17.781 1.00 26.04 ? 1265 HIS A O   1 
ATOM   605  C CB  . HIS A 1 86  ? -7.672  -5.002  -17.607 1.00 24.21 ? 1265 HIS A CB  1 
ATOM   606  C CG  . HIS A 1 86  ? -6.852  -6.252  -17.660 1.00 26.89 ? 1265 HIS A CG  1 
ATOM   607  N ND1 . HIS A 1 86  ? -6.226  -6.690  -18.808 1.00 30.05 ? 1265 HIS A ND1 1 
ATOM   608  C CD2 . HIS A 1 86  ? -6.587  -7.180  -16.711 1.00 29.39 ? 1265 HIS A CD2 1 
ATOM   609  C CE1 . HIS A 1 86  ? -5.599  -7.825  -18.557 1.00 29.42 ? 1265 HIS A CE1 1 
ATOM   610  N NE2 . HIS A 1 86  ? -5.802  -8.144  -17.291 1.00 31.05 ? 1265 HIS A NE2 1 
ATOM   611  N N   . LEU A 1 87  ? -9.216  -2.810  -19.605 1.00 25.70 ? 1266 LEU A N   1 
ATOM   612  C CA  . LEU A 1 87  ? -10.105 -1.664  -19.830 1.00 25.81 ? 1266 LEU A CA  1 
ATOM   613  C C   . LEU A 1 87  ? -10.924 -1.223  -18.613 1.00 25.74 ? 1266 LEU A C   1 
ATOM   614  O O   . LEU A 1 87  ? -11.107 -0.021  -18.399 1.00 26.45 ? 1266 LEU A O   1 
ATOM   615  C CB  . LEU A 1 87  ? -11.060 -1.953  -20.995 1.00 25.96 ? 1266 LEU A CB  1 
ATOM   616  N N   . PRO A 1 88  ? -11.439 -2.183  -17.822 1.00 25.38 ? 1267 PRO A N   1 
ATOM   617  C CA  . PRO A 1 88  ? -12.174 -1.798  -16.614 1.00 25.34 ? 1267 PRO A CA  1 
ATOM   618  C C   . PRO A 1 88  ? -11.334 -0.982  -15.625 1.00 24.84 ? 1267 PRO A C   1 
ATOM   619  O O   . PRO A 1 88  ? -11.879 -0.147  -14.912 1.00 25.26 ? 1267 PRO A O   1 
ATOM   620  C CB  . PRO A 1 88  ? -12.560 -3.143  -15.996 1.00 25.54 ? 1267 PRO A CB  1 
ATOM   621  C CG  . PRO A 1 88  ? -12.620 -4.081  -17.150 1.00 26.09 ? 1267 PRO A CG  1 
ATOM   622  C CD  . PRO A 1 88  ? -11.512 -3.634  -18.066 1.00 25.60 ? 1267 PRO A CD  1 
ATOM   623  N N   . PHE A 1 89  ? -10.021 -1.209  -15.581 1.00 24.41 ? 1268 PHE A N   1 
ATOM   624  C CA  . PHE A 1 89  ? -9.151  -0.415  -14.712 1.00 23.77 ? 1268 PHE A CA  1 
ATOM   625  C C   . PHE A 1 89  ? -9.185  1.062   -15.116 1.00 24.22 ? 1268 PHE A C   1 
ATOM   626  O O   . PHE A 1 89  ? -9.329  1.946   -14.272 1.00 23.67 ? 1268 PHE A O   1 
ATOM   627  C CB  . PHE A 1 89  ? -7.718  -0.952  -14.744 1.00 23.30 ? 1268 PHE A CB  1 
ATOM   628  C CG  . PHE A 1 89  ? -6.837  -0.396  -13.654 1.00 21.82 ? 1268 PHE A CG  1 
ATOM   629  C CD1 . PHE A 1 89  ? -6.708  -1.069  -12.442 1.00 21.41 ? 1268 PHE A CD1 1 
ATOM   630  C CD2 . PHE A 1 89  ? -6.136  0.791   -13.846 1.00 23.06 ? 1268 PHE A CD2 1 
ATOM   631  C CE1 . PHE A 1 89  ? -5.880  -0.572  -11.435 1.00 21.40 ? 1268 PHE A CE1 1 
ATOM   632  C CE2 . PHE A 1 89  ? -5.322  1.307   -12.840 1.00 22.54 ? 1268 PHE A CE2 1 
ATOM   633  C CZ  . PHE A 1 89  ? -5.191  0.616   -11.635 1.00 21.27 ? 1268 PHE A CZ  1 
ATOM   634  N N   . THR A 1 90  ? -9.058  1.322   -16.413 1.00 25.17 ? 1269 THR A N   1 
ATOM   635  C CA  . THR A 1 90  ? -9.094  2.685   -16.941 1.00 26.08 ? 1269 THR A CA  1 
ATOM   636  C C   . THR A 1 90  ? -10.459 3.365   -16.757 1.00 26.35 ? 1269 THR A C   1 
ATOM   637  O O   . THR A 1 90  ? -10.523 4.579   -16.518 1.00 28.06 ? 1269 THR A O   1 
ATOM   638  C CB  . THR A 1 90  ? -8.735  2.703   -18.444 1.00 26.46 ? 1269 THR A CB  1 
ATOM   639  N N   . ASN A 1 91  ? -11.535 2.586   -16.851 1.00 26.74 ? 1270 ASN A N   1 
ATOM   640  C CA  . ASN A 1 91  ? -12.910 3.115   -16.943 1.00 26.82 ? 1270 ASN A CA  1 
ATOM   641  C C   . ASN A 1 91  ? -13.712 3.134   -15.643 1.00 26.02 ? 1270 ASN A C   1 
ATOM   642  O O   . ASN A 1 91  ? -14.734 3.834   -15.563 1.00 26.91 ? 1270 ASN A O   1 
ATOM   643  C CB  . ASN A 1 91  ? -13.708 2.313   -17.986 1.00 27.16 ? 1270 ASN A CB  1 
ATOM   644  C CG  . ASN A 1 91  ? -13.197 2.515   -19.398 1.00 29.07 ? 1270 ASN A CG  1 
ATOM   645  O OD1 . ASN A 1 91  ? -12.671 3.580   -19.735 1.00 30.96 ? 1270 ASN A OD1 1 
ATOM   646  N ND2 . ASN A 1 91  ? -13.357 1.491   -20.239 1.00 30.47 ? 1270 ASN A ND2 1 
ATOM   647  N N   . SER A 1 92  ? -13.270 2.353   -14.654 1.00 24.27 ? 1271 SER A N   1 
ATOM   648  C CA  . SER A 1 92  ? -14.015 2.135   -13.410 1.00 22.21 ? 1271 SER A CA  1 
ATOM   649  C C   . SER A 1 92  ? -13.186 2.489   -12.170 1.00 20.28 ? 1271 SER A C   1 
ATOM   650  O O   . SER A 1 92  ? -12.171 1.837   -11.842 1.00 20.07 ? 1271 SER A O   1 
ATOM   651  C CB  . SER A 1 92  ? -14.495 0.681   -13.310 1.00 22.20 ? 1271 SER A CB  1 
ATOM   652  O OG  . SER A 1 92  ? -15.037 0.389   -12.031 1.00 21.94 ? 1271 SER A OG  1 
ATOM   653  N N   . ASP A 1 93  ? -13.637 3.533   -11.481 1.00 18.73 ? 1272 ASP A N   1 
ATOM   654  C CA  . ASP A 1 93  ? -13.061 3.923   -10.193 1.00 17.60 ? 1272 ASP A CA  1 
ATOM   655  C C   . ASP A 1 93  ? -13.072 2.740   -9.221  1.00 16.85 ? 1272 ASP A C   1 
ATOM   656  O O   . ASP A 1 93  ? -12.064 2.467   -8.553  1.00 14.64 ? 1272 ASP A O   1 
ATOM   657  C CB  . ASP A 1 93  ? -13.848 5.085   -9.566  1.00 18.18 ? 1272 ASP A CB  1 
ATOM   658  C CG  . ASP A 1 93  ? -13.931 6.318   -10.461 1.00 20.29 ? 1272 ASP A CG  1 
ATOM   659  O OD1 . ASP A 1 93  ? -13.100 6.477   -11.390 1.00 24.00 ? 1272 ASP A OD1 1 
ATOM   660  O OD2 . ASP A 1 93  ? -14.850 7.143   -10.205 1.00 24.49 ? 1272 ASP A OD2 1 
ATOM   661  N N   . HIS A 1 94  ? -14.185 2.018   -9.141  1.00 16.35 ? 1273 HIS A N   1 
ATOM   662  C CA  . HIS A 1 94  ? -14.310 0.939   -8.175  1.00 16.88 ? 1273 HIS A CA  1 
ATOM   663  C C   . HIS A 1 94  ? -13.372 -0.222  -8.473  1.00 15.68 ? 1273 HIS A C   1 
ATOM   664  O O   . HIS A 1 94  ? -12.874 -0.837  -7.526  1.00 14.76 ? 1273 HIS A O   1 
ATOM   665  C CB  . HIS A 1 94  ? -15.763 0.470   -8.049  1.00 18.10 ? 1273 HIS A CB  1 
ATOM   666  C CG  . HIS A 1 94  ? -16.648 1.464   -7.357  1.00 21.27 ? 1273 HIS A CG  1 
ATOM   667  N ND1 . HIS A 1 94  ? -17.985 1.230   -7.113  1.00 25.58 ? 1273 HIS A ND1 1 
ATOM   668  C CD2 . HIS A 1 94  ? -16.382 2.688   -6.843  1.00 23.31 ? 1273 HIS A CD2 1 
ATOM   669  C CE1 . HIS A 1 94  ? -18.509 2.277   -6.501  1.00 25.34 ? 1273 HIS A CE1 1 
ATOM   670  N NE2 . HIS A 1 94  ? -17.558 3.176   -6.324  1.00 25.33 ? 1273 HIS A NE2 1 
ATOM   671  N N   . ARG A 1 95  ? -13.112 -0.494  -9.752  1.00 14.35 ? 1274 ARG A N   1 
ATOM   672  C CA  . ARG A 1 95  ? -12.117 -1.497  -10.142 1.00 13.67 ? 1274 ARG A CA  1 
ATOM   673  C C   . ARG A 1 95  ? -10.738 -1.104  -9.616  1.00 12.02 ? 1274 ARG A C   1 
ATOM   674  O O   . ARG A 1 95  ? -10.022 -1.956  -9.071  1.00 12.28 ? 1274 ARG A O   1 
ATOM   675  C CB  . ARG A 1 95  ? -12.074 -1.678  -11.672 1.00 14.47 ? 1274 ARG A CB  1 
ATOM   676  C CG  . ARG A 1 95  ? -10.900 -2.502  -12.216 1.00 17.11 ? 1274 ARG A CG  1 
ATOM   677  C CD  . ARG A 1 95  ? -10.854 -3.894  -11.646 1.00 21.64 ? 1274 ARG A CD  1 
ATOM   678  N NE  . ARG A 1 95  ? -9.817  -4.713  -12.284 1.00 26.04 ? 1274 ARG A NE  1 
ATOM   679  C CZ  . ARG A 1 95  ? -9.983  -5.431  -13.397 1.00 29.29 ? 1274 ARG A CZ  1 
ATOM   680  N NH1 . ARG A 1 95  ? -11.148 -5.455  -14.029 1.00 29.93 ? 1274 ARG A NH1 1 
ATOM   681  N NH2 . ARG A 1 95  ? -8.966  -6.134  -13.882 1.00 31.43 ? 1274 ARG A NH2 1 
ATOM   682  N N   . ARG A 1 96  ? -10.361 0.155   -9.782  1.00 11.57 ? 1275 ARG A N   1 
ATOM   683  C CA  . ARG A 1 96  ? -9.061  0.612   -9.309  1.00 10.92 ? 1275 ARG A CA  1 
ATOM   684  C C   . ARG A 1 96  ? -9.005  0.512   -7.786  1.00 9.92  ? 1275 ARG A C   1 
ATOM   685  O O   . ARG A 1 96  ? -7.990  0.055   -7.243  1.00 10.01 ? 1275 ARG A O   1 
ATOM   686  C CB  . ARG A 1 96  ? -8.762  2.026   -9.796  1.00 11.03 ? 1275 ARG A CB  1 
ATOM   687  C CG  . ARG A 1 96  ? -8.637  2.145   -11.313 1.00 13.91 ? 1275 ARG A CG  1 
ATOM   688  C CD  . ARG A 1 96  ? -7.888  3.391   -11.760 1.00 15.97 ? 1275 ARG A CD  1 
ATOM   689  N NE  . ARG A 1 96  ? -8.551  4.652   -11.400 1.00 17.74 ? 1275 ARG A NE  1 
ATOM   690  C CZ  . ARG A 1 96  ? -9.665  5.133   -11.965 1.00 19.14 ? 1275 ARG A CZ  1 
ATOM   691  N NH1 . ARG A 1 96  ? -10.311 4.454   -12.920 1.00 20.93 ? 1275 ARG A NH1 1 
ATOM   692  N NH2 . ARG A 1 96  ? -10.152 6.301   -11.563 1.00 20.67 ? 1275 ARG A NH2 1 
ATOM   693  N N   . PHE A 1 97  ? -10.079 0.877   -7.102  1.00 8.94  ? 1276 PHE A N   1 
ATOM   694  C CA  . PHE A 1 97  ? -10.114 0.801   -5.634  1.00 8.80  ? 1276 PHE A CA  1 
ATOM   695  C C   . PHE A 1 97  ? -9.954  -0.645  -5.202  1.00 8.77  ? 1276 PHE A C   1 
ATOM   696  O O   . PHE A 1 97  ? -9.200  -0.949  -4.273  1.00 8.79  ? 1276 PHE A O   1 
ATOM   697  C CB  . PHE A 1 97  ? -11.407 1.359   -5.016  1.00 9.38  ? 1276 PHE A CB  1 
ATOM   698  C CG  . PHE A 1 97  ? -11.704 2.837   -5.304  1.00 9.34  ? 1276 PHE A CG  1 
ATOM   699  C CD1 . PHE A 1 97  ? -10.724 3.724   -5.698  1.00 9.97  ? 1276 PHE A CD1 1 
ATOM   700  C CD2 . PHE A 1 97  ? -12.995 3.322   -5.102  1.00 11.41 ? 1276 PHE A CD2 1 
ATOM   701  C CE1 . PHE A 1 97  ? -11.028 5.093   -5.921  1.00 11.04 ? 1276 PHE A CE1 1 
ATOM   702  C CE2 . PHE A 1 97  ? -13.306 4.690   -5.335  1.00 12.14 ? 1276 PHE A CE2 1 
ATOM   703  C CZ  . PHE A 1 97  ? -12.299 5.563   -5.715  1.00 11.60 ? 1276 PHE A CZ  1 
ATOM   704  N N   . ARG A 1 98  ? -10.670 -1.548  -5.871  1.00 9.35  ? 1277 ARG A N   1 
ATOM   705  C CA  A ARG A 1 98  ? -10.595 -2.965  -5.504  0.50 9.87  ? 1277 ARG A CA  1 
ATOM   706  C CA  B ARG A 1 98  ? -10.605 -2.974  -5.547  0.50 9.65  ? 1277 ARG A CA  1 
ATOM   707  C C   . ARG A 1 98  ? -9.199  -3.524  -5.728  1.00 8.68  ? 1277 ARG A C   1 
ATOM   708  O O   . ARG A 1 98  ? -8.668  -4.215  -4.860  1.00 8.43  ? 1277 ARG A O   1 
ATOM   709  C CB  A ARG A 1 98  ? -11.620 -3.810  -6.269  0.50 10.86 ? 1277 ARG A CB  1 
ATOM   710  C CB  B ARG A 1 98  ? -11.592 -3.754  -6.427  0.50 10.60 ? 1277 ARG A CB  1 
ATOM   711  C CG  A ARG A 1 98  ? -11.500 -5.298  -6.006  0.50 12.99 ? 1277 ARG A CG  1 
ATOM   712  C CG  B ARG A 1 98  ? -11.294 -5.226  -6.600  0.50 11.22 ? 1277 ARG A CG  1 
ATOM   713  C CD  A ARG A 1 98  ? -12.452 -6.114  -6.862  0.50 17.32 ? 1277 ARG A CD  1 
ATOM   714  C CD  B ARG A 1 98  ? -12.500 -5.954  -7.173  0.50 14.13 ? 1277 ARG A CD  1 
ATOM   715  N NE  A ARG A 1 98  ? -12.075 -6.102  -8.272  0.50 18.45 ? 1277 ARG A NE  1 
ATOM   716  N NE  B ARG A 1 98  ? -12.831 -5.555  -8.534  0.50 14.87 ? 1277 ARG A NE  1 
ATOM   717  C CZ  A ARG A 1 98  ? -11.068 -6.798  -8.797  0.50 22.08 ? 1277 ARG A CZ  1 
ATOM   718  C CZ  B ARG A 1 98  ? -13.829 -4.743  -8.857  0.50 16.17 ? 1277 ARG A CZ  1 
ATOM   719  N NH1 A ARG A 1 98  ? -10.809 -6.729  -10.092 0.50 22.04 ? 1277 ARG A NH1 1 
ATOM   720  N NH1 B ARG A 1 98  ? -14.073 -4.444  -10.130 0.50 18.21 ? 1277 ARG A NH1 1 
ATOM   721  N NH2 A ARG A 1 98  ? -10.312 -7.558  -8.030  0.50 24.23 ? 1277 ARG A NH2 1 
ATOM   722  N NH2 B ARG A 1 98  ? -14.577 -4.219  -7.910  0.50 15.49 ? 1277 ARG A NH2 1 
ATOM   723  N N   . ASP A 1 99  ? -8.620  -3.254  -6.878  1.00 9.07  ? 1278 ASP A N   1 
ATOM   724  C CA  . ASP A 1 99  ? -7.287  -3.771  -7.178  1.00 9.96  ? 1278 ASP A CA  1 
ATOM   725  C C   . ASP A 1 99  ? -6.261  -3.219  -6.200  1.00 8.07  ? 1278 ASP A C   1 
ATOM   726  O O   . ASP A 1 99  ? -5.371  -3.937  -5.773  1.00 7.73  ? 1278 ASP A O   1 
ATOM   727  C CB  . ASP A 1 99  ? -6.867  -3.417  -8.615  1.00 11.06 ? 1278 ASP A CB  1 
ATOM   728  C CG  . ASP A 1 99  ? -7.545  -4.262  -9.678  1.00 13.95 ? 1278 ASP A CG  1 
ATOM   729  O OD1 . ASP A 1 99  ? -8.230  -5.221  -9.341  1.00 15.53 ? 1278 ASP A OD1 1 
ATOM   730  O OD2 . ASP A 1 99  ? -7.311  -3.922  -10.858 1.00 17.47 ? 1278 ASP A OD2 1 
ATOM   731  N N   . LEU A 1 100 ? -6.340  -1.936  -5.846  1.00 7.77  ? 1279 LEU A N   1 
ATOM   732  C CA  . LEU A 1 100 ? -5.384  -1.358  -4.906  1.00 7.96  ? 1279 LEU A CA  1 
ATOM   733  C C   . LEU A 1 100 ? -5.622  -1.898  -3.514  1.00 7.34  ? 1279 LEU A C   1 
ATOM   734  O O   . LEU A 1 100 ? -4.669  -2.152  -2.793  1.00 7.13  ? 1279 LEU A O   1 
ATOM   735  C CB  . LEU A 1 100 ? -5.455  0.168   -4.947  1.00 8.99  ? 1279 LEU A CB  1 
ATOM   736  C CG  . LEU A 1 100 ? -4.903  0.796   -6.219  1.00 10.18 ? 1279 LEU A CG  1 
ATOM   737  C CD1 . LEU A 1 100 ? -5.250  2.321   -6.238  1.00 13.66 ? 1279 LEU A CD1 1 
ATOM   738  C CD2 . LEU A 1 100 ? -3.424  0.572   -6.352  1.00 12.02 ? 1279 LEU A CD2 1 
ATOM   739  N N   . ASN A 1 101 ? -6.866  -2.107  -3.121  1.00 7.27  ? 1280 ASN A N   1 
ATOM   740  C CA  . ASN A 1 101 ? -7.123  -2.750  -1.849  1.00 7.38  ? 1280 ASN A CA  1 
ATOM   741  C C   . ASN A 1 101 ? -6.510  -4.130  -1.767  1.00 6.99  ? 1280 ASN A C   1 
ATOM   742  O O   . ASN A 1 101 ? -5.913  -4.511  -0.753  1.00 7.43  ? 1280 ASN A O   1 
ATOM   743  C CB  . ASN A 1 101 ? -8.624  -2.835  -1.521  1.00 8.37  ? 1280 ASN A CB  1 
ATOM   744  C CG  . ASN A 1 101 ? -9.139  -1.606  -0.826  1.00 9.91  ? 1280 ASN A CG  1 
ATOM   745  O OD1 . ASN A 1 101 ? -8.372  -0.853  -0.243  1.00 11.20 ? 1280 ASN A OD1 1 
ATOM   746  N ND2 . ASN A 1 101 ? -10.432 -1.404  -0.866  1.00 11.14 ? 1280 ASN A ND2 1 
ATOM   747  N N   . HIS A 1 102 ? -6.688  -4.927  -2.821  1.00 7.44  ? 1281 HIS A N   1 
ATOM   748  C CA  . HIS A 1 102 ? -6.124  -6.271  -2.823  1.00 7.06  ? 1281 HIS A CA  1 
ATOM   749  C C   . HIS A 1 102 ? -4.601  -6.231  -2.824  1.00 6.79  ? 1281 HIS A C   1 
ATOM   750  O O   . HIS A 1 102 ? -3.964  -7.002  -2.108  1.00 6.83  ? 1281 HIS A O   1 
ATOM   751  C CB  . HIS A 1 102 ? -6.679  -7.052  -3.999  1.00 7.70  ? 1281 HIS A CB  1 
ATOM   752  C CG  . HIS A 1 102 ? -6.242  -8.478  -4.032  1.00 7.67  ? 1281 HIS A CG  1 
ATOM   753  N ND1 . HIS A 1 102 ? -6.317  -9.289  -2.926  1.00 9.26  ? 1281 HIS A ND1 1 
ATOM   754  C CD2 . HIS A 1 102 ? -5.718  -9.231  -5.022  1.00 8.89  ? 1281 HIS A CD2 1 
ATOM   755  C CE1 . HIS A 1 102 ? -5.858  -10.495 -3.237  1.00 10.30 ? 1281 HIS A CE1 1 
ATOM   756  N NE2 . HIS A 1 102 ? -5.501  -10.488 -4.500  1.00 10.27 ? 1281 HIS A NE2 1 
ATOM   757  N N   . TYR A 1 103 ? -4.019  -5.297  -3.552  1.00 6.42  ? 1282 TYR A N   1 
ATOM   758  C CA  . TYR A 1 103 ? -2.578  -5.142  -3.537  1.00 7.04  ? 1282 TYR A CA  1 
ATOM   759  C C   . TYR A 1 103 ? -2.080  -4.814  -2.120  1.00 6.09  ? 1282 TYR A C   1 
ATOM   760  O O   . TYR A 1 103 ? -1.118  -5.386  -1.632  1.00 6.56  ? 1282 TYR A O   1 
ATOM   761  C CB  . TYR A 1 103 ? -2.130  -4.057  -4.540  1.00 6.73  ? 1282 TYR A CB  1 
ATOM   762  C CG  . TYR A 1 103 ? -0.654  -3.830  -4.491  1.00 6.96  ? 1282 TYR A CG  1 
ATOM   763  C CD1 . TYR A 1 103 ? 0.223   -4.750  -5.031  1.00 7.14  ? 1282 TYR A CD1 1 
ATOM   764  C CD2 . TYR A 1 103 ? -0.116  -2.724  -3.833  1.00 7.94  ? 1282 TYR A CD2 1 
ATOM   765  C CE1 . TYR A 1 103 ? 1.597   -4.577  -4.926  1.00 8.13  ? 1282 TYR A CE1 1 
ATOM   766  C CE2 . TYR A 1 103 ? 1.259   -2.561  -3.721  1.00 8.71  ? 1282 TYR A CE2 1 
ATOM   767  C CZ  . TYR A 1 103 ? 2.099   -3.452  -4.283  1.00 7.97  ? 1282 TYR A CZ  1 
ATOM   768  O OH  . TYR A 1 103 ? 3.461   -3.259  -4.159  1.00 10.94 ? 1282 TYR A OH  1 
ATOM   769  N N   . MET A 1 104 ? -2.714  -3.832  -1.475  1.00 6.20  ? 1283 MET A N   1 
ATOM   770  C CA  . MET A 1 104 ? -2.287  -3.398  -0.151  1.00 6.59  ? 1283 MET A CA  1 
ATOM   771  C C   . MET A 1 104 ? -2.415  -4.492  0.892   1.00 6.19  ? 1283 MET A C   1 
ATOM   772  O O   . MET A 1 104 ? -1.514  -4.643  1.719   1.00 6.81  ? 1283 MET A O   1 
ATOM   773  C CB  . MET A 1 104 ? -3.040  -2.135  0.294   1.00 6.39  ? 1283 MET A CB  1 
ATOM   774  C CG  . MET A 1 104 ? -2.677  -0.918  -0.520  1.00 5.87  ? 1283 MET A CG  1 
ATOM   775  S SD  . MET A 1 104 ? -3.366  0.624   0.125   1.00 7.03  ? 1283 MET A SD  1 
ATOM   776  C CE  . MET A 1 104 ? -5.137  0.310   -0.086  1.00 8.90  ? 1283 MET A CE  1 
ATOM   777  N N   . GLU A 1 105 ? -3.507  -5.246  0.868   1.00 6.47  ? 1284 GLU A N   1 
ATOM   778  C CA  . GLU A 1 105 ? -3.624  -6.287  1.874   1.00 8.02  ? 1284 GLU A CA  1 
ATOM   779  C C   . GLU A 1 105 ? -2.534  -7.335  1.676   1.00 7.20  ? 1284 GLU A C   1 
ATOM   780  O O   . GLU A 1 105 ? -1.973  -7.849  2.647   1.00 9.60  ? 1284 GLU A O   1 
ATOM   781  C CB  . GLU A 1 105 ? -5.004  -6.919  1.858   1.00 8.53  ? 1284 GLU A CB  1 
ATOM   782  C CG  . GLU A 1 105 ? -5.330  -7.844  0.689   1.00 13.36 ? 1284 GLU A CG  1 
ATOM   783  C CD  . GLU A 1 105 ? -6.797  -8.282  0.637   1.00 15.83 ? 1284 GLU A CD  1 
ATOM   784  O OE1 . GLU A 1 105 ? -7.405  -8.388  1.736   1.00 19.71 ? 1284 GLU A OE1 1 
ATOM   785  O OE2 . GLU A 1 105 ? -7.331  -8.565  -0.478  1.00 14.15 ? 1284 GLU A OE2 1 
ATOM   786  N N   . GLN A 1 106 ? -2.157  -7.637  0.431   1.00 6.25  ? 1285 GLN A N   1 
ATOM   787  C CA  . GLN A 1 106 ? -1.070  -8.574  0.205   1.00 6.22  ? 1285 GLN A CA  1 
ATOM   788  C C   . GLN A 1 106 ? 0.300   -7.996  0.548   1.00 5.50  ? 1285 GLN A C   1 
ATOM   789  O O   . GLN A 1 106 ? 1.133   -8.693  1.123   1.00 5.99  ? 1285 GLN A O   1 
ATOM   790  C CB  . GLN A 1 106 ? -1.072  -9.062  -1.228  1.00 5.99  ? 1285 GLN A CB  1 
ATOM   791  C CG  . GLN A 1 106 ? -2.278  -9.875  -1.625  1.00 7.29  ? 1285 GLN A CG  1 
ATOM   792  C CD  . GLN A 1 106 ? -2.301  -10.020 -3.137  1.00 9.74  ? 1285 GLN A CD  1 
ATOM   793  O OE1 . GLN A 1 106 ? -2.702  -9.080  -3.834  1.00 13.74 ? 1285 GLN A OE1 1 
ATOM   794  N NE2 . GLN A 1 106 ? -1.749  -11.085 -3.638  1.00 9.62  ? 1285 GLN A NE2 1 
ATOM   795  N N   . ILE A 1 107 ? 0.578   -6.741  0.200   1.00 6.36  ? 1286 ILE A N   1 
ATOM   796  C CA  . ILE A 1 107 ? 1.920   -6.205  0.410   1.00 6.04  ? 1286 ILE A CA  1 
ATOM   797  C C   . ILE A 1 107 ? 2.245   -6.027  1.886   1.00 5.81  ? 1286 ILE A C   1 
ATOM   798  O O   . ILE A 1 107 ? 3.406   -5.992  2.256   1.00 7.05  ? 1286 ILE A O   1 
ATOM   799  C CB  . ILE A 1 107 ? 2.141   -4.891  -0.399  1.00 6.56  ? 1286 ILE A CB  1 
ATOM   800  C CG1 . ILE A 1 107 ? 3.603   -4.671  -0.763  1.00 7.66  ? 1286 ILE A CG1 1 
ATOM   801  C CG2 . ILE A 1 107 ? 1.552   -3.665  0.290   1.00 6.80  ? 1286 ILE A CG2 1 
ATOM   802  C CD1 . ILE A 1 107 ? 4.175   -5.746  -1.731  1.00 8.96  ? 1286 ILE A CD1 1 
ATOM   803  N N   . LEU A 1 108 ? 1.204   -5.949  2.721   1.00 5.92  ? 1287 LEU A N   1 
ATOM   804  C CA  . LEU A 1 108 ? 1.349   -5.837  4.174   1.00 7.19  ? 1287 LEU A CA  1 
ATOM   805  C C   . LEU A 1 108 ? 1.342   -7.207  4.851   1.00 7.79  ? 1287 LEU A C   1 
ATOM   806  O O   . LEU A 1 108 ? 1.369   -7.305  6.085   1.00 8.89  ? 1287 LEU A O   1 
ATOM   807  C CB  . LEU A 1 108 ? 0.245   -4.947  4.750   1.00 7.11  ? 1287 LEU A CB  1 
ATOM   808  C CG  . LEU A 1 108 ? 0.325   -3.476  4.336   1.00 7.87  ? 1287 LEU A CG  1 
ATOM   809  C CD1 . LEU A 1 108 ? -0.952  -2.752  4.779   1.00 9.45  ? 1287 LEU A CD1 1 
ATOM   810  C CD2 . LEU A 1 108 ? 1.557   -2.808  4.915   1.00 10.17 ? 1287 LEU A CD2 1 
ATOM   811  N N   . ASN A 1 109 ? 1.318   -8.279  4.060   1.00 7.31  ? 1288 ASN A N   1 
ATOM   812  C CA  . ASN A 1 109 ? 1.332   -9.622  4.596   1.00 8.35  ? 1288 ASN A CA  1 
ATOM   813  C C   . ASN A 1 109 ? 2.342   -10.515 3.921   1.00 7.72  ? 1288 ASN A C   1 
ATOM   814  O O   . ASN A 1 109 ? 2.162   -11.738 3.904   1.00 8.43  ? 1288 ASN A O   1 
ATOM   815  C CB  . ASN A 1 109 ? -0.069  -10.163 4.478   1.00 9.04  ? 1288 ASN A CB  1 
ATOM   816  C CG  A ASN A 1 109 ? -0.965  -9.708  5.633   0.50 9.02  ? 1288 ASN A CG  1 
ATOM   817  C CG  B ASN A 1 109 ? -0.325  -11.350 5.348   0.50 11.88 ? 1288 ASN A CG  1 
ATOM   818  O OD1 A ASN A 1 109 ? -0.783  -10.103 6.785   0.50 10.92 ? 1288 ASN A OD1 1 
ATOM   819  O OD1 B ASN A 1 109 ? 0.020   -11.383 6.521   0.50 15.07 ? 1288 ASN A OD1 1 
ATOM   820  N ND2 A ASN A 1 109 ? -1.871  -8.783  5.334   0.50 9.77  ? 1288 ASN A ND2 1 
ATOM   821  N ND2 B ASN A 1 109 ? -0.855  -12.399 4.730   0.50 12.29 ? 1288 ASN A ND2 1 
ATOM   822  N N   . VAL A 1 110 ? 3.421   -9.955  3.391   1.00 7.15  ? 1289 VAL A N   1 
ATOM   823  C CA  . VAL A 1 110 ? 4.518   -10.748 2.851   1.00 7.52  ? 1289 VAL A CA  1 
ATOM   824  C C   . VAL A 1 110 ? 5.456   -11.179 3.964   1.00 8.50  ? 1289 VAL A C   1 
ATOM   825  O O   . VAL A 1 110 ? 5.689   -12.395 4.181   1.00 8.58  ? 1289 VAL A O   1 
ATOM   826  C CB  . VAL A 1 110 ? 5.304   -9.986  1.773   1.00 7.16  ? 1289 VAL A CB  1 
ATOM   827  C CG1 . VAL A 1 110 ? 6.456   -10.808 1.288   1.00 7.48  ? 1289 VAL A CG1 1 
ATOM   828  C CG2 . VAL A 1 110 ? 4.391   -9.608  0.616   1.00 7.80  ? 1289 VAL A CG2 1 
ATOM   829  N N   . SER A 1 111 ? 5.999   -10.219 4.715   1.00 8.62  ? 1290 SER A N   1 
ATOM   830  C CA  . SER A 1 111 ? 6.890   -10.550 5.834   1.00 9.78  ? 1290 SER A CA  1 
ATOM   831  C C   . SER A 1 111 ? 7.011   -9.351  6.750   1.00 9.75  ? 1290 SER A C   1 
ATOM   832  O O   . SER A 1 111 ? 6.733   -8.191  6.369   1.00 9.26  ? 1290 SER A O   1 
ATOM   833  C CB  . SER A 1 111 ? 8.270   -10.948 5.336   1.00 11.31 ? 1290 SER A CB  1 
ATOM   834  O OG  . SER A 1 111 ? 9.017   -9.826  4.972   1.00 11.58 ? 1290 SER A OG  1 
ATOM   835  N N   . HIS A 1 112 ? 7.487   -9.629  7.957   1.00 11.50 ? 1291 HIS A N   1 
ATOM   836  C CA  . HIS A 1 112 ? 7.797   -8.587  8.917   1.00 12.22 ? 1291 HIS A CA  1 
ATOM   837  C C   . HIS A 1 112 ? 8.719   -7.523  8.341   1.00 10.64 ? 1291 HIS A C   1 
ATOM   838  O O   . HIS A 1 112 ? 8.528   -6.319  8.546   1.00 10.22 ? 1291 HIS A O   1 
ATOM   839  C CB  . HIS A 1 112 ? 8.489   -9.254  10.111  1.00 14.30 ? 1291 HIS A CB  1 
ATOM   840  C CG  . HIS A 1 112 ? 8.728   -8.330  11.245  1.00 17.31 ? 1291 HIS A CG  1 
ATOM   841  N ND1 . HIS A 1 112 ? 9.944   -7.724  11.460  1.00 22.25 ? 1291 HIS A ND1 1 
ATOM   842  C CD2 . HIS A 1 112 ? 7.891   -7.856  12.198  1.00 18.92 ? 1291 HIS A CD2 1 
ATOM   843  C CE1 . HIS A 1 112 ? 9.854   -6.938  12.520  1.00 20.54 ? 1291 HIS A CE1 1 
ATOM   844  N NE2 . HIS A 1 112 ? 8.621   -7.002  12.988  1.00 22.27 ? 1291 HIS A NE2 1 
ATOM   845  N N   . GLU A 1 113 ? 9.724   -7.971  7.613   1.00 10.32 ? 1292 GLU A N   1 
ATOM   846  C CA  . GLU A 1 113 ? 10.710  -7.074  7.064   1.00 11.44 ? 1292 GLU A CA  1 
ATOM   847  C C   . GLU A 1 113 ? 10.152  -6.154  5.974   1.00 9.65  ? 1292 GLU A C   1 
ATOM   848  O O   . GLU A 1 113 ? 10.581  -5.016  5.849   1.00 10.26 ? 1292 GLU A O   1 
ATOM   849  C CB  . GLU A 1 113 ? 11.928  -7.840  6.535   1.00 12.49 ? 1292 GLU A CB  1 
ATOM   850  C CG  . GLU A 1 113 ? 12.795  -8.489  7.627   1.00 16.89 ? 1292 GLU A CG  1 
ATOM   851  C CD  . GLU A 1 113 ? 12.119  -9.690  8.315   1.00 22.29 ? 1292 GLU A CD  1 
ATOM   852  O OE1 . GLU A 1 113 ? 11.377  -10.467 7.661   1.00 21.70 ? 1292 GLU A OE1 1 
ATOM   853  O OE2 . GLU A 1 113 ? 12.339  -9.869  9.537   1.00 27.11 ? 1292 GLU A OE2 1 
ATOM   854  N N   . VAL A 1 114 ? 9.200   -6.646  5.183   1.00 8.77  ? 1293 VAL A N   1 
ATOM   855  C CA  . VAL A 1 114 ? 8.556   -5.801  4.200   1.00 7.66  ? 1293 VAL A CA  1 
ATOM   856  C C   . VAL A 1 114 ? 7.652   -4.790  4.904   1.00 7.36  ? 1293 VAL A C   1 
ATOM   857  O O   . VAL A 1 114 ? 7.726   -3.592  4.639   1.00 7.62  ? 1293 VAL A O   1 
ATOM   858  C CB  . VAL A 1 114 ? 7.761   -6.647  3.203   1.00 6.85  ? 1293 VAL A CB  1 
ATOM   859  C CG1 . VAL A 1 114 ? 6.931   -5.735  2.302   1.00 7.33  ? 1293 VAL A CG1 1 
ATOM   860  C CG2 . VAL A 1 114 ? 8.693   -7.517  2.358   1.00 8.16  ? 1293 VAL A CG2 1 
ATOM   861  N N   . THR A 1 115 ? 6.800   -5.259  5.798   1.00 7.46  ? 1294 THR A N   1 
ATOM   862  C CA  . THR A 1 115 ? 5.837   -4.397  6.459   1.00 8.14  ? 1294 THR A CA  1 
ATOM   863  C C   . THR A 1 115 ? 6.506   -3.291  7.264   1.00 8.69  ? 1294 THR A C   1 
ATOM   864  O O   . THR A 1 115 ? 5.941   -2.195  7.398   1.00 9.34  ? 1294 THR A O   1 
ATOM   865  C CB  . THR A 1 115 ? 4.933   -5.240  7.345   1.00 8.37  ? 1294 THR A CB  1 
ATOM   866  O OG1 . THR A 1 115 ? 4.211   -6.150  6.510   1.00 10.31 ? 1294 THR A OG1 1 
ATOM   867  C CG2 . THR A 1 115 ? 3.916   -4.421  8.145   1.00 11.64 ? 1294 THR A CG2 1 
ATOM   868  N N   . ASN A 1 116 ? 7.698   -3.561  7.786   1.00 8.70  ? 1295 ASN A N   1 
ATOM   869  C CA  . ASN A 1 116 ? 8.415   -2.594  8.623   1.00 9.96  ? 1295 ASN A CA  1 
ATOM   870  C C   . ASN A 1 116 ? 9.586   -1.968  7.907   1.00 10.26 ? 1295 ASN A C   1 
ATOM   871  O O   . ASN A 1 116 ? 10.437  -1.330  8.542   1.00 13.37 ? 1295 ASN A O   1 
ATOM   872  C CB  . ASN A 1 116 ? 8.829   -3.285  9.917   1.00 10.87 ? 1295 ASN A CB  1 
ATOM   873  C CG  . ASN A 1 116 ? 7.635   -3.698  10.736  1.00 12.06 ? 1295 ASN A CG  1 
ATOM   874  O OD1 . ASN A 1 116 ? 6.960   -2.853  11.342  1.00 16.51 ? 1295 ASN A OD1 1 
ATOM   875  N ND2 . ASN A 1 116 ? 7.327   -4.982  10.738  1.00 16.43 ? 1295 ASN A ND2 1 
ATOM   876  N N   . SER A 1 117 ? 9.636   -2.080  6.588   1.00 9.91  ? 1296 SER A N   1 
ATOM   877  C CA  . SER A 1 117 ? 10.668  -1.462  5.795   1.00 10.03 ? 1296 SER A CA  1 
ATOM   878  C C   . SER A 1 117 ? 10.446  0.047   5.775   1.00 10.62 ? 1296 SER A C   1 
ATOM   879  O O   . SER A 1 117 ? 9.320   0.542   5.859   1.00 9.87  ? 1296 SER A O   1 
ATOM   880  C CB  . SER A 1 117 ? 10.689  -2.012  4.361   1.00 10.99 ? 1296 SER A CB  1 
ATOM   881  O OG  . SER A 1 117 ? 9.520   -1.675  3.658   1.00 9.43  ? 1296 SER A OG  1 
ATOM   882  N N   . ASP A 1 118 ? 11.536  0.776   5.606   1.00 11.02 ? 1297 ASP A N   1 
ATOM   883  C CA  . ASP A 1 118 ? 11.446  2.212   5.474   1.00 11.04 ? 1297 ASP A CA  1 
ATOM   884  C C   . ASP A 1 118 ? 10.570  2.612   4.305   1.00 10.77 ? 1297 ASP A C   1 
ATOM   885  O O   . ASP A 1 118 ? 9.806   3.565   4.397   1.00 10.14 ? 1297 ASP A O   1 
ATOM   886  C CB  . ASP A 1 118 ? 12.848  2.816   5.324   1.00 12.45 ? 1297 ASP A CB  1 
ATOM   887  C CG  . ASP A 1 118 ? 12.825  4.338   5.261   1.00 14.95 ? 1297 ASP A CG  1 
ATOM   888  O OD1 . ASP A 1 118 ? 12.181  4.992   6.109   1.00 16.14 ? 1297 ASP A OD1 1 
ATOM   889  O OD2 . ASP A 1 118 ? 13.427  4.886   4.331   1.00 22.21 ? 1297 ASP A OD2 1 
ATOM   890  N N   A CYS A 1 119 ? 10.629  1.943   3.140   0.50 10.01 ? 1298 CYS A N   1 
ATOM   891  N N   B CYS A 1 119 ? 10.692  1.835   3.252   0.50 10.57 ? 1298 CYS A N   1 
ATOM   892  C CA  A CYS A 1 119 ? 9.764   2.396   2.022   0.50 9.69  ? 1298 CYS A CA  1 
ATOM   893  C CA  B CYS A 1 119 ? 9.952   2.039   2.071   0.50 10.26 ? 1298 CYS A CA  1 
ATOM   894  C C   A CYS A 1 119 ? 8.281   2.137   2.293   0.50 8.12  ? 1298 CYS A C   1 
ATOM   895  C C   B CYS A 1 119 ? 8.430   2.063   2.306   0.50 8.85  ? 1298 CYS A C   1 
ATOM   896  O O   A CYS A 1 119 ? 7.438   2.946   1.905   0.50 8.34  ? 1298 CYS A O   1 
ATOM   897  O O   B CYS A 1 119 ? 7.741   2.971   1.915   0.50 8.69  ? 1298 CYS A O   1 
ATOM   898  C CB  A CYS A 1 119 ? 10.184  1.860   0.632   0.50 8.92  ? 1298 CYS A CB  1 
ATOM   899  C CB  B CYS A 1 119 ? 10.347  0.925   1.124   0.50 10.27 ? 1298 CYS A CB  1 
ATOM   900  S SG  A CYS A 1 119 ? 9.922   0.122   0.283   0.50 10.63 ? 1298 CYS A SG  1 
ATOM   901  S SG  B CYS A 1 119 ? 9.647   1.123   -0.421  0.50 13.83 ? 1298 CYS A SG  1 
ATOM   902  N N   . VAL A 1 120 ? 7.945   1.019   2.943   1.00 8.21  ? 1299 VAL A N   1 
ATOM   903  C CA  . VAL A 1 120 ? 6.526   0.813   3.243   1.00 7.11  ? 1299 VAL A CA  1 
ATOM   904  C C   . VAL A 1 120 ? 6.027   1.822   4.302   1.00 6.99  ? 1299 VAL A C   1 
ATOM   905  O O   . VAL A 1 120 ? 4.975   2.417   4.151   1.00 7.02  ? 1299 VAL A O   1 
ATOM   906  C CB  . VAL A 1 120 ? 6.278   -0.640  3.682   1.00 6.53  ? 1299 VAL A CB  1 
ATOM   907  C CG1 . VAL A 1 120 ? 4.913   -0.820  4.265   1.00 7.76  ? 1299 VAL A CG1 1 
ATOM   908  C CG2 . VAL A 1 120 ? 6.450   -1.589  2.458   1.00 7.52  ? 1299 VAL A CG2 1 
ATOM   909  N N   . LEU A 1 121 ? 6.789   1.974   5.378   1.00 8.29  ? 1300 LEU A N   1 
ATOM   910  C CA  . LEU A 1 121 ? 6.399   2.936   6.419   1.00 8.32  ? 1300 LEU A CA  1 
ATOM   911  C C   . LEU A 1 121 ? 6.327   4.356   5.864   1.00 8.24  ? 1300 LEU A C   1 
ATOM   912  O O   . LEU A 1 121 ? 5.362   5.084   6.156   1.00 8.22  ? 1300 LEU A O   1 
ATOM   913  C CB  . LEU A 1 121 ? 7.291   2.823   7.646   1.00 9.43  ? 1300 LEU A CB  1 
ATOM   914  C CG  . LEU A 1 121 ? 7.053   1.588   8.517   1.00 9.93  ? 1300 LEU A CG  1 
ATOM   915  C CD1 . LEU A 1 121 ? 8.223   1.286   9.421   1.00 13.52 ? 1300 LEU A CD1 1 
ATOM   916  C CD2 . LEU A 1 121 ? 5.803   1.762   9.361   1.00 14.68 ? 1300 LEU A CD2 1 
ATOM   917  N N   . SER A 1 122 ? 7.288   4.728   5.033   1.00 8.35  ? 1301 SER A N   1 
ATOM   918  C CA  . SER A 1 122 ? 7.310   6.064   4.463   1.00 9.89  ? 1301 SER A CA  1 
ATOM   919  C C   . SER A 1 122 ? 6.142   6.283   3.527   1.00 9.77  ? 1301 SER A C   1 
ATOM   920  O O   . SER A 1 122 ? 5.591   7.380   3.471   1.00 11.52 ? 1301 SER A O   1 
ATOM   921  C CB  . SER A 1 122 ? 8.611   6.345   3.732   1.00 10.51 ? 1301 SER A CB  1 
ATOM   922  O OG  . SER A 1 122 ? 9.704   6.376   4.632   1.00 13.21 ? 1301 SER A OG  1 
ATOM   923  N N   . PHE A 1 123 ? 5.746   5.249   2.769   1.00 8.13  ? 1302 PHE A N   1 
ATOM   924  C CA  . PHE A 1 123 ? 4.601   5.347   1.880   1.00 7.41  ? 1302 PHE A CA  1 
ATOM   925  C C   . PHE A 1 123 ? 3.313   5.553   2.671   1.00 6.60  ? 1302 PHE A C   1 
ATOM   926  O O   . PHE A 1 123 ? 2.545   6.455   2.394   1.00 8.08  ? 1302 PHE A O   1 
ATOM   927  C CB  . PHE A 1 123 ? 4.513   4.077   0.997   1.00 7.43  ? 1302 PHE A CB  1 
ATOM   928  C CG  . PHE A 1 123 ? 3.385   4.058   0.031   1.00 7.89  ? 1302 PHE A CG  1 
ATOM   929  C CD1 . PHE A 1 123 ? 3.534   4.559   -1.265  1.00 8.14  ? 1302 PHE A CD1 1 
ATOM   930  C CD2 . PHE A 1 123 ? 2.180   3.495   0.376   1.00 7.17  ? 1302 PHE A CD2 1 
ATOM   931  C CE1 . PHE A 1 123 ? 2.512   4.526   -2.154  1.00 8.89  ? 1302 PHE A CE1 1 
ATOM   932  C CE2 . PHE A 1 123 ? 1.152   3.434   -0.520  1.00 7.95  ? 1302 PHE A CE2 1 
ATOM   933  C CZ  . PHE A 1 123 ? 1.322   3.962   -1.819  1.00 8.51  ? 1302 PHE A CZ  1 
ATOM   934  N N   . PHE A 1 124 ? 3.069   4.676   3.637   1.00 6.62  ? 1303 PHE A N   1 
ATOM   935  C CA  . PHE A 1 124 ? 1.805   4.693   4.319   1.00 6.65  ? 1303 PHE A CA  1 
ATOM   936  C C   . PHE A 1 124 ? 1.659   5.766   5.384   1.00 6.67  ? 1303 PHE A C   1 
ATOM   937  O O   . PHE A 1 124 ? 0.540   6.174   5.661   1.00 7.49  ? 1303 PHE A O   1 
ATOM   938  C CB  . PHE A 1 124 ? 1.493   3.332   4.921   1.00 6.52  ? 1303 PHE A CB  1 
ATOM   939  C CG  . PHE A 1 124 ? 1.100   2.315   3.881   1.00 6.40  ? 1303 PHE A CG  1 
ATOM   940  C CD1 . PHE A 1 124 ? -0.119  2.408   3.244   1.00 7.21  ? 1303 PHE A CD1 1 
ATOM   941  C CD2 . PHE A 1 124 ? 1.956   1.296   3.519   1.00 7.39  ? 1303 PHE A CD2 1 
ATOM   942  C CE1 . PHE A 1 124 ? -0.481  1.491   2.247   1.00 8.95  ? 1303 PHE A CE1 1 
ATOM   943  C CE2 . PHE A 1 124 ? 1.584   0.360   2.548   1.00 8.28  ? 1303 PHE A CE2 1 
ATOM   944  C CZ  . PHE A 1 124 ? 0.357   0.484   1.911   1.00 9.23  ? 1303 PHE A CZ  1 
ATOM   945  N N   . LEU A 1 125 ? 2.762   6.198   5.972   1.00 6.55  ? 1304 LEU A N   1 
ATOM   946  C CA  . LEU A 1 125 ? 2.674   7.093   7.125   1.00 7.30  ? 1304 LEU A CA  1 
ATOM   947  C C   . LEU A 1 125 ? 2.999   8.542   6.769   1.00 8.63  ? 1304 LEU A C   1 
ATOM   948  O O   . LEU A 1 125 ? 2.806   9.443   7.617   1.00 11.11 ? 1304 LEU A O   1 
ATOM   949  C CB  . LEU A 1 125 ? 3.486   6.553   8.281   1.00 7.95  ? 1304 LEU A CB  1 
ATOM   950  C CG  . LEU A 1 125 ? 3.033   5.152   8.734   1.00 8.54  ? 1304 LEU A CG  1 
ATOM   951  C CD1 . LEU A 1 125 ? 3.781   4.745   9.999   1.00 9.00  ? 1304 LEU A CD1 1 
ATOM   952  C CD2 . LEU A 1 125 ? 1.551   5.081   8.971   1.00 10.41 ? 1304 LEU A CD2 1 
ATOM   953  N N   . SER A 1 126 ? 3.405   8.821   5.556   1.00 8.15  ? 1305 SER A N   1 
ATOM   954  C CA  . SER A 1 126 ? 3.534   10.207  5.076   1.00 7.88  ? 1305 SER A CA  1 
ATOM   955  C C   . SER A 1 126 ? 2.153   10.751  4.776   1.00 7.79  ? 1305 SER A C   1 
ATOM   956  O O   . SER A 1 126 ? 1.171   10.003  4.680   1.00 7.97  ? 1305 SER A O   1 
ATOM   957  C CB  . SER A 1 126 ? 4.417   10.247  3.837   1.00 8.08  ? 1305 SER A CB  1 
ATOM   958  O OG  . SER A 1 126 ? 3.897   9.392   2.815   1.00 8.77  ? 1305 SER A OG  1 
ATOM   959  N N   . GLU A 1 127 ? 2.051   12.069  4.605   1.00 7.65  ? 1306 GLU A N   1 
ATOM   960  C CA  . GLU A 1 127 ? 0.806   12.649  4.095   1.00 8.41  ? 1306 GLU A CA  1 
ATOM   961  C C   . GLU A 1 127 ? 0.532   12.226  2.665   1.00 9.15  ? 1306 GLU A C   1 
ATOM   962  O O   . GLU A 1 127 ? -0.644  12.218  2.234   1.00 10.20 ? 1306 GLU A O   1 
ATOM   963  C CB  . GLU A 1 127 ? 0.851   14.183  4.169   1.00 8.02  ? 1306 GLU A CB  1 
ATOM   964  C CG  . GLU A 1 127 ? 0.975   14.715  5.596   1.00 8.24  ? 1306 GLU A CG  1 
ATOM   965  C CD  . GLU A 1 127 ? -0.162  14.243  6.466   1.00 9.47  ? 1306 GLU A CD  1 
ATOM   966  O OE1 . GLU A 1 127 ? -1.326  14.571  6.150   1.00 9.91  ? 1306 GLU A OE1 1 
ATOM   967  O OE2 . GLU A 1 127 ? 0.119   13.486  7.413   1.00 10.61 ? 1306 GLU A OE2 1 
ATOM   968  O OXT . GLU A 1 127 ? 1.459   11.928  1.946   1.00 10.60 ? 1306 GLU A OXT 1 
HETATM 969  O O   . HOH B 2 .   ? 3.847   -2.435  21.353  1.00 14.86 ? 2001 HOH A O   1 
HETATM 970  O O   . HOH B 2 .   ? 6.356   -1.460  21.749  1.00 17.37 ? 2002 HOH A O   1 
HETATM 971  O O   . HOH B 2 .   ? 7.790   0.392   17.472  1.00 20.71 ? 2003 HOH A O   1 
HETATM 972  O O   . HOH B 2 .   ? 5.248   -8.175  14.515  1.00 21.53 ? 2004 HOH A O   1 
HETATM 973  O O   . HOH B 2 .   ? 13.320  -8.225  18.617  1.00 36.94 ? 2005 HOH A O   1 
HETATM 974  O O   . HOH B 2 .   ? 5.294   0.927   18.350  1.00 16.48 ? 2006 HOH A O   1 
HETATM 975  O O   . HOH B 2 .   ? 5.494   -10.166 11.546  1.00 40.41 ? 2007 HOH A O   1 
HETATM 976  O O   . HOH B 2 .   ? -8.234  -3.553  5.137   1.00 18.95 ? 2008 HOH A O   1 
HETATM 977  O O   . HOH B 2 .   ? -13.695 11.124  1.818   1.00 34.95 ? 2009 HOH A O   1 
HETATM 978  O O   . HOH B 2 .   ? -14.306 12.665  -4.326  1.00 38.78 ? 2010 HOH A O   1 
HETATM 979  O O   . HOH B 2 .   ? -12.084 13.306  2.589   1.00 23.17 ? 2011 HOH A O   1 
HETATM 980  O O   . HOH B 2 .   ? -4.147  5.769   -13.033 1.00 27.02 ? 2012 HOH A O   1 
HETATM 981  O O   . HOH B 2 .   ? -12.043 9.058   7.774   1.00 21.60 ? 2013 HOH A O   1 
HETATM 982  O O   . HOH B 2 .   ? -14.085 7.315   7.172   1.00 40.13 ? 2014 HOH A O   1 
HETATM 983  O O   . HOH B 2 .   ? -4.342  7.433   21.486  1.00 23.84 ? 2015 HOH A O   1 
HETATM 984  O O   . HOH B 2 .   ? -0.923  16.623  1.970   1.00 11.64 ? 2016 HOH A O   1 
HETATM 985  O O   . HOH B 2 .   ? 2.559   14.988  -0.009  1.00 18.28 ? 2017 HOH A O   1 
HETATM 986  O O   . HOH B 2 .   ? 5.028   10.221  -8.475  1.00 26.48 ? 2019 HOH A O   1 
HETATM 987  O O   . HOH B 2 .   ? 2.312   13.661  -7.085  1.00 30.14 ? 2020 HOH A O   1 
HETATM 988  O O   . HOH B 2 .   ? 7.187   7.949   -5.188  1.00 16.81 ? 2021 HOH A O   1 
HETATM 989  O O   . HOH B 2 .   ? 10.932  5.384   0.133   1.00 28.20 ? 2022 HOH A O   1 
HETATM 990  O O   . HOH B 2 .   ? 17.029  -7.978  -7.791  1.00 28.75 ? 2023 HOH A O   1 
HETATM 991  O O   . HOH B 2 .   ? 19.175  -8.771  -4.551  1.00 35.14 ? 2024 HOH A O   1 
HETATM 992  O O   . HOH B 2 .   ? 13.830  -10.365 3.757   1.00 36.04 ? 2025 HOH A O   1 
HETATM 993  O O   . HOH B 2 .   ? 16.919  -15.937 1.361   0.50 24.37 ? 2026 HOH A O   1 
HETATM 994  O O   . HOH B 2 .   ? 4.616   -17.622 -6.730  1.00 19.80 ? 2027 HOH A O   1 
HETATM 995  O O   . HOH B 2 .   ? 5.089   -14.974 -7.853  1.00 12.07 ? 2028 HOH A O   1 
HETATM 996  O O   . HOH B 2 .   ? 1.359   -14.094 -2.979  1.00 18.07 ? 2029 HOH A O   1 
HETATM 997  O O   . HOH B 2 .   ? 0.935   -13.797 -5.801  1.00 21.30 ? 2030 HOH A O   1 
HETATM 998  O O   . HOH B 2 .   ? -3.594  -9.858  -8.386  1.00 28.73 ? 2031 HOH A O   1 
HETATM 999  O O   . HOH B 2 .   ? -2.623  -13.860 -9.988  1.00 34.06 ? 2032 HOH A O   1 
HETATM 1000 O O   . HOH B 2 .   ? -6.178  -9.885  -8.793  1.00 35.20 ? 2033 HOH A O   1 
HETATM 1001 O O   . HOH B 2 .   ? -6.044  -14.480 -7.575  1.00 24.52 ? 2034 HOH A O   1 
HETATM 1002 O O   . HOH B 2 .   ? -2.733  -12.116 -7.892  1.00 21.35 ? 2035 HOH A O   1 
HETATM 1003 O O   . HOH B 2 .   ? 12.356  -13.403 5.275   1.00 32.67 ? 2036 HOH A O   1 
HETATM 1004 O O   . HOH B 2 .   ? -8.705  -6.075  5.725   1.00 28.65 ? 2037 HOH A O   1 
HETATM 1005 O O   . HOH B 2 .   ? -11.911 10.176  5.435   1.00 35.92 ? 2038 HOH A O   1 
HETATM 1006 O O   . HOH B 2 .   ? 9.804   8.417   -5.261  1.00 31.28 ? 2039 HOH A O   1 
HETATM 1007 O O   . HOH B 2 .   ? 11.314  1.248   19.289  1.00 41.58 ? 2040 HOH A O   1 
HETATM 1008 O O   . HOH B 2 .   ? 4.547   -4.988  15.000  1.00 20.52 ? 2041 HOH A O   1 
HETATM 1009 O O   . HOH B 2 .   ? 2.657   -4.842  11.844  1.00 23.16 ? 2042 HOH A O   1 
HETATM 1010 O O   . HOH B 2 .   ? -3.903  -6.068  5.678   1.00 29.13 ? 2043 HOH A O   1 
HETATM 1011 O O   . HOH B 2 .   ? 2.281   -7.138  14.842  1.00 31.94 ? 2044 HOH A O   1 
HETATM 1012 O O   . HOH B 2 .   ? -8.792  -1.648  7.025   1.00 17.34 ? 2045 HOH A O   1 
HETATM 1013 O O   . HOH B 2 .   ? -10.701 -1.555  8.764   1.00 44.47 ? 2046 HOH A O   1 
HETATM 1014 O O   . HOH B 2 .   ? -5.071  -4.053  4.303   1.00 13.66 ? 2047 HOH A O   1 
HETATM 1015 O O   . HOH B 2 .   ? -6.534  -3.589  1.791   1.00 9.78  ? 2048 HOH A O   1 
HETATM 1016 O O   . HOH B 2 .   ? -9.116  -3.237  2.411   1.00 13.99 ? 2049 HOH A O   1 
HETATM 1017 O O   . HOH B 2 .   ? -12.348 0.606   2.394   1.00 20.89 ? 2050 HOH A O   1 
HETATM 1018 O O   . HOH B 2 .   ? -15.134 4.150   1.751   1.00 28.17 ? 2051 HOH A O   1 
HETATM 1019 O O   . HOH B 2 .   ? -15.892 6.434   -1.627  1.00 37.33 ? 2052 HOH A O   1 
HETATM 1020 O O   . HOH B 2 .   ? -14.439 9.007   -3.788  1.00 23.48 ? 2053 HOH A O   1 
HETATM 1021 O O   . HOH B 2 .   ? -12.719 9.504   -0.256  1.00 30.67 ? 2054 HOH A O   1 
HETATM 1022 O O   . HOH B 2 .   ? -11.888 13.772  -5.477  1.00 16.39 ? 2055 HOH A O   1 
HETATM 1023 O O   . HOH B 2 .   ? -10.504 20.175  -1.741  1.00 17.97 ? 2056 HOH A O   1 
HETATM 1024 O O   . HOH B 2 .   ? -9.982  13.813  1.044   1.00 20.82 ? 2057 HOH A O   1 
HETATM 1025 O O   . HOH B 2 .   ? -12.419 18.160  -4.961  1.00 22.49 ? 2058 HOH A O   1 
HETATM 1026 O O   . HOH B 2 .   ? -3.306  8.409   -9.813  1.00 8.22  ? 2059 HOH A O   1 
HETATM 1027 O O   . HOH B 2 .   ? -4.855  10.205  -13.983 1.00 34.67 ? 2060 HOH A O   1 
HETATM 1028 O O   . HOH B 2 .   ? -5.273  6.860   -10.960 1.00 16.42 ? 2061 HOH A O   1 
HETATM 1029 O O   . HOH B 2 .   ? -10.325 7.687   9.071   1.00 15.49 ? 2062 HOH A O   1 
HETATM 1030 O O   . HOH B 2 .   ? -13.294 4.796   7.917   1.00 26.94 ? 2063 HOH A O   1 
HETATM 1031 O O   . HOH B 2 .   ? -9.511  0.429   11.496  1.00 22.78 ? 2064 HOH A O   1 
HETATM 1032 O O   . HOH B 2 .   ? -7.524  0.750   7.634   1.00 11.29 ? 2065 HOH A O   1 
HETATM 1033 O O   . HOH B 2 .   ? -0.618  5.694   18.194  1.00 18.91 ? 2066 HOH A O   1 
HETATM 1034 O O   . HOH B 2 .   ? -0.052  2.395   21.590  1.00 21.43 ? 2067 HOH A O   1 
HETATM 1035 O O   . HOH B 2 .   ? -1.857  5.049   21.125  1.00 28.36 ? 2068 HOH A O   1 
HETATM 1036 O O   . HOH B 2 .   ? -9.077  4.005   16.038  1.00 29.36 ? 2069 HOH A O   1 
HETATM 1037 O O   . HOH B 2 .   ? -4.917  -3.401  14.253  1.00 33.82 ? 2070 HOH A O   1 
HETATM 1038 O O   . HOH B 2 .   ? -9.344  0.708   14.313  1.00 26.94 ? 2071 HOH A O   1 
HETATM 1039 O O   . HOH B 2 .   ? -8.194  6.914   19.321  1.00 30.57 ? 2072 HOH A O   1 
HETATM 1040 O O   . HOH B 2 .   ? -7.484  6.380   15.609  1.00 15.43 ? 2073 HOH A O   1 
HETATM 1041 O O   . HOH B 2 .   ? -3.849  8.077   17.094  1.00 16.51 ? 2074 HOH A O   1 
HETATM 1042 O O   . HOH B 2 .   ? -6.787  2.235   19.471  1.00 31.73 ? 2075 HOH A O   1 
HETATM 1043 O O   . HOH B 2 .   ? -7.851  8.004   10.376  1.00 11.84 ? 2076 HOH A O   1 
HETATM 1044 O O   . HOH B 2 .   ? -10.432 5.869   13.330  1.00 30.47 ? 2077 HOH A O   1 
HETATM 1045 O O   . HOH B 2 .   ? 0.418   7.943   11.639  1.00 21.07 ? 2078 HOH A O   1 
HETATM 1046 O O   . HOH B 2 .   ? -1.161  7.395   7.413   1.00 13.89 ? 2079 HOH A O   1 
HETATM 1047 O O   . HOH B 2 .   ? -0.324  9.719   7.232   1.00 18.64 ? 2080 HOH A O   1 
HETATM 1048 O O   . HOH B 2 .   ? -0.017  13.228  -0.666  1.00 18.92 ? 2081 HOH A O   1 
HETATM 1049 O O   . HOH B 2 .   ? -7.856  14.348  2.553   1.00 23.07 ? 2082 HOH A O   1 
HETATM 1050 O O   . HOH B 2 .   ? -2.053  15.186  -0.389  1.00 21.61 ? 2083 HOH A O   1 
HETATM 1051 O O   . HOH B 2 .   ? 2.465   11.250  -8.002  1.00 12.78 ? 2084 HOH A O   1 
HETATM 1052 O O   . HOH B 2 .   ? -2.625  9.476   -14.387 1.00 16.92 ? 2085 HOH A O   1 
HETATM 1053 O O   . HOH B 2 .   ? 6.006   5.352   -10.860 1.00 17.76 ? 2086 HOH A O   1 
HETATM 1054 O O   . HOH B 2 .   ? -2.036  9.921   -11.673 1.00 11.90 ? 2087 HOH A O   1 
HETATM 1055 O O   . HOH B 2 .   ? -1.803  6.881   -14.015 1.00 25.61 ? 2088 HOH A O   1 
HETATM 1056 O O   . HOH B 2 .   ? 1.228   11.214  -10.429 1.00 13.12 ? 2089 HOH A O   1 
HETATM 1057 O O   . HOH B 2 .   ? 1.891   7.288   -15.470 1.00 16.16 ? 2090 HOH A O   1 
HETATM 1058 O O   . HOH B 2 .   ? 6.080   8.340   -7.660  1.00 21.55 ? 2091 HOH A O   1 
HETATM 1059 O O   . HOH B 2 .   ? 5.377   7.837   -2.237  1.00 20.94 ? 2092 HOH A O   1 
HETATM 1060 O O   . HOH B 2 .   ? 6.446   10.153  -3.556  1.00 21.14 ? 2093 HOH A O   1 
HETATM 1061 O O   . HOH B 2 .   ? 6.171   5.784   -3.844  1.00 10.42 ? 2094 HOH A O   1 
HETATM 1062 O O   . HOH B 2 .   ? 0.926   12.496  -3.435  1.00 14.71 ? 2095 HOH A O   1 
HETATM 1063 O O   . HOH B 2 .   ? 2.384   4.386   -12.701 0.50 15.36 ? 2096 HOH A O   1 
HETATM 1064 O O   . HOH B 2 .   ? 3.290   0.739   -13.411 1.00 24.82 ? 2097 HOH A O   1 
HETATM 1065 O O   . HOH B 2 .   ? 5.939   1.587   -13.978 1.00 21.11 ? 2098 HOH A O   1 
HETATM 1066 O O   . HOH B 2 .   ? 7.964   0.989   -12.046 1.00 16.34 ? 2099 HOH A O   1 
HETATM 1067 O O   . HOH B 2 .   ? 12.513  2.144   -9.115  1.00 22.44 ? 2100 HOH A O   1 
HETATM 1068 O O   . HOH B 2 .   ? 6.227   -0.842  -10.839 1.00 13.33 ? 2101 HOH A O   1 
HETATM 1069 O O   . HOH B 2 .   ? 13.218  3.028   -0.288  1.00 33.20 ? 2102 HOH A O   1 
HETATM 1070 O O   . HOH B 2 .   ? 8.056   4.214   -2.556  1.00 15.70 ? 2103 HOH A O   1 
HETATM 1071 O O   . HOH B 2 .   ? 11.960  -8.969  -7.263  1.00 14.84 ? 2104 HOH A O   1 
HETATM 1072 O O   . HOH B 2 .   ? 11.738  -3.079  -9.662  1.00 8.35  ? 2105 HOH A O   1 
HETATM 1073 O O   . HOH B 2 .   ? 14.671  -8.925  -7.790  1.00 29.14 ? 2106 HOH A O   1 
HETATM 1074 O O   . HOH B 2 .   ? 17.850  -6.221  -5.977  1.00 27.06 ? 2107 HOH A O   1 
HETATM 1075 O O   . HOH B 2 .   ? 17.798  -0.244  -10.788 1.00 32.36 ? 2108 HOH A O   1 
HETATM 1076 O O   . HOH B 2 .   ? 16.980  -7.875  -2.853  1.00 19.85 ? 2109 HOH A O   1 
HETATM 1077 O O   . HOH B 2 .   ? 14.819  1.888   -5.883  1.00 52.32 ? 2110 HOH A O   1 
HETATM 1078 O O   . HOH B 2 .   ? 17.107  -9.494  -0.823  1.00 40.19 ? 2111 HOH A O   1 
HETATM 1079 O O   . HOH B 2 .   ? 14.652  0.318   -3.732  1.00 42.55 ? 2112 HOH A O   1 
HETATM 1080 O O   . HOH B 2 .   ? 13.071  0.228   2.697   1.00 18.17 ? 2113 HOH A O   1 
HETATM 1081 O O   . HOH B 2 .   ? 14.409  -14.886 2.339   1.00 29.73 ? 2114 HOH A O   1 
HETATM 1082 O O   . HOH B 2 .   ? 12.534  -16.944 -0.305  1.00 20.55 ? 2115 HOH A O   1 
HETATM 1083 O O   . HOH B 2 .   ? 14.818  -12.348 2.010   1.00 25.71 ? 2116 HOH A O   1 
HETATM 1084 O O   . HOH B 2 .   ? 17.957  -11.643 -2.262  1.00 38.06 ? 2117 HOH A O   1 
HETATM 1085 O O   . HOH B 2 .   ? 14.643  -10.769 -0.209  1.00 15.33 ? 2118 HOH A O   1 
HETATM 1086 O O   . HOH B 2 .   ? 10.693  -10.742 -5.636  1.00 9.38  ? 2119 HOH A O   1 
HETATM 1087 O O   . HOH B 2 .   ? 3.033   -12.452 -1.511  1.00 7.84  ? 2120 HOH A O   1 
HETATM 1088 O O   . HOH B 2 .   ? 10.221  -16.543 -2.994  1.00 8.94  ? 2121 HOH A O   1 
HETATM 1089 O O   . HOH B 2 .   ? 8.098   -16.287 -6.292  1.00 23.37 ? 2122 HOH A O   1 
HETATM 1090 O O   . HOH B 2 .   ? 6.351   -18.589 -4.625  1.00 13.37 ? 2123 HOH A O   1 
HETATM 1091 O O   . HOH B 2 .   ? 3.173   -13.129 -7.238  1.00 12.77 ? 2124 HOH A O   1 
HETATM 1092 O O   . HOH B 2 .   ? 0.735   -14.812 -9.340  1.00 31.02 ? 2125 HOH A O   1 
HETATM 1093 O O   . HOH B 2 .   ? -2.579  -8.114  -6.485  1.00 14.23 ? 2126 HOH A O   1 
HETATM 1094 O O   . HOH B 2 .   ? -2.744  -8.163  -10.609 1.00 27.68 ? 2127 HOH A O   1 
HETATM 1095 O O   . HOH B 2 .   ? 1.256   -6.226  -13.181 1.00 30.75 ? 2128 HOH A O   1 
HETATM 1096 O O   . HOH B 2 .   ? 1.261   -4.140  -13.575 1.00 22.21 ? 2129 HOH A O   1 
HETATM 1097 O O   . HOH B 2 .   ? -5.370  -6.220  -11.766 1.00 27.19 ? 2130 HOH A O   1 
HETATM 1098 O O   . HOH B 2 .   ? -3.767  -10.047 -17.635 1.00 38.92 ? 2131 HOH A O   1 
HETATM 1099 O O   . HOH B 2 .   ? 0.107   -10.714 -12.873 1.00 27.45 ? 2132 HOH A O   1 
HETATM 1100 O O   . HOH B 2 .   ? 3.147   -1.984  -14.239 1.00 16.61 ? 2133 HOH A O   1 
HETATM 1101 O O   . HOH B 2 .   ? -6.272  -5.908  -22.130 1.00 32.84 ? 2134 HOH A O   1 
HETATM 1102 O O   . HOH B 2 .   ? -8.083  5.393   -14.950 1.00 36.36 ? 2135 HOH A O   1 
HETATM 1103 O O   . HOH B 2 .   ? -16.147 4.808   -12.520 1.00 30.87 ? 2136 HOH A O   1 
HETATM 1104 O O   . HOH B 2 .   ? -12.521 5.808   -13.987 1.00 32.74 ? 2137 HOH A O   1 
HETATM 1105 O O   . HOH B 2 .   ? -16.877 2.682   -10.460 1.00 28.56 ? 2138 HOH A O   1 
HETATM 1106 O O   . HOH B 2 .   ? -9.050  -8.518  -6.711  1.00 23.10 ? 2139 HOH A O   1 
HETATM 1107 O O   . HOH B 2 .   ? -14.988 -4.169  -5.241  1.00 20.64 ? 2140 HOH A O   1 
HETATM 1108 O O   . HOH B 2 .   ? -4.489  -6.263  -7.013  1.00 13.48 ? 2141 HOH A O   1 
HETATM 1109 O O   . HOH B 2 .   ? -6.898  -7.389  -7.843  1.00 19.29 ? 2142 HOH A O   1 
HETATM 1110 O O   . HOH B 2 .   ? -4.533  -12.665 -5.838  1.00 11.40 ? 2143 HOH A O   1 
HETATM 1111 O O   . HOH B 2 .   ? -9.333  -10.330 -0.709  1.00 17.91 ? 2144 HOH A O   1 
HETATM 1112 O O   . HOH B 2 .   ? -6.326  -9.466  4.281   1.00 32.38 ? 2145 HOH A O   1 
HETATM 1113 O O   . HOH B 2 .   ? -1.420  -13.474 -2.452  1.00 12.51 ? 2146 HOH A O   1 
HETATM 1114 O O   . HOH B 2 .   ? -0.806  -11.568 -6.134  1.00 10.50 ? 2147 HOH A O   1 
HETATM 1115 O O   . HOH B 2 .   ? 4.653   -7.491  4.141   1.00 7.37  ? 2148 HOH A O   1 
HETATM 1116 O O   . HOH B 2 .   ? 0.416   -6.358  8.583   1.00 26.78 ? 2149 HOH A O   1 
HETATM 1117 O O   . HOH B 2 .   ? -1.891  -14.463 5.609   1.00 26.06 ? 2150 HOH A O   1 
HETATM 1118 O O   . HOH B 2 .   ? -1.710  -9.505  9.167   1.00 38.98 ? 2151 HOH A O   1 
HETATM 1119 O O   . HOH B 2 .   ? -2.653  -12.882 3.610   1.00 26.53 ? 2152 HOH A O   1 
HETATM 1120 O O   . HOH B 2 .   ? 7.423   -13.874 5.878   1.00 16.42 ? 2153 HOH A O   1 
HETATM 1121 O O   . HOH B 2 .   ? 4.061   -11.099 7.455   1.00 27.01 ? 2154 HOH A O   1 
HETATM 1122 O O   . HOH B 2 .   ? 7.730   -12.486 8.541   1.00 17.80 ? 2155 HOH A O   1 
HETATM 1123 O O   . HOH B 2 .   ? 11.548  -11.111 5.098   1.00 21.95 ? 2156 HOH A O   1 
HETATM 1124 O O   . HOH B 2 .   ? 10.769  -12.776 8.636   1.00 29.60 ? 2157 HOH A O   1 
HETATM 1125 O O   . HOH B 2 .   ? 12.964  -4.121  6.917   1.00 23.34 ? 2158 HOH A O   1 
HETATM 1126 O O   . HOH B 2 .   ? 3.505   -8.387  8.269   1.00 23.25 ? 2159 HOH A O   1 
HETATM 1127 O O   . HOH B 2 .   ? 4.906   -1.554  10.041  1.00 11.49 ? 2160 HOH A O   1 
HETATM 1128 O O   . HOH B 2 .   ? 4.795   -6.008  11.850  1.00 27.25 ? 2161 HOH A O   1 
HETATM 1129 O O   . HOH B 2 .   ? 7.542   -3.322  14.123  1.00 38.39 ? 2162 HOH A O   1 
HETATM 1130 O O   . HOH B 2 .   ? 10.967  -0.365  11.334  1.00 29.44 ? 2163 HOH A O   1 
HETATM 1131 O O   . HOH B 2 .   ? 12.953  0.556   9.267   1.00 44.61 ? 2164 HOH A O   1 
HETATM 1132 O O   . HOH B 2 .   ? 14.140  -0.612  5.269   1.00 24.66 ? 2165 HOH A O   1 
HETATM 1133 O O   . HOH B 2 .   ? 8.185   4.943   0.124   1.00 12.80 ? 2166 HOH A O   1 
HETATM 1134 O O   . HOH B 2 .   ? 6.929   7.478   0.237   1.00 24.38 ? 2167 HOH A O   1 
HETATM 1135 O O   . HOH B 2 .   ? 7.177   9.653   1.655   1.00 35.04 ? 2168 HOH A O   1 
HETATM 1136 O O   . HOH B 2 .   ? 0.497   9.551   9.317   1.00 23.84 ? 2169 HOH A O   1 
HETATM 1137 O O   . HOH B 2 .   ? 5.213   11.521  0.406   1.00 32.79 ? 2170 HOH A O   1 
HETATM 1138 O O   . HOH B 2 .   ? 2.471   12.285  8.126   1.00 10.30 ? 2171 HOH A O   1 
HETATM 1139 O O   . HOH B 2 .   ? -2.156  16.654  4.482   1.00 9.08  ? 2172 HOH A O   1 
HETATM 1140 O O   . HOH B 2 .   ? 3.820   13.265  1.842   1.00 14.57 ? 2173 HOH A O   1 
HETATM 1141 O O   . HOH B 2 .   ? -3.612  12.968  5.801   1.00 15.96 ? 2174 HOH A O   1 
HETATM 1142 O O   . HOH B 2 .   ? -2.832  12.909  3.307   1.00 18.11 ? 2175 HOH A O   1 
HETATM 1143 O O   . HOH B 2 .   ? 2.176   11.504  -0.749  1.00 25.56 ? 2176 HOH A O   1 
# 
loop_
_pdbx_poly_seq_scheme.asym_id 
_pdbx_poly_seq_scheme.entity_id 
_pdbx_poly_seq_scheme.seq_id 
_pdbx_poly_seq_scheme.mon_id 
_pdbx_poly_seq_scheme.ndb_seq_num 
_pdbx_poly_seq_scheme.pdb_seq_num 
_pdbx_poly_seq_scheme.auth_seq_num 
_pdbx_poly_seq_scheme.pdb_mon_id 
_pdbx_poly_seq_scheme.auth_mon_id 
_pdbx_poly_seq_scheme.pdb_strand_id 
_pdbx_poly_seq_scheme.pdb_ins_code 
_pdbx_poly_seq_scheme.hetero 
A 1 1   MET 1   -22  ?    ?   ?   A . n 
A 1 2   HIS 2   -21  ?    ?   ?   A . n 
A 1 3   HIS 3   -20  ?    ?   ?   A . n 
A 1 4   HIS 4   -19  ?    ?   ?   A . n 
A 1 5   HIS 5   -18  ?    ?   ?   A . n 
A 1 6   HIS 6   -17  ?    ?   ?   A . n 
A 1 7   HIS 7   -16  ?    ?   ?   A . n 
A 1 8   SER 8   -15  ?    ?   ?   A . n 
A 1 9   SER 9   -14  ?    ?   ?   A . n 
A 1 10  GLY 10  -13  ?    ?   ?   A . n 
A 1 11  VAL 11  -12  ?    ?   ?   A . n 
A 1 12  ASP 12  -11  ?    ?   ?   A . n 
A 1 13  LEU 13  -10  ?    ?   ?   A . n 
A 1 14  GLY 14  -9   ?    ?   ?   A . n 
A 1 15  THR 15  -8   ?    ?   ?   A . n 
A 1 16  GLU 16  -7   ?    ?   ?   A . n 
A 1 17  ASN 17  -6   -6   ASN ASN A . n 
A 1 18  LEU 18  -5   -5   LEU LEU A . n 
A 1 19  TYR 19  -4   -4   TYR TYR A . n 
A 1 20  PHE 20  -3   -3   PHE PHE A . n 
A 1 21  GLN 21  -2   -2   GLN GLN A . n 
A 1 22  SER 22  -1   -1   SER SER A . n 
A 1 23  MET 23  0    0    MET MET A . n 
A 1 24  SER 24  1203 1203 SER SER A . n 
A 1 25  ILE 25  1204 1204 ILE ILE A . n 
A 1 26  GLU 26  1205 1205 GLU GLU A . n 
A 1 27  ARG 27  1206 1206 ARG ARG A . n 
A 1 28  ALA 28  1207 1207 ALA ALA A . n 
A 1 29  THR 29  1208 1208 THR THR A . n 
A 1 30  ILE 30  1209 1209 ILE ILE A . n 
A 1 31  LEU 31  1210 1210 LEU LEU A . n 
A 1 32  GLY 32  1211 1211 GLY GLY A . n 
A 1 33  PHE 33  1212 1212 PHE PHE A . n 
A 1 34  SER 34  1213 1213 SER SER A . n 
A 1 35  LYS 35  1214 1214 LYS LYS A . n 
A 1 36  LYS 36  1215 1215 LYS LYS A . n 
A 1 37  SER 37  1216 1216 SER SER A . n 
A 1 38  SER 38  1217 1217 SER SER A . n 
A 1 39  ASN 39  1218 1218 ASN ASN A . n 
A 1 40  LEU 40  1219 1219 LEU LEU A . n 
A 1 41  TYR 41  1220 1220 TYR TYR A . n 
A 1 42  LEU 42  1221 1221 LEU LEU A . n 
A 1 43  ILE 43  1222 1222 ILE ILE A . n 
A 1 44  GLN 44  1223 1223 GLN GLN A . n 
A 1 45  VAL 45  1224 1224 VAL VAL A . n 
A 1 46  THR 46  1225 1225 THR THR A . n 
A 1 47  HIS 47  1226 1226 HIS HIS A . n 
A 1 48  SER 48  1227 1227 SER SER A . n 
A 1 49  ASN 49  1228 1228 ASN ASN A . n 
A 1 50  ASN 50  1229 1229 ASN ASN A . n 
A 1 51  GLU 51  1230 1230 GLU GLU A . n 
A 1 52  THR 52  1231 1231 THR THR A . n 
A 1 53  SER 53  1232 1232 SER SER A . n 
A 1 54  LEU 54  1233 1233 LEU LEU A . n 
A 1 55  THR 55  1234 1234 THR THR A . n 
A 1 56  GLU 56  1235 1235 GLU GLU A . n 
A 1 57  LYS 57  1236 1236 LYS LYS A . n 
A 1 58  SER 58  1237 1237 SER SER A . n 
A 1 59  PHE 59  1238 1238 PHE PHE A . n 
A 1 60  GLU 60  1239 1239 GLU GLU A . n 
A 1 61  GLN 61  1240 1240 GLN GLN A . n 
A 1 62  PHE 62  1241 1241 PHE PHE A . n 
A 1 63  SER 63  1242 1242 SER SER A . n 
A 1 64  LYS 64  1243 1243 LYS LYS A . n 
A 1 65  LEU 65  1244 1244 LEU LEU A . n 
A 1 66  HIS 66  1245 1245 HIS HIS A . n 
A 1 67  SER 67  1246 1246 SER SER A . n 
A 1 68  GLN 68  1247 1247 GLN GLN A . n 
A 1 69  LEU 69  1248 1248 LEU LEU A . n 
A 1 70  GLN 70  1249 1249 GLN GLN A . n 
A 1 71  LYS 71  1250 1250 LYS LYS A . n 
A 1 72  GLN 72  1251 1251 GLN GLN A . n 
A 1 73  PHE 73  1252 1252 PHE PHE A . n 
A 1 74  ALA 74  1253 1253 ALA ALA A . n 
A 1 75  SER 75  1254 1254 SER SER A . n 
A 1 76  LEU 76  1255 1255 LEU LEU A . n 
A 1 77  THR 77  1256 1256 THR THR A . n 
A 1 78  LEU 78  1257 1257 LEU LEU A . n 
A 1 79  PRO 79  1258 1258 PRO PRO A . n 
A 1 80  GLU 80  1259 1259 GLU GLU A . n 
A 1 81  PHE 81  1260 1260 PHE PHE A . n 
A 1 82  PRO 82  1261 1261 PRO PRO A . n 
A 1 83  HIS 83  1262 1262 HIS HIS A . n 
A 1 84  TRP 84  1263 1263 TRP TRP A . n 
A 1 85  TRP 85  1264 1264 TRP TRP A . n 
A 1 86  HIS 86  1265 1265 HIS HIS A . n 
A 1 87  LEU 87  1266 1266 LEU LEU A . n 
A 1 88  PRO 88  1267 1267 PRO PRO A . n 
A 1 89  PHE 89  1268 1268 PHE PHE A . n 
A 1 90  THR 90  1269 1269 THR THR A . n 
A 1 91  ASN 91  1270 1270 ASN ASN A . n 
A 1 92  SER 92  1271 1271 SER SER A . n 
A 1 93  ASP 93  1272 1272 ASP ASP A . n 
A 1 94  HIS 94  1273 1273 HIS HIS A . n 
A 1 95  ARG 95  1274 1274 ARG ARG A . n 
A 1 96  ARG 96  1275 1275 ARG ARG A . n 
A 1 97  PHE 97  1276 1276 PHE PHE A . n 
A 1 98  ARG 98  1277 1277 ARG ARG A . n 
A 1 99  ASP 99  1278 1278 ASP ASP A . n 
A 1 100 LEU 100 1279 1279 LEU LEU A . n 
A 1 101 ASN 101 1280 1280 ASN ASN A . n 
A 1 102 HIS 102 1281 1281 HIS HIS A . n 
A 1 103 TYR 103 1282 1282 TYR TYR A . n 
A 1 104 MET 104 1283 1283 MET MET A . n 
A 1 105 GLU 105 1284 1284 GLU GLU A . n 
A 1 106 GLN 106 1285 1285 GLN GLN A . n 
A 1 107 ILE 107 1286 1286 ILE ILE A . n 
A 1 108 LEU 108 1287 1287 LEU LEU A . n 
A 1 109 ASN 109 1288 1288 ASN ASN A . n 
A 1 110 VAL 110 1289 1289 VAL VAL A . n 
A 1 111 SER 111 1290 1290 SER SER A . n 
A 1 112 HIS 112 1291 1291 HIS HIS A . n 
A 1 113 GLU 113 1292 1292 GLU GLU A . n 
A 1 114 VAL 114 1293 1293 VAL VAL A . n 
A 1 115 THR 115 1294 1294 THR THR A . n 
A 1 116 ASN 116 1295 1295 ASN ASN A . n 
A 1 117 SER 117 1296 1296 SER SER A . n 
A 1 118 ASP 118 1297 1297 ASP ASP A . n 
A 1 119 CYS 119 1298 1298 CYS CYS A . n 
A 1 120 VAL 120 1299 1299 VAL VAL A . n 
A 1 121 LEU 121 1300 1300 LEU LEU A . n 
A 1 122 SER 122 1301 1301 SER SER A . n 
A 1 123 PHE 123 1302 1302 PHE PHE A . n 
A 1 124 PHE 124 1303 1303 PHE PHE A . n 
A 1 125 LEU 125 1304 1304 LEU LEU A . n 
A 1 126 SER 126 1305 1305 SER SER A . n 
A 1 127 GLU 127 1306 1306 GLU GLU A . n 
# 
loop_
_pdbx_nonpoly_scheme.asym_id 
_pdbx_nonpoly_scheme.entity_id 
_pdbx_nonpoly_scheme.mon_id 
_pdbx_nonpoly_scheme.ndb_seq_num 
_pdbx_nonpoly_scheme.pdb_seq_num 
_pdbx_nonpoly_scheme.auth_seq_num 
_pdbx_nonpoly_scheme.pdb_mon_id 
_pdbx_nonpoly_scheme.auth_mon_id 
_pdbx_nonpoly_scheme.pdb_strand_id 
_pdbx_nonpoly_scheme.pdb_ins_code 
B 2 HOH 1   2001 2001 HOH HOH A . 
B 2 HOH 2   2002 2002 HOH HOH A . 
B 2 HOH 3   2003 2003 HOH HOH A . 
B 2 HOH 4   2004 2004 HOH HOH A . 
B 2 HOH 5   2005 2005 HOH HOH A . 
B 2 HOH 6   2006 2006 HOH HOH A . 
B 2 HOH 7   2007 2007 HOH HOH A . 
B 2 HOH 8   2008 2008 HOH HOH A . 
B 2 HOH 9   2009 2009 HOH HOH A . 
B 2 HOH 10  2010 2010 HOH HOH A . 
B 2 HOH 11  2011 2011 HOH HOH A . 
B 2 HOH 12  2012 2012 HOH HOH A . 
B 2 HOH 13  2013 2013 HOH HOH A . 
B 2 HOH 14  2014 2014 HOH HOH A . 
B 2 HOH 15  2015 2015 HOH HOH A . 
B 2 HOH 16  2016 2016 HOH HOH A . 
B 2 HOH 17  2017 2017 HOH HOH A . 
B 2 HOH 18  2019 2019 HOH HOH A . 
B 2 HOH 19  2020 2020 HOH HOH A . 
B 2 HOH 20  2021 2021 HOH HOH A . 
B 2 HOH 21  2022 2022 HOH HOH A . 
B 2 HOH 22  2023 2023 HOH HOH A . 
B 2 HOH 23  2024 2024 HOH HOH A . 
B 2 HOH 24  2025 2025 HOH HOH A . 
B 2 HOH 25  2026 2026 HOH HOH A . 
B 2 HOH 26  2027 2027 HOH HOH A . 
B 2 HOH 27  2028 2028 HOH HOH A . 
B 2 HOH 28  2029 2029 HOH HOH A . 
B 2 HOH 29  2030 2030 HOH HOH A . 
B 2 HOH 30  2031 2031 HOH HOH A . 
B 2 HOH 31  2032 2032 HOH HOH A . 
B 2 HOH 32  2033 2033 HOH HOH A . 
B 2 HOH 33  2034 2034 HOH HOH A . 
B 2 HOH 34  2035 2035 HOH HOH A . 
B 2 HOH 35  2036 2036 HOH HOH A . 
B 2 HOH 36  2037 2037 HOH HOH A . 
B 2 HOH 37  2038 2038 HOH HOH A . 
B 2 HOH 38  2039 2039 HOH HOH A . 
B 2 HOH 39  2040 2040 HOH HOH A . 
B 2 HOH 40  2041 2041 HOH HOH A . 
B 2 HOH 41  2042 2042 HOH HOH A . 
B 2 HOH 42  2043 2043 HOH HOH A . 
B 2 HOH 43  2044 2044 HOH HOH A . 
B 2 HOH 44  2045 2045 HOH HOH A . 
B 2 HOH 45  2046 2046 HOH HOH A . 
B 2 HOH 46  2047 2047 HOH HOH A . 
B 2 HOH 47  2048 2048 HOH HOH A . 
B 2 HOH 48  2049 2049 HOH HOH A . 
B 2 HOH 49  2050 2050 HOH HOH A . 
B 2 HOH 50  2051 2051 HOH HOH A . 
B 2 HOH 51  2052 2052 HOH HOH A . 
B 2 HOH 52  2053 2053 HOH HOH A . 
B 2 HOH 53  2054 2054 HOH HOH A . 
B 2 HOH 54  2055 2055 HOH HOH A . 
B 2 HOH 55  2056 2056 HOH HOH A . 
B 2 HOH 56  2057 2057 HOH HOH A . 
B 2 HOH 57  2058 2058 HOH HOH A . 
B 2 HOH 58  2059 2059 HOH HOH A . 
B 2 HOH 59  2060 2060 HOH HOH A . 
B 2 HOH 60  2061 2061 HOH HOH A . 
B 2 HOH 61  2062 2062 HOH HOH A . 
B 2 HOH 62  2063 2063 HOH HOH A . 
B 2 HOH 63  2064 2064 HOH HOH A . 
B 2 HOH 64  2065 2065 HOH HOH A . 
B 2 HOH 65  2066 2066 HOH HOH A . 
B 2 HOH 66  2067 2067 HOH HOH A . 
B 2 HOH 67  2068 2068 HOH HOH A . 
B 2 HOH 68  2069 2069 HOH HOH A . 
B 2 HOH 69  2070 2070 HOH HOH A . 
B 2 HOH 70  2071 2071 HOH HOH A . 
B 2 HOH 71  2072 2072 HOH HOH A . 
B 2 HOH 72  2073 2073 HOH HOH A . 
B 2 HOH 73  2074 2074 HOH HOH A . 
B 2 HOH 74  2075 2075 HOH HOH A . 
B 2 HOH 75  2076 2076 HOH HOH A . 
B 2 HOH 76  2077 2077 HOH HOH A . 
B 2 HOH 77  2078 2078 HOH HOH A . 
B 2 HOH 78  2079 2079 HOH HOH A . 
B 2 HOH 79  2080 2080 HOH HOH A . 
B 2 HOH 80  2081 2081 HOH HOH A . 
B 2 HOH 81  2082 2082 HOH HOH A . 
B 2 HOH 82  2083 2083 HOH HOH A . 
B 2 HOH 83  2084 2084 HOH HOH A . 
B 2 HOH 84  2085 2085 HOH HOH A . 
B 2 HOH 85  2086 2086 HOH HOH A . 
B 2 HOH 86  2087 2087 HOH HOH A . 
B 2 HOH 87  2088 2088 HOH HOH A . 
B 2 HOH 88  2089 2089 HOH HOH A . 
B 2 HOH 89  2090 2090 HOH HOH A . 
B 2 HOH 90  2091 2091 HOH HOH A . 
B 2 HOH 91  2092 2092 HOH HOH A . 
B 2 HOH 92  2093 2093 HOH HOH A . 
B 2 HOH 93  2094 2094 HOH HOH A . 
B 2 HOH 94  2095 2095 HOH HOH A . 
B 2 HOH 95  2096 2096 HOH HOH A . 
B 2 HOH 96  2097 2097 HOH HOH A . 
B 2 HOH 97  2098 2098 HOH HOH A . 
B 2 HOH 98  2099 2099 HOH HOH A . 
B 2 HOH 99  2100 2100 HOH HOH A . 
B 2 HOH 100 2101 2101 HOH HOH A . 
B 2 HOH 101 2102 2102 HOH HOH A . 
B 2 HOH 102 2103 2103 HOH HOH A . 
B 2 HOH 103 2104 2104 HOH HOH A . 
B 2 HOH 104 2105 2105 HOH HOH A . 
B 2 HOH 105 2106 2106 HOH HOH A . 
B 2 HOH 106 2107 2107 HOH HOH A . 
B 2 HOH 107 2108 2108 HOH HOH A . 
B 2 HOH 108 2109 2109 HOH HOH A . 
B 2 HOH 109 2110 2110 HOH HOH A . 
B 2 HOH 110 2111 2111 HOH HOH A . 
B 2 HOH 111 2112 2112 HOH HOH A . 
B 2 HOH 112 2113 2113 HOH HOH A . 
B 2 HOH 113 2114 2114 HOH HOH A . 
B 2 HOH 114 2115 2115 HOH HOH A . 
B 2 HOH 115 2116 2116 HOH HOH A . 
B 2 HOH 116 2117 2117 HOH HOH A . 
B 2 HOH 117 2118 2118 HOH HOH A . 
B 2 HOH 118 2119 2119 HOH HOH A . 
B 2 HOH 119 2120 2120 HOH HOH A . 
B 2 HOH 120 2121 2121 HOH HOH A . 
B 2 HOH 121 2122 2122 HOH HOH A . 
B 2 HOH 122 2123 2123 HOH HOH A . 
B 2 HOH 123 2124 2124 HOH HOH A . 
B 2 HOH 124 2125 2125 HOH HOH A . 
B 2 HOH 125 2126 2126 HOH HOH A . 
B 2 HOH 126 2127 2127 HOH HOH A . 
B 2 HOH 127 2128 2128 HOH HOH A . 
B 2 HOH 128 2129 2129 HOH HOH A . 
B 2 HOH 129 2130 2130 HOH HOH A . 
B 2 HOH 130 2131 2131 HOH HOH A . 
B 2 HOH 131 2132 2132 HOH HOH A . 
B 2 HOH 132 2133 2133 HOH HOH A . 
B 2 HOH 133 2134 2134 HOH HOH A . 
B 2 HOH 134 2135 2135 HOH HOH A . 
B 2 HOH 135 2136 2136 HOH HOH A . 
B 2 HOH 136 2137 2137 HOH HOH A . 
B 2 HOH 137 2138 2138 HOH HOH A . 
B 2 HOH 138 2139 2139 HOH HOH A . 
B 2 HOH 139 2140 2140 HOH HOH A . 
B 2 HOH 140 2141 2141 HOH HOH A . 
B 2 HOH 141 2142 2142 HOH HOH A . 
B 2 HOH 142 2143 2143 HOH HOH A . 
B 2 HOH 143 2144 2144 HOH HOH A . 
B 2 HOH 144 2145 2145 HOH HOH A . 
B 2 HOH 145 2146 2146 HOH HOH A . 
B 2 HOH 146 2147 2147 HOH HOH A . 
B 2 HOH 147 2148 2148 HOH HOH A . 
B 2 HOH 148 2149 2149 HOH HOH A . 
B 2 HOH 149 2150 2150 HOH HOH A . 
B 2 HOH 150 2151 2151 HOH HOH A . 
B 2 HOH 151 2152 2152 HOH HOH A . 
B 2 HOH 152 2153 2153 HOH HOH A . 
B 2 HOH 153 2154 2154 HOH HOH A . 
B 2 HOH 154 2155 2155 HOH HOH A . 
B 2 HOH 155 2156 2156 HOH HOH A . 
B 2 HOH 156 2157 2157 HOH HOH A . 
B 2 HOH 157 2158 2158 HOH HOH A . 
B 2 HOH 158 2159 2159 HOH HOH A . 
B 2 HOH 159 2160 2160 HOH HOH A . 
B 2 HOH 160 2161 2161 HOH HOH A . 
B 2 HOH 161 2162 2162 HOH HOH A . 
B 2 HOH 162 2163 2163 HOH HOH A . 
B 2 HOH 163 2164 2164 HOH HOH A . 
B 2 HOH 164 2165 2165 HOH HOH A . 
B 2 HOH 165 2166 2166 HOH HOH A . 
B 2 HOH 166 2167 2167 HOH HOH A . 
B 2 HOH 167 2168 2168 HOH HOH A . 
B 2 HOH 168 2169 2169 HOH HOH A . 
B 2 HOH 169 2170 2170 HOH HOH A . 
B 2 HOH 170 2171 2171 HOH HOH A . 
B 2 HOH 171 2172 2172 HOH HOH A . 
B 2 HOH 172 2173 2173 HOH HOH A . 
B 2 HOH 173 2174 2174 HOH HOH A . 
B 2 HOH 174 2175 2175 HOH HOH A . 
B 2 HOH 175 2176 2176 HOH HOH A . 
# 
_pdbx_struct_assembly.id                   1 
_pdbx_struct_assembly.details              author_and_software_defined_assembly 
_pdbx_struct_assembly.method_details       PISA 
_pdbx_struct_assembly.oligomeric_details   monomeric 
_pdbx_struct_assembly.oligomeric_count     1 
# 
_pdbx_struct_assembly_gen.assembly_id       1 
_pdbx_struct_assembly_gen.oper_expression   1 
_pdbx_struct_assembly_gen.asym_id_list      A,B 
# 
_pdbx_struct_oper_list.id                   1 
_pdbx_struct_oper_list.type                 'identity operation' 
_pdbx_struct_oper_list.name                 1_555 
_pdbx_struct_oper_list.symmetry_operation   x,y,z 
_pdbx_struct_oper_list.matrix[1][1]         1.0000000000 
_pdbx_struct_oper_list.matrix[1][2]         0.0000000000 
_pdbx_struct_oper_list.matrix[1][3]         0.0000000000 
_pdbx_struct_oper_list.vector[1]            0.0000000000 
_pdbx_struct_oper_list.matrix[2][1]         0.0000000000 
_pdbx_struct_oper_list.matrix[2][2]         1.0000000000 
_pdbx_struct_oper_list.matrix[2][3]         0.0000000000 
_pdbx_struct_oper_list.vector[2]            0.0000000000 
_pdbx_struct_oper_list.matrix[3][1]         0.0000000000 
_pdbx_struct_oper_list.matrix[3][2]         0.0000000000 
_pdbx_struct_oper_list.matrix[3][3]         1.0000000000 
_pdbx_struct_oper_list.vector[3]            0.0000000000 
# 
loop_
_pdbx_audit_revision_history.ordinal 
_pdbx_audit_revision_history.data_content_type 
_pdbx_audit_revision_history.major_revision 
_pdbx_audit_revision_history.minor_revision 
_pdbx_audit_revision_history.revision_date 
1 'Structure model' 1 0 2009-11-03 
2 'Structure model' 1 1 2015-04-29 
3 'Structure model' 1 2 2017-05-24 
4 'Structure model' 1 3 2023-12-20 
# 
_pdbx_audit_revision_details.ordinal             1 
_pdbx_audit_revision_details.revision_ordinal    1 
_pdbx_audit_revision_details.data_content_type   'Structure model' 
_pdbx_audit_revision_details.provider            repository 
_pdbx_audit_revision_details.type                'Initial release' 
_pdbx_audit_revision_details.description         ? 
_pdbx_audit_revision_details.details             ? 
# 
loop_
_pdbx_audit_revision_group.ordinal 
_pdbx_audit_revision_group.revision_ordinal 
_pdbx_audit_revision_group.data_content_type 
_pdbx_audit_revision_group.group 
1 2 'Structure model' 'Derived calculations'      
2 2 'Structure model' 'Refinement description'    
3 2 'Structure model' 'Version format compliance' 
4 3 'Structure model' 'Database references'       
5 4 'Structure model' 'Data collection'           
6 4 'Structure model' 'Database references'       
7 4 'Structure model' Other                       
8 4 'Structure model' 'Refinement description'    
# 
loop_
_pdbx_audit_revision_category.ordinal 
_pdbx_audit_revision_category.revision_ordinal 
_pdbx_audit_revision_category.data_content_type 
_pdbx_audit_revision_category.category 
1 4 'Structure model' chem_comp_atom                
2 4 'Structure model' chem_comp_bond                
3 4 'Structure model' database_2                    
4 4 'Structure model' pdbx_database_status          
5 4 'Structure model' pdbx_initial_refinement_model 
# 
loop_
_pdbx_audit_revision_item.ordinal 
_pdbx_audit_revision_item.revision_ordinal 
_pdbx_audit_revision_item.data_content_type 
_pdbx_audit_revision_item.item 
1 4 'Structure model' '_database_2.pdbx_DOI'                 
2 4 'Structure model' '_database_2.pdbx_database_accession'  
3 4 'Structure model' '_pdbx_database_status.status_code_sf' 
# 
loop_
_software.name 
_software.classification 
_software.version 
_software.citation_id 
_software.pdbx_ordinal 
REFMAC refinement       5.5.0102 ? 1 
MOSFLM 'data reduction' .        ? 2 
SCALA  'data scaling'   .        ? 3 
PHASER phasing          .        ? 4 
# 
loop_
_pdbx_database_remark.id 
_pdbx_database_remark.text 
650 
;
HELIX
DETERMINATION METHOD: AUTHOR PROVIDED.
;
700 
;
SHEET
DETERMINATION METHOD: AUTHOR PROVIDED.
;
# 
loop_
_pdbx_validate_close_contact.id 
_pdbx_validate_close_contact.PDB_model_num 
_pdbx_validate_close_contact.auth_atom_id_1 
_pdbx_validate_close_contact.auth_asym_id_1 
_pdbx_validate_close_contact.auth_comp_id_1 
_pdbx_validate_close_contact.auth_seq_id_1 
_pdbx_validate_close_contact.PDB_ins_code_1 
_pdbx_validate_close_contact.label_alt_id_1 
_pdbx_validate_close_contact.auth_atom_id_2 
_pdbx_validate_close_contact.auth_asym_id_2 
_pdbx_validate_close_contact.auth_comp_id_2 
_pdbx_validate_close_contact.auth_seq_id_2 
_pdbx_validate_close_contact.PDB_ins_code_2 
_pdbx_validate_close_contact.label_alt_id_2 
_pdbx_validate_close_contact.dist 
1 1 NH2 A ARG 1277 ? A O A HOH 2139 ? ? 2.06 
2 1 O   A HOH 2128 ? ? O A HOH 2129 ? ? 2.12 
3 1 ND2 A ASN 1288 ? B O A HOH 2152 ? ? 2.17 
# 
_pdbx_validate_rmsd_bond.id                        1 
_pdbx_validate_rmsd_bond.PDB_model_num             1 
_pdbx_validate_rmsd_bond.auth_atom_id_1            CB 
_pdbx_validate_rmsd_bond.auth_asym_id_1            A 
_pdbx_validate_rmsd_bond.auth_comp_id_1            CYS 
_pdbx_validate_rmsd_bond.auth_seq_id_1             1298 
_pdbx_validate_rmsd_bond.PDB_ins_code_1            ? 
_pdbx_validate_rmsd_bond.label_alt_id_1            B 
_pdbx_validate_rmsd_bond.auth_atom_id_2            SG 
_pdbx_validate_rmsd_bond.auth_asym_id_2            A 
_pdbx_validate_rmsd_bond.auth_comp_id_2            CYS 
_pdbx_validate_rmsd_bond.auth_seq_id_2             1298 
_pdbx_validate_rmsd_bond.PDB_ins_code_2            ? 
_pdbx_validate_rmsd_bond.label_alt_id_2            B 
_pdbx_validate_rmsd_bond.bond_value                1.708 
_pdbx_validate_rmsd_bond.bond_target_value         1.812 
_pdbx_validate_rmsd_bond.bond_deviation            -0.104 
_pdbx_validate_rmsd_bond.bond_standard_deviation   0.016 
_pdbx_validate_rmsd_bond.linker_flag               N 
# 
_pdbx_validate_torsion.id              1 
_pdbx_validate_torsion.PDB_model_num   1 
_pdbx_validate_torsion.auth_comp_id    SER 
_pdbx_validate_torsion.auth_asym_id    A 
_pdbx_validate_torsion.auth_seq_id     1216 
_pdbx_validate_torsion.PDB_ins_code    ? 
_pdbx_validate_torsion.label_alt_id    ? 
_pdbx_validate_torsion.phi             177.64 
_pdbx_validate_torsion.psi             135.55 
# 
_pdbx_distant_solvent_atoms.id                                1 
_pdbx_distant_solvent_atoms.PDB_model_num                     1 
_pdbx_distant_solvent_atoms.auth_atom_id                      O 
_pdbx_distant_solvent_atoms.label_alt_id                      ? 
_pdbx_distant_solvent_atoms.auth_asym_id                      A 
_pdbx_distant_solvent_atoms.auth_comp_id                      HOH 
_pdbx_distant_solvent_atoms.auth_seq_id                       2038 
_pdbx_distant_solvent_atoms.PDB_ins_code                      ? 
_pdbx_distant_solvent_atoms.neighbor_macromolecule_distance   6.24 
_pdbx_distant_solvent_atoms.neighbor_ligand_distance          . 
# 
loop_
_pdbx_unobs_or_zero_occ_atoms.id 
_pdbx_unobs_or_zero_occ_atoms.PDB_model_num 
_pdbx_unobs_or_zero_occ_atoms.polymer_flag 
_pdbx_unobs_or_zero_occ_atoms.occupancy_flag 
_pdbx_unobs_or_zero_occ_atoms.auth_asym_id 
_pdbx_unobs_or_zero_occ_atoms.auth_comp_id 
_pdbx_unobs_or_zero_occ_atoms.auth_seq_id 
_pdbx_unobs_or_zero_occ_atoms.PDB_ins_code 
_pdbx_unobs_or_zero_occ_atoms.auth_atom_id 
_pdbx_unobs_or_zero_occ_atoms.label_alt_id 
_pdbx_unobs_or_zero_occ_atoms.label_asym_id 
_pdbx_unobs_or_zero_occ_atoms.label_comp_id 
_pdbx_unobs_or_zero_occ_atoms.label_seq_id 
_pdbx_unobs_or_zero_occ_atoms.label_atom_id 
1  1 Y 1 A ASN -6   ? CG  ? A ASN 17 CG  
2  1 Y 1 A ASN -6   ? OD1 ? A ASN 17 OD1 
3  1 Y 1 A ASN -6   ? ND2 ? A ASN 17 ND2 
4  1 Y 1 A LYS 1214 ? CD  ? A LYS 35 CD  
5  1 Y 1 A LYS 1214 ? CE  ? A LYS 35 CE  
6  1 Y 1 A LYS 1214 ? NZ  ? A LYS 35 NZ  
7  1 Y 1 A LEU 1266 ? CG  ? A LEU 87 CG  
8  1 Y 1 A LEU 1266 ? CD1 ? A LEU 87 CD1 
9  1 Y 1 A LEU 1266 ? CD2 ? A LEU 87 CD2 
10 1 Y 1 A THR 1269 ? OG1 ? A THR 90 OG1 
11 1 Y 1 A THR 1269 ? CG2 ? A THR 90 CG2 
# 
loop_
_pdbx_unobs_or_zero_occ_residues.id 
_pdbx_unobs_or_zero_occ_residues.PDB_model_num 
_pdbx_unobs_or_zero_occ_residues.polymer_flag 
_pdbx_unobs_or_zero_occ_residues.occupancy_flag 
_pdbx_unobs_or_zero_occ_residues.auth_asym_id 
_pdbx_unobs_or_zero_occ_residues.auth_comp_id 
_pdbx_unobs_or_zero_occ_residues.auth_seq_id 
_pdbx_unobs_or_zero_occ_residues.PDB_ins_code 
_pdbx_unobs_or_zero_occ_residues.label_asym_id 
_pdbx_unobs_or_zero_occ_residues.label_comp_id 
_pdbx_unobs_or_zero_occ_residues.label_seq_id 
1  1 Y 1 A MET -22 ? A MET 1  
2  1 Y 1 A HIS -21 ? A HIS 2  
3  1 Y 1 A HIS -20 ? A HIS 3  
4  1 Y 1 A HIS -19 ? A HIS 4  
5  1 Y 1 A HIS -18 ? A HIS 5  
6  1 Y 1 A HIS -17 ? A HIS 6  
7  1 Y 1 A HIS -16 ? A HIS 7  
8  1 Y 1 A SER -15 ? A SER 8  
9  1 Y 1 A SER -14 ? A SER 9  
10 1 Y 1 A GLY -13 ? A GLY 10 
11 1 Y 1 A VAL -12 ? A VAL 11 
12 1 Y 1 A ASP -11 ? A ASP 12 
13 1 Y 1 A LEU -10 ? A LEU 13 
14 1 Y 1 A GLY -9  ? A GLY 14 
15 1 Y 1 A THR -8  ? A THR 15 
16 1 Y 1 A GLU -7  ? A GLU 16 
# 
loop_
_chem_comp_atom.comp_id 
_chem_comp_atom.atom_id 
_chem_comp_atom.type_symbol 
_chem_comp_atom.pdbx_aromatic_flag 
_chem_comp_atom.pdbx_stereo_config 
_chem_comp_atom.pdbx_ordinal 
ALA N    N N N 1   
ALA CA   C N S 2   
ALA C    C N N 3   
ALA O    O N N 4   
ALA CB   C N N 5   
ALA OXT  O N N 6   
ALA H    H N N 7   
ALA H2   H N N 8   
ALA HA   H N N 9   
ALA HB1  H N N 10  
ALA HB2  H N N 11  
ALA HB3  H N N 12  
ALA HXT  H N N 13  
ARG N    N N N 14  
ARG CA   C N S 15  
ARG C    C N N 16  
ARG O    O N N 17  
ARG CB   C N N 18  
ARG CG   C N N 19  
ARG CD   C N N 20  
ARG NE   N N N 21  
ARG CZ   C N N 22  
ARG NH1  N N N 23  
ARG NH2  N N N 24  
ARG OXT  O N N 25  
ARG H    H N N 26  
ARG H2   H N N 27  
ARG HA   H N N 28  
ARG HB2  H N N 29  
ARG HB3  H N N 30  
ARG HG2  H N N 31  
ARG HG3  H N N 32  
ARG HD2  H N N 33  
ARG HD3  H N N 34  
ARG HE   H N N 35  
ARG HH11 H N N 36  
ARG HH12 H N N 37  
ARG HH21 H N N 38  
ARG HH22 H N N 39  
ARG HXT  H N N 40  
ASN N    N N N 41  
ASN CA   C N S 42  
ASN C    C N N 43  
ASN O    O N N 44  
ASN CB   C N N 45  
ASN CG   C N N 46  
ASN OD1  O N N 47  
ASN ND2  N N N 48  
ASN OXT  O N N 49  
ASN H    H N N 50  
ASN H2   H N N 51  
ASN HA   H N N 52  
ASN HB2  H N N 53  
ASN HB3  H N N 54  
ASN HD21 H N N 55  
ASN HD22 H N N 56  
ASN HXT  H N N 57  
ASP N    N N N 58  
ASP CA   C N S 59  
ASP C    C N N 60  
ASP O    O N N 61  
ASP CB   C N N 62  
ASP CG   C N N 63  
ASP OD1  O N N 64  
ASP OD2  O N N 65  
ASP OXT  O N N 66  
ASP H    H N N 67  
ASP H2   H N N 68  
ASP HA   H N N 69  
ASP HB2  H N N 70  
ASP HB3  H N N 71  
ASP HD2  H N N 72  
ASP HXT  H N N 73  
CYS N    N N N 74  
CYS CA   C N R 75  
CYS C    C N N 76  
CYS O    O N N 77  
CYS CB   C N N 78  
CYS SG   S N N 79  
CYS OXT  O N N 80  
CYS H    H N N 81  
CYS H2   H N N 82  
CYS HA   H N N 83  
CYS HB2  H N N 84  
CYS HB3  H N N 85  
CYS HG   H N N 86  
CYS HXT  H N N 87  
GLN N    N N N 88  
GLN CA   C N S 89  
GLN C    C N N 90  
GLN O    O N N 91  
GLN CB   C N N 92  
GLN CG   C N N 93  
GLN CD   C N N 94  
GLN OE1  O N N 95  
GLN NE2  N N N 96  
GLN OXT  O N N 97  
GLN H    H N N 98  
GLN H2   H N N 99  
GLN HA   H N N 100 
GLN HB2  H N N 101 
GLN HB3  H N N 102 
GLN HG2  H N N 103 
GLN HG3  H N N 104 
GLN HE21 H N N 105 
GLN HE22 H N N 106 
GLN HXT  H N N 107 
GLU N    N N N 108 
GLU CA   C N S 109 
GLU C    C N N 110 
GLU O    O N N 111 
GLU CB   C N N 112 
GLU CG   C N N 113 
GLU CD   C N N 114 
GLU OE1  O N N 115 
GLU OE2  O N N 116 
GLU OXT  O N N 117 
GLU H    H N N 118 
GLU H2   H N N 119 
GLU HA   H N N 120 
GLU HB2  H N N 121 
GLU HB3  H N N 122 
GLU HG2  H N N 123 
GLU HG3  H N N 124 
GLU HE2  H N N 125 
GLU HXT  H N N 126 
GLY N    N N N 127 
GLY CA   C N N 128 
GLY C    C N N 129 
GLY O    O N N 130 
GLY OXT  O N N 131 
GLY H    H N N 132 
GLY H2   H N N 133 
GLY HA2  H N N 134 
GLY HA3  H N N 135 
GLY HXT  H N N 136 
HIS N    N N N 137 
HIS CA   C N S 138 
HIS C    C N N 139 
HIS O    O N N 140 
HIS CB   C N N 141 
HIS CG   C Y N 142 
HIS ND1  N Y N 143 
HIS CD2  C Y N 144 
HIS CE1  C Y N 145 
HIS NE2  N Y N 146 
HIS OXT  O N N 147 
HIS H    H N N 148 
HIS H2   H N N 149 
HIS HA   H N N 150 
HIS HB2  H N N 151 
HIS HB3  H N N 152 
HIS HD1  H N N 153 
HIS HD2  H N N 154 
HIS HE1  H N N 155 
HIS HE2  H N N 156 
HIS HXT  H N N 157 
HOH O    O N N 158 
HOH H1   H N N 159 
HOH H2   H N N 160 
ILE N    N N N 161 
ILE CA   C N S 162 
ILE C    C N N 163 
ILE O    O N N 164 
ILE CB   C N S 165 
ILE CG1  C N N 166 
ILE CG2  C N N 167 
ILE CD1  C N N 168 
ILE OXT  O N N 169 
ILE H    H N N 170 
ILE H2   H N N 171 
ILE HA   H N N 172 
ILE HB   H N N 173 
ILE HG12 H N N 174 
ILE HG13 H N N 175 
ILE HG21 H N N 176 
ILE HG22 H N N 177 
ILE HG23 H N N 178 
ILE HD11 H N N 179 
ILE HD12 H N N 180 
ILE HD13 H N N 181 
ILE HXT  H N N 182 
LEU N    N N N 183 
LEU CA   C N S 184 
LEU C    C N N 185 
LEU O    O N N 186 
LEU CB   C N N 187 
LEU CG   C N N 188 
LEU CD1  C N N 189 
LEU CD2  C N N 190 
LEU OXT  O N N 191 
LEU H    H N N 192 
LEU H2   H N N 193 
LEU HA   H N N 194 
LEU HB2  H N N 195 
LEU HB3  H N N 196 
LEU HG   H N N 197 
LEU HD11 H N N 198 
LEU HD12 H N N 199 
LEU HD13 H N N 200 
LEU HD21 H N N 201 
LEU HD22 H N N 202 
LEU HD23 H N N 203 
LEU HXT  H N N 204 
LYS N    N N N 205 
LYS CA   C N S 206 
LYS C    C N N 207 
LYS O    O N N 208 
LYS CB   C N N 209 
LYS CG   C N N 210 
LYS CD   C N N 211 
LYS CE   C N N 212 
LYS NZ   N N N 213 
LYS OXT  O N N 214 
LYS H    H N N 215 
LYS H2   H N N 216 
LYS HA   H N N 217 
LYS HB2  H N N 218 
LYS HB3  H N N 219 
LYS HG2  H N N 220 
LYS HG3  H N N 221 
LYS HD2  H N N 222 
LYS HD3  H N N 223 
LYS HE2  H N N 224 
LYS HE3  H N N 225 
LYS HZ1  H N N 226 
LYS HZ2  H N N 227 
LYS HZ3  H N N 228 
LYS HXT  H N N 229 
MET N    N N N 230 
MET CA   C N S 231 
MET C    C N N 232 
MET O    O N N 233 
MET CB   C N N 234 
MET CG   C N N 235 
MET SD   S N N 236 
MET CE   C N N 237 
MET OXT  O N N 238 
MET H    H N N 239 
MET H2   H N N 240 
MET HA   H N N 241 
MET HB2  H N N 242 
MET HB3  H N N 243 
MET HG2  H N N 244 
MET HG3  H N N 245 
MET HE1  H N N 246 
MET HE2  H N N 247 
MET HE3  H N N 248 
MET HXT  H N N 249 
PHE N    N N N 250 
PHE CA   C N S 251 
PHE C    C N N 252 
PHE O    O N N 253 
PHE CB   C N N 254 
PHE CG   C Y N 255 
PHE CD1  C Y N 256 
PHE CD2  C Y N 257 
PHE CE1  C Y N 258 
PHE CE2  C Y N 259 
PHE CZ   C Y N 260 
PHE OXT  O N N 261 
PHE H    H N N 262 
PHE H2   H N N 263 
PHE HA   H N N 264 
PHE HB2  H N N 265 
PHE HB3  H N N 266 
PHE HD1  H N N 267 
PHE HD2  H N N 268 
PHE HE1  H N N 269 
PHE HE2  H N N 270 
PHE HZ   H N N 271 
PHE HXT  H N N 272 
PRO N    N N N 273 
PRO CA   C N S 274 
PRO C    C N N 275 
PRO O    O N N 276 
PRO CB   C N N 277 
PRO CG   C N N 278 
PRO CD   C N N 279 
PRO OXT  O N N 280 
PRO H    H N N 281 
PRO HA   H N N 282 
PRO HB2  H N N 283 
PRO HB3  H N N 284 
PRO HG2  H N N 285 
PRO HG3  H N N 286 
PRO HD2  H N N 287 
PRO HD3  H N N 288 
PRO HXT  H N N 289 
SER N    N N N 290 
SER CA   C N S 291 
SER C    C N N 292 
SER O    O N N 293 
SER CB   C N N 294 
SER OG   O N N 295 
SER OXT  O N N 296 
SER H    H N N 297 
SER H2   H N N 298 
SER HA   H N N 299 
SER HB2  H N N 300 
SER HB3  H N N 301 
SER HG   H N N 302 
SER HXT  H N N 303 
THR N    N N N 304 
THR CA   C N S 305 
THR C    C N N 306 
THR O    O N N 307 
THR CB   C N R 308 
THR OG1  O N N 309 
THR CG2  C N N 310 
THR OXT  O N N 311 
THR H    H N N 312 
THR H2   H N N 313 
THR HA   H N N 314 
THR HB   H N N 315 
THR HG1  H N N 316 
THR HG21 H N N 317 
THR HG22 H N N 318 
THR HG23 H N N 319 
THR HXT  H N N 320 
TRP N    N N N 321 
TRP CA   C N S 322 
TRP C    C N N 323 
TRP O    O N N 324 
TRP CB   C N N 325 
TRP CG   C Y N 326 
TRP CD1  C Y N 327 
TRP CD2  C Y N 328 
TRP NE1  N Y N 329 
TRP CE2  C Y N 330 
TRP CE3  C Y N 331 
TRP CZ2  C Y N 332 
TRP CZ3  C Y N 333 
TRP CH2  C Y N 334 
TRP OXT  O N N 335 
TRP H    H N N 336 
TRP H2   H N N 337 
TRP HA   H N N 338 
TRP HB2  H N N 339 
TRP HB3  H N N 340 
TRP HD1  H N N 341 
TRP HE1  H N N 342 
TRP HE3  H N N 343 
TRP HZ2  H N N 344 
TRP HZ3  H N N 345 
TRP HH2  H N N 346 
TRP HXT  H N N 347 
TYR N    N N N 348 
TYR CA   C N S 349 
TYR C    C N N 350 
TYR O    O N N 351 
TYR CB   C N N 352 
TYR CG   C Y N 353 
TYR CD1  C Y N 354 
TYR CD2  C Y N 355 
TYR CE1  C Y N 356 
TYR CE2  C Y N 357 
TYR CZ   C Y N 358 
TYR OH   O N N 359 
TYR OXT  O N N 360 
TYR H    H N N 361 
TYR H2   H N N 362 
TYR HA   H N N 363 
TYR HB2  H N N 364 
TYR HB3  H N N 365 
TYR HD1  H N N 366 
TYR HD2  H N N 367 
TYR HE1  H N N 368 
TYR HE2  H N N 369 
TYR HH   H N N 370 
TYR HXT  H N N 371 
VAL N    N N N 372 
VAL CA   C N S 373 
VAL C    C N N 374 
VAL O    O N N 375 
VAL CB   C N N 376 
VAL CG1  C N N 377 
VAL CG2  C N N 378 
VAL OXT  O N N 379 
VAL H    H N N 380 
VAL H2   H N N 381 
VAL HA   H N N 382 
VAL HB   H N N 383 
VAL HG11 H N N 384 
VAL HG12 H N N 385 
VAL HG13 H N N 386 
VAL HG21 H N N 387 
VAL HG22 H N N 388 
VAL HG23 H N N 389 
VAL HXT  H N N 390 
# 
loop_
_chem_comp_bond.comp_id 
_chem_comp_bond.atom_id_1 
_chem_comp_bond.atom_id_2 
_chem_comp_bond.value_order 
_chem_comp_bond.pdbx_aromatic_flag 
_chem_comp_bond.pdbx_stereo_config 
_chem_comp_bond.pdbx_ordinal 
ALA N   CA   sing N N 1   
ALA N   H    sing N N 2   
ALA N   H2   sing N N 3   
ALA CA  C    sing N N 4   
ALA CA  CB   sing N N 5   
ALA CA  HA   sing N N 6   
ALA C   O    doub N N 7   
ALA C   OXT  sing N N 8   
ALA CB  HB1  sing N N 9   
ALA CB  HB2  sing N N 10  
ALA CB  HB3  sing N N 11  
ALA OXT HXT  sing N N 12  
ARG N   CA   sing N N 13  
ARG N   H    sing N N 14  
ARG N   H2   sing N N 15  
ARG CA  C    sing N N 16  
ARG CA  CB   sing N N 17  
ARG CA  HA   sing N N 18  
ARG C   O    doub N N 19  
ARG C   OXT  sing N N 20  
ARG CB  CG   sing N N 21  
ARG CB  HB2  sing N N 22  
ARG CB  HB3  sing N N 23  
ARG CG  CD   sing N N 24  
ARG CG  HG2  sing N N 25  
ARG CG  HG3  sing N N 26  
ARG CD  NE   sing N N 27  
ARG CD  HD2  sing N N 28  
ARG CD  HD3  sing N N 29  
ARG NE  CZ   sing N N 30  
ARG NE  HE   sing N N 31  
ARG CZ  NH1  sing N N 32  
ARG CZ  NH2  doub N N 33  
ARG NH1 HH11 sing N N 34  
ARG NH1 HH12 sing N N 35  
ARG NH2 HH21 sing N N 36  
ARG NH2 HH22 sing N N 37  
ARG OXT HXT  sing N N 38  
ASN N   CA   sing N N 39  
ASN N   H    sing N N 40  
ASN N   H2   sing N N 41  
ASN CA  C    sing N N 42  
ASN CA  CB   sing N N 43  
ASN CA  HA   sing N N 44  
ASN C   O    doub N N 45  
ASN C   OXT  sing N N 46  
ASN CB  CG   sing N N 47  
ASN CB  HB2  sing N N 48  
ASN CB  HB3  sing N N 49  
ASN CG  OD1  doub N N 50  
ASN CG  ND2  sing N N 51  
ASN ND2 HD21 sing N N 52  
ASN ND2 HD22 sing N N 53  
ASN OXT HXT  sing N N 54  
ASP N   CA   sing N N 55  
ASP N   H    sing N N 56  
ASP N   H2   sing N N 57  
ASP CA  C    sing N N 58  
ASP CA  CB   sing N N 59  
ASP CA  HA   sing N N 60  
ASP C   O    doub N N 61  
ASP C   OXT  sing N N 62  
ASP CB  CG   sing N N 63  
ASP CB  HB2  sing N N 64  
ASP CB  HB3  sing N N 65  
ASP CG  OD1  doub N N 66  
ASP CG  OD2  sing N N 67  
ASP OD2 HD2  sing N N 68  
ASP OXT HXT  sing N N 69  
CYS N   CA   sing N N 70  
CYS N   H    sing N N 71  
CYS N   H2   sing N N 72  
CYS CA  C    sing N N 73  
CYS CA  CB   sing N N 74  
CYS CA  HA   sing N N 75  
CYS C   O    doub N N 76  
CYS C   OXT  sing N N 77  
CYS CB  SG   sing N N 78  
CYS CB  HB2  sing N N 79  
CYS CB  HB3  sing N N 80  
CYS SG  HG   sing N N 81  
CYS OXT HXT  sing N N 82  
GLN N   CA   sing N N 83  
GLN N   H    sing N N 84  
GLN N   H2   sing N N 85  
GLN CA  C    sing N N 86  
GLN CA  CB   sing N N 87  
GLN CA  HA   sing N N 88  
GLN C   O    doub N N 89  
GLN C   OXT  sing N N 90  
GLN CB  CG   sing N N 91  
GLN CB  HB2  sing N N 92  
GLN CB  HB3  sing N N 93  
GLN CG  CD   sing N N 94  
GLN CG  HG2  sing N N 95  
GLN CG  HG3  sing N N 96  
GLN CD  OE1  doub N N 97  
GLN CD  NE2  sing N N 98  
GLN NE2 HE21 sing N N 99  
GLN NE2 HE22 sing N N 100 
GLN OXT HXT  sing N N 101 
GLU N   CA   sing N N 102 
GLU N   H    sing N N 103 
GLU N   H2   sing N N 104 
GLU CA  C    sing N N 105 
GLU CA  CB   sing N N 106 
GLU CA  HA   sing N N 107 
GLU C   O    doub N N 108 
GLU C   OXT  sing N N 109 
GLU CB  CG   sing N N 110 
GLU CB  HB2  sing N N 111 
GLU CB  HB3  sing N N 112 
GLU CG  CD   sing N N 113 
GLU CG  HG2  sing N N 114 
GLU CG  HG3  sing N N 115 
GLU CD  OE1  doub N N 116 
GLU CD  OE2  sing N N 117 
GLU OE2 HE2  sing N N 118 
GLU OXT HXT  sing N N 119 
GLY N   CA   sing N N 120 
GLY N   H    sing N N 121 
GLY N   H2   sing N N 122 
GLY CA  C    sing N N 123 
GLY CA  HA2  sing N N 124 
GLY CA  HA3  sing N N 125 
GLY C   O    doub N N 126 
GLY C   OXT  sing N N 127 
GLY OXT HXT  sing N N 128 
HIS N   CA   sing N N 129 
HIS N   H    sing N N 130 
HIS N   H2   sing N N 131 
HIS CA  C    sing N N 132 
HIS CA  CB   sing N N 133 
HIS CA  HA   sing N N 134 
HIS C   O    doub N N 135 
HIS C   OXT  sing N N 136 
HIS CB  CG   sing N N 137 
HIS CB  HB2  sing N N 138 
HIS CB  HB3  sing N N 139 
HIS CG  ND1  sing Y N 140 
HIS CG  CD2  doub Y N 141 
HIS ND1 CE1  doub Y N 142 
HIS ND1 HD1  sing N N 143 
HIS CD2 NE2  sing Y N 144 
HIS CD2 HD2  sing N N 145 
HIS CE1 NE2  sing Y N 146 
HIS CE1 HE1  sing N N 147 
HIS NE2 HE2  sing N N 148 
HIS OXT HXT  sing N N 149 
HOH O   H1   sing N N 150 
HOH O   H2   sing N N 151 
ILE N   CA   sing N N 152 
ILE N   H    sing N N 153 
ILE N   H2   sing N N 154 
ILE CA  C    sing N N 155 
ILE CA  CB   sing N N 156 
ILE CA  HA   sing N N 157 
ILE C   O    doub N N 158 
ILE C   OXT  sing N N 159 
ILE CB  CG1  sing N N 160 
ILE CB  CG2  sing N N 161 
ILE CB  HB   sing N N 162 
ILE CG1 CD1  sing N N 163 
ILE CG1 HG12 sing N N 164 
ILE CG1 HG13 sing N N 165 
ILE CG2 HG21 sing N N 166 
ILE CG2 HG22 sing N N 167 
ILE CG2 HG23 sing N N 168 
ILE CD1 HD11 sing N N 169 
ILE CD1 HD12 sing N N 170 
ILE CD1 HD13 sing N N 171 
ILE OXT HXT  sing N N 172 
LEU N   CA   sing N N 173 
LEU N   H    sing N N 174 
LEU N   H2   sing N N 175 
LEU CA  C    sing N N 176 
LEU CA  CB   sing N N 177 
LEU CA  HA   sing N N 178 
LEU C   O    doub N N 179 
LEU C   OXT  sing N N 180 
LEU CB  CG   sing N N 181 
LEU CB  HB2  sing N N 182 
LEU CB  HB3  sing N N 183 
LEU CG  CD1  sing N N 184 
LEU CG  CD2  sing N N 185 
LEU CG  HG   sing N N 186 
LEU CD1 HD11 sing N N 187 
LEU CD1 HD12 sing N N 188 
LEU CD1 HD13 sing N N 189 
LEU CD2 HD21 sing N N 190 
LEU CD2 HD22 sing N N 191 
LEU CD2 HD23 sing N N 192 
LEU OXT HXT  sing N N 193 
LYS N   CA   sing N N 194 
LYS N   H    sing N N 195 
LYS N   H2   sing N N 196 
LYS CA  C    sing N N 197 
LYS CA  CB   sing N N 198 
LYS CA  HA   sing N N 199 
LYS C   O    doub N N 200 
LYS C   OXT  sing N N 201 
LYS CB  CG   sing N N 202 
LYS CB  HB2  sing N N 203 
LYS CB  HB3  sing N N 204 
LYS CG  CD   sing N N 205 
LYS CG  HG2  sing N N 206 
LYS CG  HG3  sing N N 207 
LYS CD  CE   sing N N 208 
LYS CD  HD2  sing N N 209 
LYS CD  HD3  sing N N 210 
LYS CE  NZ   sing N N 211 
LYS CE  HE2  sing N N 212 
LYS CE  HE3  sing N N 213 
LYS NZ  HZ1  sing N N 214 
LYS NZ  HZ2  sing N N 215 
LYS NZ  HZ3  sing N N 216 
LYS OXT HXT  sing N N 217 
MET N   CA   sing N N 218 
MET N   H    sing N N 219 
MET N   H2   sing N N 220 
MET CA  C    sing N N 221 
MET CA  CB   sing N N 222 
MET CA  HA   sing N N 223 
MET C   O    doub N N 224 
MET C   OXT  sing N N 225 
MET CB  CG   sing N N 226 
MET CB  HB2  sing N N 227 
MET CB  HB3  sing N N 228 
MET CG  SD   sing N N 229 
MET CG  HG2  sing N N 230 
MET CG  HG3  sing N N 231 
MET SD  CE   sing N N 232 
MET CE  HE1  sing N N 233 
MET CE  HE2  sing N N 234 
MET CE  HE3  sing N N 235 
MET OXT HXT  sing N N 236 
PHE N   CA   sing N N 237 
PHE N   H    sing N N 238 
PHE N   H2   sing N N 239 
PHE CA  C    sing N N 240 
PHE CA  CB   sing N N 241 
PHE CA  HA   sing N N 242 
PHE C   O    doub N N 243 
PHE C   OXT  sing N N 244 
PHE CB  CG   sing N N 245 
PHE CB  HB2  sing N N 246 
PHE CB  HB3  sing N N 247 
PHE CG  CD1  doub Y N 248 
PHE CG  CD2  sing Y N 249 
PHE CD1 CE1  sing Y N 250 
PHE CD1 HD1  sing N N 251 
PHE CD2 CE2  doub Y N 252 
PHE CD2 HD2  sing N N 253 
PHE CE1 CZ   doub Y N 254 
PHE CE1 HE1  sing N N 255 
PHE CE2 CZ   sing Y N 256 
PHE CE2 HE2  sing N N 257 
PHE CZ  HZ   sing N N 258 
PHE OXT HXT  sing N N 259 
PRO N   CA   sing N N 260 
PRO N   CD   sing N N 261 
PRO N   H    sing N N 262 
PRO CA  C    sing N N 263 
PRO CA  CB   sing N N 264 
PRO CA  HA   sing N N 265 
PRO C   O    doub N N 266 
PRO C   OXT  sing N N 267 
PRO CB  CG   sing N N 268 
PRO CB  HB2  sing N N 269 
PRO CB  HB3  sing N N 270 
PRO CG  CD   sing N N 271 
PRO CG  HG2  sing N N 272 
PRO CG  HG3  sing N N 273 
PRO CD  HD2  sing N N 274 
PRO CD  HD3  sing N N 275 
PRO OXT HXT  sing N N 276 
SER N   CA   sing N N 277 
SER N   H    sing N N 278 
SER N   H2   sing N N 279 
SER CA  C    sing N N 280 
SER CA  CB   sing N N 281 
SER CA  HA   sing N N 282 
SER C   O    doub N N 283 
SER C   OXT  sing N N 284 
SER CB  OG   sing N N 285 
SER CB  HB2  sing N N 286 
SER CB  HB3  sing N N 287 
SER OG  HG   sing N N 288 
SER OXT HXT  sing N N 289 
THR N   CA   sing N N 290 
THR N   H    sing N N 291 
THR N   H2   sing N N 292 
THR CA  C    sing N N 293 
THR CA  CB   sing N N 294 
THR CA  HA   sing N N 295 
THR C   O    doub N N 296 
THR C   OXT  sing N N 297 
THR CB  OG1  sing N N 298 
THR CB  CG2  sing N N 299 
THR CB  HB   sing N N 300 
THR OG1 HG1  sing N N 301 
THR CG2 HG21 sing N N 302 
THR CG2 HG22 sing N N 303 
THR CG2 HG23 sing N N 304 
THR OXT HXT  sing N N 305 
TRP N   CA   sing N N 306 
TRP N   H    sing N N 307 
TRP N   H2   sing N N 308 
TRP CA  C    sing N N 309 
TRP CA  CB   sing N N 310 
TRP CA  HA   sing N N 311 
TRP C   O    doub N N 312 
TRP C   OXT  sing N N 313 
TRP CB  CG   sing N N 314 
TRP CB  HB2  sing N N 315 
TRP CB  HB3  sing N N 316 
TRP CG  CD1  doub Y N 317 
TRP CG  CD2  sing Y N 318 
TRP CD1 NE1  sing Y N 319 
TRP CD1 HD1  sing N N 320 
TRP CD2 CE2  doub Y N 321 
TRP CD2 CE3  sing Y N 322 
TRP NE1 CE2  sing Y N 323 
TRP NE1 HE1  sing N N 324 
TRP CE2 CZ2  sing Y N 325 
TRP CE3 CZ3  doub Y N 326 
TRP CE3 HE3  sing N N 327 
TRP CZ2 CH2  doub Y N 328 
TRP CZ2 HZ2  sing N N 329 
TRP CZ3 CH2  sing Y N 330 
TRP CZ3 HZ3  sing N N 331 
TRP CH2 HH2  sing N N 332 
TRP OXT HXT  sing N N 333 
TYR N   CA   sing N N 334 
TYR N   H    sing N N 335 
TYR N   H2   sing N N 336 
TYR CA  C    sing N N 337 
TYR CA  CB   sing N N 338 
TYR CA  HA   sing N N 339 
TYR C   O    doub N N 340 
TYR C   OXT  sing N N 341 
TYR CB  CG   sing N N 342 
TYR CB  HB2  sing N N 343 
TYR CB  HB3  sing N N 344 
TYR CG  CD1  doub Y N 345 
TYR CG  CD2  sing Y N 346 
TYR CD1 CE1  sing Y N 347 
TYR CD1 HD1  sing N N 348 
TYR CD2 CE2  doub Y N 349 
TYR CD2 HD2  sing N N 350 
TYR CE1 CZ   doub Y N 351 
TYR CE1 HE1  sing N N 352 
TYR CE2 CZ   sing Y N 353 
TYR CE2 HE2  sing N N 354 
TYR CZ  OH   sing N N 355 
TYR OH  HH   sing N N 356 
TYR OXT HXT  sing N N 357 
VAL N   CA   sing N N 358 
VAL N   H    sing N N 359 
VAL N   H2   sing N N 360 
VAL CA  C    sing N N 361 
VAL CA  CB   sing N N 362 
VAL CA  HA   sing N N 363 
VAL C   O    doub N N 364 
VAL C   OXT  sing N N 365 
VAL CB  CG1  sing N N 366 
VAL CB  CG2  sing N N 367 
VAL CB  HB   sing N N 368 
VAL CG1 HG11 sing N N 369 
VAL CG1 HG12 sing N N 370 
VAL CG1 HG13 sing N N 371 
VAL CG2 HG21 sing N N 372 
VAL CG2 HG22 sing N N 373 
VAL CG2 HG23 sing N N 374 
VAL OXT HXT  sing N N 375 
# 
_pdbx_entity_nonpoly.entity_id   2 
_pdbx_entity_nonpoly.name        water 
_pdbx_entity_nonpoly.comp_id     HOH 
# 
loop_
_pdbx_initial_refinement_model.id 
_pdbx_initial_refinement_model.entity_id_list 
_pdbx_initial_refinement_model.type 
_pdbx_initial_refinement_model.source_name 
_pdbx_initial_refinement_model.accession_code 
_pdbx_initial_refinement_model.details 
1 ? 'experimental model' PDB 2AR5 'PDB ENTRIES 2AR5, 2IWL,1O7K, 2V6V' 
2 ? 'experimental model' PDB 2IWL 'PDB ENTRIES 2AR5, 2IWL,1O7K, 2V6V' 
3 ? 'experimental model' PDB 1O7K 'PDB ENTRIES 2AR5, 2IWL,1O7K, 2V6V' 
4 ? 'experimental model' PDB 2V6V 'PDB ENTRIES 2AR5, 2IWL,1O7K, 2V6V' 
# 
